data_3I26
#
_entry.id   3I26
#
_cell.length_a   67.790
_cell.length_b   113.430
_cell.length_c   273.540
_cell.angle_alpha   90.00
_cell.angle_beta   90.00
_cell.angle_gamma   90.00
#
_symmetry.space_group_name_H-M   'P 21 21 21'
#
loop_
_entity.id
_entity.type
_entity.pdbx_description
1 polymer Hemagglutinin-esterase
2 branched alpha-D-mannopyranose-(1-3)-beta-D-mannopyranose-(1-4)-2-acetamido-2-deoxy-beta-D-glucopyranose-(1-4)-2-acetamido-2-deoxy-beta-D-glucopyranose
3 branched 2-acetamido-2-deoxy-beta-D-glucopyranose-(1-4)-2-acetamido-2-deoxy-beta-D-glucopyranose
4 branched alpha-D-mannopyranose-(1-6)-beta-D-mannopyranose-(1-4)-2-acetamido-2-deoxy-beta-D-glucopyranose-(1-4)-2-acetamido-2-deoxy-beta-D-glucopyranose
5 branched alpha-D-mannopyranose-(1-3)-[alpha-D-mannopyranose-(1-6)]beta-D-mannopyranose-(1-4)-2-acetamido-2-deoxy-beta-D-glucopyranose-(1-4)-2-acetamido-2-deoxy-beta-D-glucopyranose
6 branched beta-D-mannopyranose-(1-4)-2-acetamido-2-deoxy-beta-D-glucopyranose-(1-4)-2-acetamido-2-deoxy-beta-D-glucopyranose
7 branched alpha-D-mannopyranose-(1-3)-[alpha-D-mannopyranose-(1-6)]alpha-D-mannopyranose-(1-6)-[alpha-D-mannopyranose-(1-3)]beta-D-mannopyranose-(1-4)-2-acetamido-2-deoxy-beta-D-glucopyranose-(1-4)-2-acetamido-2-deoxy-beta-D-glucopyranose
8 non-polymer 2-acetamido-2-deoxy-beta-D-glucopyranose
9 water water
#
_entity_poly.entity_id   1
_entity_poly.type   'polypeptide(L)'
_entity_poly.pdbx_seq_one_letter_code
;ATPVTPYYGPGHITFDWCGFGDSRSDCTNPQSPMSLDIPQQLCPKFSSKSSSSMFLSLHWNNHSSFVSYDYFNCGVEKVF
YEGVNFSPRKQYSCWDEGVDGWIELKTRFYTKLYQMATTSRCIKLIQLQAPSSLPTLQAGVCRTNKQLPDNPRLALLSDT
VPTSVQFVLPGSSGTTICTKHLVPFCYLNHGCFTTGGSCLPFGVSYVSDSFYYGYYDATPQIGSTESHDYVCDYLFMEPG
TYNASTVGKFLVYPTKSYCMDTMNITVPVQAVQSIWSEQYASDDAIGQACKAPYCIFYNKTTPYTVTNGSDANHGDDEVR
MMMQGLLRNSSCISPQGSTPLALYSTEMIYEPNYGSCPQFYKLFDTSGNENIDVISSSDPLVPR
;
_entity_poly.pdbx_strand_id   A,B,C,D
#
# COMPACT_ATOMS: atom_id res chain seq x y z
N THR A 2 -35.54 20.96 -37.38
CA THR A 2 -36.65 21.83 -36.88
C THR A 2 -36.15 22.53 -35.57
N PRO A 3 -36.73 23.67 -35.19
CA PRO A 3 -36.19 24.46 -34.07
C PRO A 3 -36.26 23.75 -32.72
N VAL A 4 -35.36 24.08 -31.82
CA VAL A 4 -35.28 23.40 -30.53
C VAL A 4 -35.15 24.45 -29.45
N THR A 5 -35.48 24.04 -28.22
CA THR A 5 -35.45 24.88 -27.04
C THR A 5 -34.67 24.13 -25.96
N PRO A 6 -33.66 24.78 -25.34
CA PRO A 6 -32.90 24.05 -24.34
C PRO A 6 -33.76 23.58 -23.20
N TYR A 7 -33.53 22.33 -22.78
CA TYR A 7 -34.23 21.72 -21.68
C TYR A 7 -33.36 21.96 -20.43
N TYR A 8 -33.91 22.67 -19.45
CA TYR A 8 -33.12 23.12 -18.29
C TYR A 8 -32.78 21.97 -17.33
N GLY A 9 -31.48 21.66 -17.26
CA GLY A 9 -31.00 20.53 -16.48
C GLY A 9 -29.81 19.97 -17.19
N PRO A 10 -29.10 19.04 -16.54
CA PRO A 10 -27.95 18.44 -17.16
C PRO A 10 -28.36 17.49 -18.29
N GLY A 11 -27.38 17.04 -19.05
CA GLY A 11 -27.64 16.06 -20.08
C GLY A 11 -26.35 15.38 -20.52
N HIS A 12 -26.48 14.44 -21.46
CA HIS A 12 -25.32 13.79 -22.02
C HIS A 12 -25.53 13.57 -23.51
N ILE A 13 -24.45 13.73 -24.28
CA ILE A 13 -24.45 13.56 -25.74
C ILE A 13 -24.08 12.14 -26.16
N THR A 14 -23.18 11.49 -25.40
CA THR A 14 -22.73 10.14 -25.71
C THR A 14 -23.00 9.16 -24.57
N PHE A 15 -22.72 7.89 -24.83
CA PHE A 15 -22.84 6.81 -23.85
C PHE A 15 -21.84 6.94 -22.70
N ASP A 16 -20.78 7.70 -22.93
CA ASP A 16 -19.60 7.74 -22.06
C ASP A 16 -19.74 8.88 -21.07
N TRP A 17 -20.64 8.71 -20.11
CA TRP A 17 -20.90 9.73 -19.09
C TRP A 17 -21.06 9.09 -17.72
N CYS A 18 -20.91 9.90 -16.69
CA CYS A 18 -21.07 9.37 -15.34
C CYS A 18 -21.49 10.44 -14.39
N GLY A 19 -21.94 10.02 -13.23
CA GLY A 19 -22.38 10.94 -12.19
C GLY A 19 -21.68 10.66 -10.88
N PHE A 20 -21.62 11.71 -10.05
CA PHE A 20 -21.12 11.63 -8.68
C PHE A 20 -22.17 12.23 -7.77
N GLY A 21 -22.49 11.54 -6.69
CA GLY A 21 -23.57 12.01 -5.84
C GLY A 21 -23.58 11.55 -4.41
N ASP A 22 -24.77 11.70 -3.81
CA ASP A 22 -25.00 11.48 -2.39
C ASP A 22 -26.33 10.71 -2.23
N SER A 23 -27.03 10.84 -1.09
CA SER A 23 -28.29 10.11 -0.85
C SER A 23 -29.30 10.26 -1.98
N ARG A 24 -29.32 11.42 -2.60
CA ARG A 24 -30.32 11.74 -3.59
C ARG A 24 -30.09 11.05 -4.96
N SER A 25 -28.97 10.32 -5.09
CA SER A 25 -28.76 9.45 -6.27
C SER A 25 -28.20 8.07 -5.88
N ASP A 26 -28.53 7.63 -4.66
CA ASP A 26 -28.06 6.38 -4.11
C ASP A 26 -29.22 5.40 -4.02
N CYS A 27 -29.28 4.44 -4.95
CA CYS A 27 -30.34 3.44 -4.94
C CYS A 27 -30.24 2.39 -3.82
N THR A 28 -29.14 2.38 -3.09
CA THR A 28 -28.98 1.47 -1.96
C THR A 28 -29.68 2.01 -0.70
N ASN A 29 -30.01 3.30 -0.70
CA ASN A 29 -30.74 3.93 0.40
C ASN A 29 -32.02 3.15 0.70
N PRO A 30 -32.24 2.74 1.98
CA PRO A 30 -33.46 2.02 2.31
C PRO A 30 -34.76 2.66 1.78
N GLN A 31 -34.81 3.98 1.65
CA GLN A 31 -36.03 4.66 1.14
C GLN A 31 -36.11 4.86 -0.38
N SER A 32 -35.16 4.30 -1.14
CA SER A 32 -35.16 4.47 -2.62
C SER A 32 -36.36 3.70 -3.18
N PRO A 33 -37.04 4.25 -4.21
CA PRO A 33 -36.79 5.47 -4.97
C PRO A 33 -37.47 6.77 -4.47
N MET A 34 -38.17 6.73 -3.35
CA MET A 34 -38.83 7.93 -2.84
C MET A 34 -37.80 8.99 -2.42
N SER A 35 -36.59 8.52 -2.11
CA SER A 35 -35.48 9.37 -1.66
C SER A 35 -34.62 9.92 -2.80
N LEU A 36 -34.92 9.54 -4.05
CA LEU A 36 -34.10 9.93 -5.21
C LEU A 36 -34.50 11.29 -5.80
N ASP A 37 -33.52 12.03 -6.34
CA ASP A 37 -33.80 13.20 -7.18
C ASP A 37 -33.52 12.88 -8.65
N ILE A 38 -32.92 11.72 -8.94
CA ILE A 38 -32.67 11.25 -10.32
C ILE A 38 -33.60 10.11 -10.71
N PRO A 39 -33.73 9.85 -12.02
CA PRO A 39 -34.45 8.67 -12.43
C PRO A 39 -33.79 7.43 -11.87
N GLN A 40 -34.58 6.56 -11.26
CA GLN A 40 -34.07 5.35 -10.62
C GLN A 40 -33.21 4.53 -11.58
N GLN A 41 -33.56 4.53 -12.87
CA GLN A 41 -32.83 3.75 -13.86
C GLN A 41 -31.45 4.33 -14.16
N LEU A 42 -31.17 5.53 -13.67
CA LEU A 42 -29.86 6.13 -13.85
C LEU A 42 -28.91 5.90 -12.66
N CYS A 43 -29.38 5.25 -11.60
CA CYS A 43 -28.51 4.90 -10.49
C CYS A 43 -27.19 4.24 -10.88
N PRO A 44 -27.22 3.28 -11.83
CA PRO A 44 -25.94 2.64 -12.16
C PRO A 44 -24.94 3.58 -12.83
N LYS A 45 -25.36 4.78 -13.28
CA LYS A 45 -24.45 5.74 -13.91
C LYS A 45 -23.73 6.60 -12.88
N PHE A 46 -24.18 6.52 -11.62
CA PHE A 46 -23.71 7.36 -10.52
C PHE A 46 -22.83 6.59 -9.51
N SER A 47 -21.85 7.31 -8.96
CA SER A 47 -21.04 6.89 -7.84
C SER A 47 -21.48 7.81 -6.73
N SER A 48 -22.27 7.26 -5.80
CA SER A 48 -23.02 8.03 -4.81
C SER A 48 -23.12 7.23 -3.52
N LYS A 49 -23.04 7.94 -2.39
CA LYS A 49 -23.33 7.34 -1.10
C LYS A 49 -24.10 8.31 -0.22
N SER A 50 -25.19 7.80 0.37
CA SER A 50 -25.98 8.54 1.35
C SER A 50 -25.10 9.12 2.46
N SER A 51 -25.31 10.41 2.75
CA SER A 51 -24.63 11.15 3.82
C SER A 51 -23.18 11.59 3.48
N SER A 52 -22.67 11.21 2.31
CA SER A 52 -21.31 11.62 1.95
C SER A 52 -21.25 12.83 1.01
N SER A 53 -20.02 13.32 0.81
CA SER A 53 -19.68 14.20 -0.30
C SER A 53 -18.23 13.97 -0.73
N MET A 54 -17.88 14.49 -1.90
CA MET A 54 -16.52 14.31 -2.40
C MET A 54 -15.52 15.11 -1.59
N PHE A 55 -15.93 16.28 -1.12
CA PHE A 55 -15.13 17.09 -0.21
C PHE A 55 -14.89 16.38 1.14
N LEU A 56 -15.98 15.98 1.80
CA LEU A 56 -15.88 15.29 3.09
C LEU A 56 -15.00 14.04 2.99
N SER A 57 -15.22 13.26 1.94
CA SER A 57 -14.48 12.02 1.75
C SER A 57 -13.00 12.23 1.46
N LEU A 58 -12.61 13.38 0.91
CA LEU A 58 -11.19 13.64 0.73
C LEU A 58 -10.49 13.85 2.07
N HIS A 59 -11.13 14.58 2.99
CA HIS A 59 -10.47 14.97 4.24
C HIS A 59 -10.68 13.98 5.37
N TRP A 60 -11.77 13.20 5.32
CA TRP A 60 -12.08 12.30 6.41
C TRP A 60 -12.36 10.90 5.95
N ASN A 61 -11.92 9.96 6.77
CA ASN A 61 -12.43 8.60 6.74
C ASN A 61 -13.67 8.49 7.65
N ASN A 62 -14.11 7.27 7.94
CA ASN A 62 -15.33 7.09 8.74
C ASN A 62 -15.21 7.48 10.22
N HIS A 63 -16.17 8.27 10.71
CA HIS A 63 -16.33 8.56 12.15
C HIS A 63 -17.80 8.72 12.44
N SER A 64 -18.18 8.89 13.70
CA SER A 64 -19.61 8.99 14.04
C SER A 64 -20.34 10.06 13.21
N SER A 65 -19.71 11.21 12.98
CA SER A 65 -20.36 12.26 12.17
C SER A 65 -19.91 12.33 10.70
N PHE A 66 -19.08 11.39 10.24
CA PHE A 66 -18.51 11.47 8.89
C PHE A 66 -18.68 10.15 8.14
N VAL A 67 -19.49 10.17 7.09
CA VAL A 67 -19.69 9.00 6.22
C VAL A 67 -18.78 9.17 5.00
N SER A 68 -17.67 8.44 5.00
CA SER A 68 -16.67 8.54 3.95
C SER A 68 -16.95 7.46 2.92
N TYR A 69 -16.87 7.84 1.66
CA TYR A 69 -17.15 6.95 0.54
C TYR A 69 -15.97 6.92 -0.45
N ASP A 70 -15.67 5.74 -0.98
CA ASP A 70 -14.63 5.58 -2.00
C ASP A 70 -15.14 5.98 -3.38
N TYR A 71 -15.37 7.28 -3.59
CA TYR A 71 -15.93 7.76 -4.87
C TYR A 71 -15.07 7.28 -6.04
N PHE A 72 -15.73 6.81 -7.11
CA PHE A 72 -15.03 6.33 -8.30
C PHE A 72 -15.97 6.25 -9.48
N ASN A 73 -15.60 6.90 -10.57
CA ASN A 73 -16.35 6.77 -11.80
C ASN A 73 -15.57 7.30 -12.97
N CYS A 74 -15.92 6.83 -14.17
CA CYS A 74 -15.30 7.26 -15.41
C CYS A 74 -16.31 7.76 -16.43
N GLY A 75 -15.98 8.86 -17.10
CA GLY A 75 -16.82 9.36 -18.16
C GLY A 75 -16.24 10.60 -18.78
N VAL A 76 -16.33 10.68 -20.11
CA VAL A 76 -15.94 11.89 -20.81
C VAL A 76 -16.79 13.09 -20.32
N GLU A 77 -18.09 12.84 -20.21
CA GLU A 77 -19.07 13.81 -19.70
C GLU A 77 -19.41 13.47 -18.26
N LYS A 78 -19.58 14.49 -17.42
CA LYS A 78 -19.66 14.29 -15.98
C LYS A 78 -20.71 15.18 -15.34
N VAL A 79 -21.55 14.59 -14.51
CA VAL A 79 -22.61 15.31 -13.78
C VAL A 79 -22.37 15.17 -12.26
N PHE A 80 -22.14 16.28 -11.58
CA PHE A 80 -21.97 16.28 -10.12
C PHE A 80 -23.27 16.74 -9.43
N TYR A 81 -23.70 15.98 -8.44
CA TYR A 81 -24.86 16.34 -7.61
C TYR A 81 -24.62 15.87 -6.17
N GLU A 82 -23.73 16.60 -5.50
CA GLU A 82 -23.45 16.42 -4.09
C GLU A 82 -22.78 17.68 -3.57
N GLY A 83 -22.48 17.68 -2.28
CA GLY A 83 -21.89 18.82 -1.62
C GLY A 83 -22.61 19.12 -0.33
N VAL A 84 -23.93 18.92 -0.30
CA VAL A 84 -24.77 19.35 0.83
C VAL A 84 -24.33 18.76 2.18
N ASN A 85 -23.84 17.54 2.16
CA ASN A 85 -23.40 16.89 3.42
C ASN A 85 -22.14 17.46 4.07
N PHE A 86 -21.50 18.45 3.45
CA PHE A 86 -20.60 19.38 4.18
C PHE A 86 -21.04 20.83 3.91
N SER A 87 -21.88 21.35 4.82
CA SER A 87 -22.47 22.67 4.68
C SER A 87 -22.48 23.36 6.06
N PRO A 88 -22.87 24.64 6.12
CA PRO A 88 -22.82 25.29 7.44
C PRO A 88 -23.72 24.62 8.46
N ARG A 89 -24.76 23.91 8.00
CA ARG A 89 -25.58 23.15 8.94
C ARG A 89 -24.73 22.33 9.90
N LYS A 90 -23.68 21.71 9.37
CA LYS A 90 -22.81 20.82 10.16
C LYS A 90 -22.04 21.54 11.28
N GLN A 91 -21.85 22.85 11.12
CA GLN A 91 -21.09 23.69 12.05
C GLN A 91 -19.70 23.14 12.36
N TYR A 92 -19.04 22.60 11.33
CA TYR A 92 -17.69 22.08 11.51
C TYR A 92 -16.65 23.21 11.44
N SER A 93 -15.75 23.18 12.39
CA SER A 93 -14.48 23.95 12.32
C SER A 93 -13.46 23.24 13.24
N CYS A 94 -12.19 23.55 13.08
CA CYS A 94 -11.14 22.77 13.75
C CYS A 94 -10.27 23.67 14.62
N TRP A 95 -9.64 24.66 14.01
CA TRP A 95 -8.95 25.73 14.76
C TRP A 95 -9.76 27.03 14.77
N ASP A 96 -9.18 28.20 14.47
CA ASP A 96 -9.90 29.46 14.65
C ASP A 96 -10.59 30.01 13.40
N GLU A 97 -10.54 29.23 12.31
CA GLU A 97 -11.03 29.66 11.00
C GLU A 97 -12.55 29.79 10.92
N GLY A 98 -13.25 29.13 11.83
CA GLY A 98 -14.69 29.17 11.83
C GLY A 98 -15.30 28.33 10.71
N VAL A 99 -16.61 28.25 10.73
CA VAL A 99 -17.35 27.54 9.72
C VAL A 99 -17.18 28.16 8.33
N ASP A 100 -17.11 29.49 8.27
CA ASP A 100 -16.89 30.18 6.99
C ASP A 100 -15.53 29.74 6.40
N GLY A 101 -14.55 29.53 7.27
CA GLY A 101 -13.23 29.05 6.85
C GLY A 101 -13.38 27.78 6.06
N TRP A 102 -14.22 26.87 6.57
CA TRP A 102 -14.43 25.58 5.91
C TRP A 102 -15.30 25.62 4.68
N ILE A 103 -16.21 26.59 4.60
CA ILE A 103 -16.93 26.85 3.35
C ILE A 103 -15.96 27.37 2.24
N GLU A 104 -15.04 28.25 2.59
CA GLU A 104 -13.95 28.64 1.66
C GLU A 104 -13.12 27.43 1.18
N LEU A 105 -12.73 26.52 2.08
CA LEU A 105 -11.98 25.31 1.67
C LEU A 105 -12.79 24.39 0.79
N LYS A 106 -14.07 24.21 1.13
CA LYS A 106 -15.00 23.49 0.25
C LYS A 106 -15.00 24.09 -1.14
N THR A 107 -15.07 25.41 -1.22
CA THR A 107 -15.13 26.12 -2.51
C THR A 107 -13.81 25.90 -3.28
N ARG A 108 -12.70 26.02 -2.58
CA ARG A 108 -11.36 25.75 -3.18
C ARG A 108 -11.27 24.34 -3.77
N PHE A 109 -11.76 23.37 -3.01
CA PHE A 109 -11.68 21.97 -3.38
C PHE A 109 -12.46 21.70 -4.66
N TYR A 110 -13.72 22.13 -4.66
CA TYR A 110 -14.57 21.86 -5.82
C TYR A 110 -14.06 22.59 -7.06
N THR A 111 -13.48 23.77 -6.87
CA THR A 111 -12.93 24.53 -7.99
C THR A 111 -11.88 23.67 -8.69
N LYS A 112 -10.98 23.14 -7.89
CA LYS A 112 -9.86 22.37 -8.39
C LYS A 112 -10.34 21.04 -8.97
N LEU A 113 -11.28 20.40 -8.27
CA LEU A 113 -11.84 19.14 -8.74
C LEU A 113 -12.43 19.26 -10.16
N TYR A 114 -13.30 20.26 -10.37
CA TYR A 114 -13.97 20.49 -11.67
C TYR A 114 -12.92 20.82 -12.76
N GLN A 115 -11.94 21.66 -12.42
CA GLN A 115 -10.93 22.05 -13.38
C GLN A 115 -10.19 20.81 -13.85
N MET A 116 -9.73 19.99 -12.91
CA MET A 116 -8.93 18.82 -13.24
C MET A 116 -9.77 17.75 -13.94
N ALA A 117 -11.03 17.63 -13.56
CA ALA A 117 -11.97 16.70 -14.20
C ALA A 117 -12.17 16.93 -15.71
N THR A 118 -11.99 18.15 -16.18
CA THR A 118 -12.28 18.47 -17.57
C THR A 118 -11.29 17.83 -18.56
N THR A 119 -10.13 17.38 -18.09
CA THR A 119 -9.15 16.69 -18.95
C THR A 119 -8.86 15.28 -18.50
N SER A 120 -9.78 14.70 -17.74
CA SER A 120 -9.66 13.36 -17.21
C SER A 120 -10.93 12.62 -17.61
N ARG A 121 -10.85 11.30 -17.68
CA ARG A 121 -12.02 10.49 -17.86
C ARG A 121 -12.43 9.83 -16.53
N CYS A 122 -11.47 9.22 -15.85
CA CYS A 122 -11.71 8.58 -14.55
C CYS A 122 -11.30 9.49 -13.40
N ILE A 123 -12.04 9.37 -12.30
CA ILE A 123 -11.78 10.07 -11.04
C ILE A 123 -12.01 9.05 -9.94
N LYS A 124 -10.98 8.82 -9.13
CA LYS A 124 -11.00 7.74 -8.13
C LYS A 124 -10.33 8.19 -6.83
N LEU A 125 -11.10 8.20 -5.74
CA LEU A 125 -10.56 8.53 -4.42
C LEU A 125 -9.82 7.32 -3.91
N ILE A 126 -8.52 7.48 -3.69
CA ILE A 126 -7.68 6.39 -3.24
C ILE A 126 -7.04 6.68 -1.87
N GLN A 127 -6.87 5.60 -1.10
CA GLN A 127 -6.12 5.62 0.13
C GLN A 127 -4.66 5.44 -0.24
N LEU A 128 -3.84 6.44 0.05
CA LEU A 128 -2.40 6.35 -0.22
C LEU A 128 -1.75 5.40 0.79
N GLN A 129 -0.61 4.80 0.45
CA GLN A 129 0.11 4.07 1.51
C GLN A 129 0.80 5.04 2.45
N ALA A 130 0.86 4.66 3.72
CA ALA A 130 1.67 5.35 4.71
C ALA A 130 3.14 5.39 4.25
N PRO A 131 3.84 6.51 4.48
CA PRO A 131 5.30 6.50 4.34
C PRO A 131 5.90 5.27 5.02
N SER A 132 6.79 4.58 4.32
CA SER A 132 7.34 3.30 4.79
C SER A 132 8.17 3.45 6.06
N SER A 133 8.89 4.56 6.14
CA SER A 133 9.56 4.96 7.36
C SER A 133 8.84 6.16 7.97
N LEU A 134 8.46 6.01 9.24
CA LEU A 134 7.82 7.07 10.02
C LEU A 134 8.39 7.01 11.43
N PRO A 135 8.94 8.15 11.93
CA PRO A 135 9.29 8.25 13.32
C PRO A 135 8.05 8.24 14.21
N THR A 136 8.30 8.16 15.52
CA THR A 136 7.23 8.36 16.50
C THR A 136 6.45 9.63 16.24
N LEU A 137 5.13 9.54 16.25
CA LEU A 137 4.26 10.69 15.99
C LEU A 137 3.09 10.76 16.97
N GLN A 138 2.76 11.97 17.41
CA GLN A 138 1.56 12.24 18.18
C GLN A 138 0.53 12.90 17.30
N ALA A 139 -0.72 12.43 17.32
CA ALA A 139 -1.74 13.01 16.45
C ALA A 139 -2.01 14.44 16.81
N GLY A 140 -2.24 15.27 15.81
CA GLY A 140 -2.73 16.59 16.06
C GLY A 140 -4.17 16.50 16.57
N VAL A 141 -4.69 17.66 16.93
CA VAL A 141 -6.08 17.81 17.37
C VAL A 141 -6.62 19.15 16.90
N CYS A 142 -7.93 19.28 16.98
CA CYS A 142 -8.63 20.55 16.76
C CYS A 142 -8.82 21.26 18.07
N ARG A 143 -8.62 22.60 18.10
CA ARG A 143 -8.98 23.41 19.26
C ARG A 143 -10.42 23.18 19.66
N THR A 144 -11.31 23.08 18.67
CA THR A 144 -12.76 22.89 18.92
C THR A 144 -13.08 21.48 19.44
N ASN A 145 -12.12 20.57 19.43
CA ASN A 145 -12.37 19.17 19.77
C ASN A 145 -13.30 18.43 18.79
N LYS A 146 -13.57 19.01 17.62
CA LYS A 146 -14.17 18.22 16.57
C LYS A 146 -13.08 17.36 15.90
N GLN A 147 -13.50 16.48 15.01
CA GLN A 147 -12.61 15.50 14.42
C GLN A 147 -11.59 16.13 13.48
N LEU A 148 -10.31 15.96 13.80
CA LEU A 148 -9.21 16.39 12.91
C LEU A 148 -9.37 15.68 11.57
N PRO A 149 -9.15 16.40 10.47
CA PRO A 149 -9.08 15.67 9.19
C PRO A 149 -8.04 14.57 9.22
N ASP A 150 -8.38 13.44 8.61
CA ASP A 150 -7.48 12.34 8.45
C ASP A 150 -6.53 12.54 7.27
N ASN A 151 -6.89 13.46 6.38
CA ASN A 151 -6.11 13.81 5.17
C ASN A 151 -6.12 15.31 4.97
N PRO A 152 -4.93 15.93 4.88
CA PRO A 152 -3.62 15.34 5.07
C PRO A 152 -3.45 15.05 6.54
N ARG A 153 -2.60 14.11 6.89
CA ARG A 153 -2.29 13.91 8.29
C ARG A 153 -1.51 15.11 8.87
N LEU A 154 -1.92 15.56 10.05
CA LEU A 154 -1.21 16.53 10.86
C LEU A 154 -0.82 15.83 12.17
N ALA A 155 0.48 15.79 12.43
CA ALA A 155 1.04 15.10 13.59
C ALA A 155 2.34 15.78 14.06
N LEU A 156 2.80 15.37 15.25
CA LEU A 156 3.89 16.02 15.94
C LEU A 156 4.98 15.00 16.23
N LEU A 157 6.18 15.31 15.73
CA LEU A 157 7.39 14.56 15.98
C LEU A 157 7.84 14.79 17.42
N SER A 158 8.74 13.94 17.91
CA SER A 158 9.22 14.00 19.29
C SER A 158 10.46 14.89 19.52
N ASP A 159 10.83 15.67 18.51
CA ASP A 159 11.86 16.65 18.67
C ASP A 159 11.61 17.77 17.65
N THR A 160 12.60 18.64 17.43
CA THR A 160 12.49 19.76 16.49
C THR A 160 13.49 19.65 15.37
N VAL A 161 13.98 18.43 15.12
CA VAL A 161 14.95 18.21 14.05
C VAL A 161 14.25 18.31 12.67
N PRO A 162 14.78 19.14 11.75
CA PRO A 162 14.22 19.13 10.37
C PRO A 162 14.22 17.70 9.84
N THR A 163 13.10 17.27 9.27
CA THR A 163 12.82 15.88 8.91
C THR A 163 12.07 15.80 7.57
N SER A 164 12.31 14.72 6.81
CA SER A 164 11.44 14.42 5.67
C SER A 164 10.96 12.99 5.74
N VAL A 165 9.71 12.75 5.35
CA VAL A 165 9.21 11.41 5.07
C VAL A 165 8.79 11.35 3.60
N GLN A 166 8.80 10.15 3.03
CA GLN A 166 8.45 10.01 1.63
C GLN A 166 7.06 9.41 1.45
N PHE A 167 6.26 10.09 0.63
CA PHE A 167 4.97 9.54 0.25
C PHE A 167 4.94 9.27 -1.23
N VAL A 168 4.13 8.28 -1.60
CA VAL A 168 4.03 7.86 -2.98
C VAL A 168 2.65 8.16 -3.52
N LEU A 169 2.62 8.94 -4.60
CA LEU A 169 1.40 9.13 -5.37
C LEU A 169 1.53 8.15 -6.53
N PRO A 170 0.70 7.09 -6.53
CA PRO A 170 0.94 6.02 -7.49
C PRO A 170 0.57 6.33 -8.94
N GLY A 171 1.20 5.59 -9.87
CA GLY A 171 0.93 5.78 -11.29
C GLY A 171 -0.36 5.15 -11.77
N SER A 172 -0.97 4.33 -10.92
CA SER A 172 -2.22 3.64 -11.23
C SER A 172 -2.79 3.10 -9.96
N SER A 173 -4.09 2.81 -9.99
CA SER A 173 -4.79 2.17 -8.88
C SER A 173 -5.78 1.18 -9.50
N GLY A 174 -5.56 -0.11 -9.26
CA GLY A 174 -6.34 -1.15 -9.93
C GLY A 174 -6.19 -0.96 -11.43
N THR A 175 -7.30 -0.85 -12.16
CA THR A 175 -7.25 -0.64 -13.60
C THR A 175 -7.19 0.85 -13.98
N THR A 176 -7.27 1.75 -13.00
CA THR A 176 -7.32 3.16 -13.29
C THR A 176 -5.92 3.74 -13.37
N ILE A 177 -5.62 4.45 -14.45
CA ILE A 177 -4.32 5.07 -14.58
C ILE A 177 -4.38 6.43 -13.88
N CYS A 178 -3.40 6.73 -13.03
CA CYS A 178 -3.31 8.06 -12.42
C CYS A 178 -2.22 8.89 -13.10
N THR A 179 -2.60 9.72 -14.06
CA THR A 179 -1.68 10.65 -14.71
C THR A 179 -1.52 11.92 -13.87
N LYS A 180 -2.48 12.17 -12.97
CA LYS A 180 -2.37 13.26 -11.99
C LYS A 180 -3.21 12.94 -10.75
N HIS A 181 -2.95 13.74 -9.72
CA HIS A 181 -3.56 13.58 -8.41
C HIS A 181 -3.99 14.92 -7.87
N LEU A 182 -5.20 15.00 -7.32
CA LEU A 182 -5.61 16.17 -6.53
C LEU A 182 -5.28 15.82 -5.07
N VAL A 183 -4.43 16.63 -4.46
CA VAL A 183 -3.86 16.34 -3.14
C VAL A 183 -3.98 17.58 -2.27
N PRO A 184 -4.50 17.43 -1.04
CA PRO A 184 -4.55 18.55 -0.13
C PRO A 184 -3.21 18.84 0.56
N PHE A 185 -2.90 20.14 0.69
CA PHE A 185 -1.78 20.65 1.46
C PHE A 185 -2.40 21.61 2.47
N CYS A 186 -2.25 21.29 3.76
CA CYS A 186 -2.81 22.07 4.84
C CYS A 186 -1.78 22.34 5.93
N TYR A 187 -2.09 23.36 6.72
CA TYR A 187 -1.22 23.90 7.73
C TYR A 187 -2.01 24.80 8.69
N LEU A 188 -1.42 25.06 9.84
CA LEU A 188 -1.94 25.99 10.82
C LEU A 188 -1.18 27.31 10.63
N ASN A 189 -1.93 28.34 10.28
CA ASN A 189 -1.34 29.61 9.94
C ASN A 189 -1.23 30.50 11.16
N HIS A 190 -0.81 31.75 10.88
CA HIS A 190 -0.74 32.82 11.87
C HIS A 190 0.33 32.57 12.93
N GLY A 191 1.58 32.58 12.47
CA GLY A 191 2.70 32.62 13.37
C GLY A 191 3.15 31.31 13.94
N CYS A 192 4.17 31.40 14.81
CA CYS A 192 4.74 30.23 15.46
C CYS A 192 3.67 29.60 16.33
N PHE A 193 3.84 28.31 16.63
CA PHE A 193 2.86 27.50 17.40
C PHE A 193 3.51 26.99 18.68
N THR A 194 2.99 27.38 19.84
CA THR A 194 3.64 27.01 21.09
C THR A 194 3.32 25.56 21.49
N THR A 195 4.37 24.75 21.61
CA THR A 195 4.28 23.36 22.05
C THR A 195 5.71 22.87 22.42
N GLY A 196 5.81 21.93 23.34
CA GLY A 196 7.10 21.38 23.77
C GLY A 196 8.06 22.45 24.23
N GLY A 197 7.52 23.47 24.87
CA GLY A 197 8.33 24.47 25.55
C GLY A 197 8.81 25.69 24.81
N SER A 198 8.37 25.89 23.56
CA SER A 198 8.64 27.13 22.84
C SER A 198 7.66 27.36 21.72
N CYS A 199 7.70 28.56 21.17
CA CYS A 199 6.86 28.92 20.05
C CYS A 199 7.65 28.54 18.79
N LEU A 200 7.27 27.42 18.20
CA LEU A 200 8.02 26.79 17.12
C LEU A 200 7.54 27.26 15.77
N PRO A 201 8.47 27.42 14.81
CA PRO A 201 8.06 27.72 13.46
C PRO A 201 7.18 26.60 12.90
N PHE A 202 6.16 26.97 12.14
CA PHE A 202 5.30 26.04 11.47
C PHE A 202 5.77 26.12 10.06
N GLY A 203 6.53 25.12 9.62
CA GLY A 203 7.03 25.11 8.25
C GLY A 203 6.97 23.70 7.74
N VAL A 204 6.15 23.53 6.71
CA VAL A 204 5.95 22.26 6.03
C VAL A 204 5.88 22.49 4.53
N SER A 205 6.23 21.44 3.80
CA SER A 205 6.31 21.49 2.34
C SER A 205 6.18 20.08 1.76
N TYR A 206 5.80 20.07 0.48
CA TYR A 206 5.78 18.89 -0.37
C TYR A 206 6.80 19.20 -1.48
N VAL A 207 7.75 18.31 -1.67
CA VAL A 207 8.92 18.58 -2.51
C VAL A 207 9.35 17.33 -3.29
N SER A 208 9.65 17.53 -4.56
CA SER A 208 10.42 16.58 -5.34
C SER A 208 11.42 17.36 -6.19
N ASP A 209 12.18 16.67 -7.03
CA ASP A 209 13.09 17.36 -7.95
C ASP A 209 12.38 18.33 -8.88
N SER A 210 11.10 18.07 -9.17
CA SER A 210 10.33 18.88 -10.12
C SER A 210 9.14 19.64 -9.49
N PHE A 211 9.11 19.72 -8.17
CA PHE A 211 7.91 20.21 -7.49
C PHE A 211 8.28 20.80 -6.13
N TYR A 212 7.70 21.95 -5.84
CA TYR A 212 7.76 22.56 -4.49
C TYR A 212 6.46 23.27 -4.19
N TYR A 213 5.88 22.98 -3.02
CA TYR A 213 4.84 23.83 -2.46
C TYR A 213 5.06 23.84 -0.96
N GLY A 214 5.05 25.04 -0.36
CA GLY A 214 5.37 25.17 1.07
C GLY A 214 4.73 26.34 1.80
N TYR A 215 4.81 26.25 3.12
CA TYR A 215 4.35 27.30 4.02
C TYR A 215 5.37 27.40 5.15
N TYR A 216 5.75 28.62 5.54
CA TYR A 216 6.61 28.81 6.71
C TYR A 216 6.21 30.07 7.46
N ASP A 217 6.09 29.96 8.77
CA ASP A 217 5.92 31.16 9.61
C ASP A 217 6.50 30.93 11.00
N ALA A 218 7.40 31.83 11.41
CA ALA A 218 8.02 31.82 12.73
C ALA A 218 7.60 33.01 13.56
N THR A 219 6.73 33.86 13.03
CA THR A 219 6.50 35.16 13.66
C THR A 219 5.61 35.03 14.92
N PRO A 220 5.82 35.88 15.93
CA PRO A 220 5.03 35.98 17.19
C PRO A 220 3.52 36.26 17.08
N THR A 225 -3.68 36.68 22.66
CA THR A 225 -4.11 35.32 22.37
C THR A 225 -3.31 34.71 21.22
N GLU A 226 -2.90 33.44 21.33
CA GLU A 226 -2.26 32.78 20.20
C GLU A 226 -3.37 32.17 19.34
N SER A 227 -3.47 32.60 18.09
CA SER A 227 -4.57 32.14 17.27
C SER A 227 -4.01 31.48 16.02
N HIS A 228 -4.69 30.44 15.52
CA HIS A 228 -4.29 29.80 14.28
C HIS A 228 -5.52 29.35 13.53
N ASP A 229 -5.44 29.44 12.20
CA ASP A 229 -6.45 28.86 11.31
C ASP A 229 -5.92 27.58 10.61
N TYR A 230 -6.75 26.56 10.52
CA TYR A 230 -6.50 25.40 9.62
C TYR A 230 -6.83 25.81 8.19
N VAL A 231 -5.82 25.82 7.29
CA VAL A 231 -5.94 26.31 5.92
C VAL A 231 -5.47 25.19 4.98
N CYS A 232 -6.15 25.02 3.87
CA CYS A 232 -5.70 24.05 2.85
C CYS A 232 -5.69 24.68 1.46
N ASP A 233 -4.76 24.18 0.65
CA ASP A 233 -4.76 24.38 -0.79
C ASP A 233 -4.88 23.00 -1.43
N TYR A 234 -5.46 22.94 -2.63
CA TYR A 234 -5.73 21.69 -3.32
C TYR A 234 -4.86 21.69 -4.58
N LEU A 235 -3.90 20.77 -4.60
CA LEU A 235 -2.77 20.81 -5.52
C LEU A 235 -2.91 19.73 -6.59
N PHE A 236 -2.52 20.11 -7.82
CA PHE A 236 -2.34 19.20 -8.94
C PHE A 236 -0.94 18.61 -8.76
N MET A 237 -0.84 17.30 -8.63
CA MET A 237 0.51 16.67 -8.48
C MET A 237 0.63 15.48 -9.35
N GLU A 238 1.77 15.35 -10.05
CA GLU A 238 2.01 14.21 -10.90
C GLU A 238 2.34 12.99 -10.06
N PRO A 239 2.06 11.79 -10.57
CA PRO A 239 2.45 10.61 -9.85
C PRO A 239 3.97 10.61 -9.63
N GLY A 240 4.42 10.04 -8.52
CA GLY A 240 5.84 9.95 -8.17
C GLY A 240 6.05 9.90 -6.65
N THR A 241 7.30 9.89 -6.24
CA THR A 241 7.63 9.91 -4.82
C THR A 241 8.02 11.31 -4.43
N TYR A 242 7.50 11.77 -3.28
CA TYR A 242 7.70 13.12 -2.82
C TYR A 242 8.19 13.10 -1.39
N ASN A 243 8.89 14.15 -1.00
CA ASN A 243 9.15 14.39 0.41
C ASN A 243 8.01 15.20 0.99
N ALA A 244 7.51 14.75 2.14
CA ALA A 244 6.79 15.61 3.05
C ALA A 244 7.84 16.11 4.07
N SER A 245 8.21 17.38 3.96
CA SER A 245 9.30 17.92 4.73
C SER A 245 8.81 18.85 5.81
N THR A 246 9.58 18.93 6.89
CA THR A 246 9.29 19.89 7.94
C THR A 246 10.58 20.54 8.43
N VAL A 247 10.49 21.81 8.81
CA VAL A 247 11.60 22.48 9.48
C VAL A 247 11.72 22.03 10.95
N GLY A 248 10.74 21.26 11.45
CA GLY A 248 10.80 20.62 12.75
C GLY A 248 9.47 20.60 13.47
N LYS A 249 9.25 19.51 14.21
CA LYS A 249 8.03 19.26 15.05
C LYS A 249 6.79 18.88 14.28
N PHE A 250 6.28 19.80 13.48
CA PHE A 250 5.00 19.57 12.79
C PHE A 250 5.22 18.78 11.53
N LEU A 251 4.43 17.74 11.31
CA LEU A 251 4.55 16.93 10.06
C LEU A 251 3.19 16.85 9.36
N VAL A 252 3.18 17.18 8.07
CA VAL A 252 1.98 17.09 7.25
C VAL A 252 2.31 16.28 5.99
N TYR A 253 1.54 15.20 5.76
CA TYR A 253 1.66 14.41 4.54
C TYR A 253 0.28 13.89 4.14
N PRO A 254 0.03 13.77 2.83
CA PRO A 254 -1.30 13.28 2.41
C PRO A 254 -1.54 11.79 2.65
N THR A 255 -2.77 11.44 3.00
CA THR A 255 -3.18 10.04 3.15
C THR A 255 -4.22 9.55 2.14
N LYS A 256 -4.78 10.47 1.34
CA LYS A 256 -5.75 10.16 0.29
C LYS A 256 -5.56 11.17 -0.85
N SER A 257 -5.88 10.76 -2.07
CA SER A 257 -5.87 11.67 -3.21
C SER A 257 -6.98 11.29 -4.19
N TYR A 258 -7.37 12.22 -5.05
CA TYR A 258 -8.18 11.85 -6.18
C TYR A 258 -7.22 11.52 -7.30
N CYS A 259 -7.19 10.25 -7.67
CA CYS A 259 -6.45 9.75 -8.82
C CYS A 259 -7.27 9.97 -10.08
N MET A 260 -6.68 10.62 -11.07
CA MET A 260 -7.36 10.90 -12.33
C MET A 260 -6.46 10.49 -13.50
N ASP A 261 -7.07 10.04 -14.59
CA ASP A 261 -6.32 9.74 -15.82
C ASP A 261 -6.41 10.93 -16.77
N THR A 262 -5.93 10.77 -18.00
CA THR A 262 -5.99 11.83 -18.99
C THR A 262 -6.77 11.40 -20.24
N MET A 263 -7.64 12.30 -20.72
CA MET A 263 -8.25 12.21 -22.03
C MET A 263 -7.79 13.39 -22.88
N ASN A 264 -7.78 13.24 -24.20
CA ASN A 264 -7.13 14.22 -25.09
C ASN A 264 -8.07 15.26 -25.68
N ILE A 265 -9.08 15.60 -24.87
CA ILE A 265 -10.07 16.63 -25.14
C ILE A 265 -10.39 17.27 -23.79
N THR A 266 -10.89 18.50 -23.82
CA THR A 266 -11.25 19.24 -22.62
C THR A 266 -12.77 19.43 -22.67
N VAL A 267 -13.50 18.78 -21.75
CA VAL A 267 -14.96 18.83 -21.73
C VAL A 267 -15.45 19.40 -20.41
N PRO A 268 -16.20 20.51 -20.44
CA PRO A 268 -16.69 21.03 -19.16
C PRO A 268 -17.55 20.01 -18.40
N VAL A 269 -17.44 20.04 -17.07
CA VAL A 269 -18.28 19.20 -16.23
C VAL A 269 -19.58 19.94 -15.95
N GLN A 270 -20.55 19.24 -15.37
CA GLN A 270 -21.86 19.80 -15.03
C GLN A 270 -22.03 19.60 -13.54
N ALA A 271 -22.51 20.63 -12.84
CA ALA A 271 -22.79 20.58 -11.42
C ALA A 271 -24.19 21.12 -11.16
N VAL A 272 -25.01 20.38 -10.43
CA VAL A 272 -26.34 20.82 -10.00
C VAL A 272 -26.27 21.27 -8.52
N GLN A 273 -26.95 22.39 -8.21
CA GLN A 273 -26.96 22.96 -6.86
C GLN A 273 -27.40 21.92 -5.84
N SER A 274 -26.64 21.77 -4.75
CA SER A 274 -26.82 20.75 -3.73
C SER A 274 -27.01 21.42 -2.33
N ILE A 275 -28.26 21.52 -1.91
CA ILE A 275 -28.63 22.30 -0.74
C ILE A 275 -29.62 21.53 0.15
N TRP A 276 -29.82 22.05 1.35
CA TRP A 276 -30.84 21.57 2.27
C TRP A 276 -32.12 22.37 2.10
N SER A 277 -33.21 21.84 2.66
CA SER A 277 -34.47 22.55 2.86
C SER A 277 -34.23 23.84 3.61
N GLU A 278 -35.22 24.72 3.58
CA GLU A 278 -35.07 26.08 4.10
C GLU A 278 -34.80 26.18 5.60
N GLN A 279 -35.18 25.18 6.39
CA GLN A 279 -34.93 25.29 7.83
C GLN A 279 -33.46 25.08 8.21
N TYR A 280 -32.64 24.62 7.25
CA TYR A 280 -31.22 24.38 7.54
C TYR A 280 -30.29 25.28 6.74
N ALA A 281 -29.05 25.37 7.22
CA ALA A 281 -28.05 26.26 6.63
C ALA A 281 -27.30 25.61 5.49
N SER A 282 -27.51 26.14 4.28
CA SER A 282 -26.79 25.69 3.08
C SER A 282 -25.73 26.70 2.73
N ASP A 283 -24.92 26.40 1.71
CA ASP A 283 -23.97 27.38 1.21
C ASP A 283 -24.01 27.31 -0.32
N ASP A 284 -23.30 28.24 -0.97
CA ASP A 284 -23.25 28.28 -2.44
C ASP A 284 -21.83 28.01 -2.93
N ALA A 285 -21.10 27.15 -2.20
CA ALA A 285 -19.80 26.71 -2.67
C ALA A 285 -19.85 26.08 -4.08
N ILE A 286 -20.88 25.30 -4.38
CA ILE A 286 -20.94 24.67 -5.70
C ILE A 286 -21.11 25.78 -6.78
N GLY A 287 -21.98 26.75 -6.51
CA GLY A 287 -22.18 27.85 -7.46
C GLY A 287 -20.96 28.74 -7.64
N GLN A 288 -20.16 28.85 -6.59
CA GLN A 288 -18.97 29.67 -6.64
C GLN A 288 -17.80 28.89 -7.26
N ALA A 289 -17.82 27.57 -7.11
CA ALA A 289 -16.77 26.70 -7.69
C ALA A 289 -17.05 26.42 -9.16
N CYS A 290 -18.33 26.24 -9.50
CA CYS A 290 -18.69 25.79 -10.84
C CYS A 290 -18.80 26.98 -11.81
N LYS A 291 -17.69 27.32 -12.44
CA LYS A 291 -17.61 28.54 -13.25
C LYS A 291 -17.13 28.23 -14.64
N ALA A 292 -17.53 29.09 -15.58
CA ALA A 292 -16.89 29.08 -16.90
C ALA A 292 -15.40 29.31 -16.70
N PRO A 293 -14.55 28.69 -17.55
CA PRO A 293 -14.85 27.84 -18.71
C PRO A 293 -14.89 26.33 -18.44
N TYR A 294 -14.78 25.92 -17.19
CA TYR A 294 -14.58 24.51 -16.87
C TYR A 294 -15.82 23.79 -16.32
N CYS A 295 -16.88 24.54 -15.98
CA CYS A 295 -18.05 23.90 -15.37
C CYS A 295 -19.30 24.66 -15.69
N ILE A 296 -20.36 23.91 -15.99
CA ILE A 296 -21.68 24.40 -16.32
C ILE A 296 -22.57 24.21 -15.07
N PHE A 297 -22.96 25.30 -14.44
CA PHE A 297 -23.71 25.23 -13.19
C PHE A 297 -25.21 25.31 -13.46
N TYR A 298 -25.96 24.36 -12.92
CA TYR A 298 -27.41 24.41 -12.93
C TYR A 298 -27.89 24.70 -11.52
N ASN A 299 -28.20 25.97 -11.29
CA ASN A 299 -28.72 26.43 -10.02
C ASN A 299 -30.18 26.05 -9.84
N LYS A 300 -30.60 25.96 -8.59
CA LYS A 300 -32.01 25.90 -8.25
C LYS A 300 -32.61 27.31 -8.18
N THR A 301 -33.83 27.45 -8.69
CA THR A 301 -34.60 28.69 -8.63
C THR A 301 -35.69 28.66 -7.54
N THR A 302 -35.90 27.49 -6.96
CA THR A 302 -36.84 27.30 -5.87
C THR A 302 -36.11 26.73 -4.67
N PRO A 303 -36.71 26.81 -3.48
CA PRO A 303 -36.12 26.08 -2.35
C PRO A 303 -36.17 24.57 -2.57
N TYR A 304 -35.47 23.81 -1.72
CA TYR A 304 -35.58 22.37 -1.71
C TYR A 304 -36.96 22.02 -1.18
N THR A 305 -37.82 21.57 -2.10
CA THR A 305 -39.26 21.41 -1.91
C THR A 305 -39.72 20.02 -2.33
N VAL A 306 -40.20 19.25 -1.35
CA VAL A 306 -40.60 17.85 -1.54
C VAL A 306 -42.09 17.69 -1.31
N THR A 307 -42.78 17.23 -2.35
CA THR A 307 -44.21 16.91 -2.31
C THR A 307 -44.49 15.40 -2.41
N ASN A 308 -43.51 14.62 -2.91
CA ASN A 308 -43.67 13.17 -3.02
C ASN A 308 -42.33 12.44 -2.86
N GLY A 309 -41.72 12.58 -1.68
CA GLY A 309 -40.41 12.01 -1.41
C GLY A 309 -40.34 11.38 -0.03
N SER A 310 -39.16 10.92 0.36
CA SER A 310 -39.00 10.22 1.65
C SER A 310 -38.99 11.17 2.85
N ASP A 311 -38.41 12.36 2.71
CA ASP A 311 -38.56 13.42 3.72
C ASP A 311 -38.39 14.83 3.13
N ALA A 312 -38.34 15.85 3.96
CA ALA A 312 -38.28 17.23 3.48
C ALA A 312 -37.01 17.51 2.69
N ASN A 313 -36.02 16.63 2.78
CA ASN A 313 -34.73 16.82 2.10
C ASN A 313 -34.36 15.77 1.05
N HIS A 314 -35.37 14.99 0.61
CA HIS A 314 -35.16 13.99 -0.44
C HIS A 314 -36.37 13.94 -1.37
N GLY A 315 -36.16 14.29 -2.64
CA GLY A 315 -37.21 14.30 -3.64
C GLY A 315 -37.63 15.68 -4.09
N ASP A 316 -36.67 16.55 -4.37
CA ASP A 316 -36.98 17.92 -4.76
C ASP A 316 -37.68 17.93 -6.12
N ASP A 317 -38.81 18.62 -6.23
CA ASP A 317 -39.53 18.63 -7.54
C ASP A 317 -38.71 19.31 -8.67
N GLU A 318 -38.05 20.41 -8.36
CA GLU A 318 -37.28 21.11 -9.36
C GLU A 318 -36.13 20.26 -9.89
N VAL A 319 -35.31 19.71 -8.99
CA VAL A 319 -34.14 18.92 -9.42
C VAL A 319 -34.63 17.64 -10.14
N ARG A 320 -35.71 17.02 -9.66
CA ARG A 320 -36.25 15.85 -10.33
C ARG A 320 -36.58 16.14 -11.80
N MET A 321 -37.12 17.34 -12.04
CA MET A 321 -37.47 17.74 -13.39
C MET A 321 -36.19 18.01 -14.17
N MET A 322 -35.23 18.67 -13.53
CA MET A 322 -33.95 18.94 -14.19
C MET A 322 -33.26 17.64 -14.60
N MET A 323 -33.29 16.63 -13.73
CA MET A 323 -32.56 15.38 -13.98
C MET A 323 -33.21 14.54 -15.08
N GLN A 324 -34.47 14.83 -15.41
CA GLN A 324 -35.11 14.28 -16.61
C GLN A 324 -34.31 14.59 -17.86
N GLY A 325 -33.54 15.68 -17.85
CA GLY A 325 -32.67 16.03 -18.98
C GLY A 325 -31.67 14.93 -19.39
N LEU A 326 -31.29 14.10 -18.42
CA LEU A 326 -30.30 13.06 -18.63
C LEU A 326 -30.86 11.84 -19.38
N LEU A 327 -32.17 11.85 -19.63
CA LEU A 327 -32.88 10.84 -20.43
C LEU A 327 -33.12 11.31 -21.87
N ARG A 328 -32.70 12.51 -22.19
CA ARG A 328 -33.05 13.11 -23.47
C ARG A 328 -32.01 12.79 -24.53
N ASN A 329 -32.47 12.88 -25.78
CA ASN A 329 -31.61 12.91 -26.94
C ASN A 329 -31.01 14.33 -26.98
N SER A 330 -29.69 14.40 -26.83
CA SER A 330 -28.98 15.66 -26.82
C SER A 330 -27.74 15.62 -27.70
N SER A 331 -27.46 16.75 -28.36
CA SER A 331 -26.19 16.98 -29.08
C SER A 331 -25.45 18.21 -28.59
N CYS A 332 -26.09 18.97 -27.70
CA CYS A 332 -25.57 20.24 -27.24
C CYS A 332 -25.87 20.38 -25.74
N ILE A 333 -24.85 20.67 -24.95
CA ILE A 333 -24.98 20.80 -23.49
C ILE A 333 -24.52 22.23 -23.10
N SER A 334 -25.36 22.97 -22.37
CA SER A 334 -25.06 24.39 -22.04
C SER A 334 -25.69 24.77 -20.70
N PRO A 335 -25.40 25.98 -20.16
CA PRO A 335 -26.04 26.39 -18.91
C PRO A 335 -27.57 26.52 -19.03
N GLN A 336 -28.05 26.67 -20.26
CA GLN A 336 -29.50 26.76 -20.52
C GLN A 336 -30.13 25.38 -20.53
N GLY A 337 -29.31 24.36 -20.66
CA GLY A 337 -29.75 23.00 -20.76
C GLY A 337 -29.32 22.39 -22.07
N SER A 338 -29.97 21.28 -22.42
CA SER A 338 -29.58 20.45 -23.55
C SER A 338 -30.53 20.61 -24.73
N THR A 339 -30.01 20.45 -25.94
CA THR A 339 -30.85 20.33 -27.13
C THR A 339 -30.39 19.16 -27.97
N PRO A 340 -31.32 18.58 -28.76
CA PRO A 340 -30.89 17.66 -29.80
C PRO A 340 -30.29 18.43 -30.97
N LEU A 341 -29.77 17.72 -31.97
CA LEU A 341 -29.13 18.32 -33.10
C LEU A 341 -30.16 19.14 -33.91
N ALA A 342 -29.89 20.41 -34.15
CA ALA A 342 -30.82 21.28 -34.84
C ALA A 342 -30.07 22.47 -35.45
N LEU A 343 -30.73 23.22 -36.33
CA LEU A 343 -30.13 24.43 -36.86
C LEU A 343 -30.31 25.61 -35.92
N TYR A 344 -31.52 25.77 -35.38
CA TYR A 344 -31.85 27.00 -34.67
C TYR A 344 -32.35 26.73 -33.29
N SER A 345 -31.92 27.56 -32.35
CA SER A 345 -32.42 27.56 -30.97
C SER A 345 -33.40 28.73 -30.78
N THR A 346 -34.45 28.49 -30.03
CA THR A 346 -35.43 29.51 -29.71
C THR A 346 -34.92 30.48 -28.63
N GLU A 347 -33.79 30.16 -28.02
CA GLU A 347 -33.15 31.12 -27.11
C GLU A 347 -31.63 31.09 -27.18
N MET A 348 -31.04 32.15 -26.66
CA MET A 348 -29.61 32.31 -26.68
C MET A 348 -28.97 31.25 -25.79
N ILE A 349 -27.88 30.65 -26.29
CA ILE A 349 -27.12 29.63 -25.58
C ILE A 349 -25.75 30.25 -25.24
N TYR A 350 -25.39 30.23 -23.95
CA TYR A 350 -24.18 30.88 -23.43
C TYR A 350 -23.13 29.83 -23.07
N GLU A 351 -22.03 30.26 -22.46
CA GLU A 351 -20.92 29.39 -22.16
C GLU A 351 -20.84 29.03 -20.66
N PRO A 352 -20.21 27.90 -20.33
CA PRO A 352 -19.54 26.97 -21.24
C PRO A 352 -20.56 26.10 -21.93
N ASN A 353 -20.26 25.69 -23.18
CA ASN A 353 -21.08 24.70 -23.84
C ASN A 353 -20.23 23.79 -24.70
N TYR A 354 -20.76 22.64 -25.04
CA TYR A 354 -20.05 21.69 -25.86
C TYR A 354 -21.01 20.82 -26.65
N GLY A 355 -20.46 20.12 -27.64
CA GLY A 355 -21.21 19.38 -28.63
C GLY A 355 -21.40 20.22 -29.89
N SER A 356 -22.42 19.92 -30.69
CA SER A 356 -22.75 20.72 -31.87
C SER A 356 -24.02 21.46 -31.50
N CYS A 357 -23.93 22.78 -31.37
CA CYS A 357 -25.04 23.58 -30.80
C CYS A 357 -25.75 24.42 -31.85
N PRO A 358 -27.08 24.48 -31.78
CA PRO A 358 -27.85 25.33 -32.68
C PRO A 358 -27.54 26.80 -32.43
N GLN A 359 -27.74 27.61 -33.46
CA GLN A 359 -27.51 29.05 -33.38
C GLN A 359 -28.85 29.77 -33.11
N PHE A 360 -28.75 30.94 -32.49
CA PHE A 360 -29.92 31.67 -32.03
C PHE A 360 -30.70 32.10 -33.25
N TYR A 361 -31.99 31.79 -33.24
CA TYR A 361 -32.84 31.96 -34.42
C TYR A 361 -32.87 33.35 -34.98
N LYS A 362 -32.79 34.37 -34.11
CA LYS A 362 -32.99 35.75 -34.56
C LYS A 362 -31.84 36.21 -35.45
N LEU A 363 -30.66 35.59 -35.30
CA LEU A 363 -29.50 35.92 -36.11
C LEU A 363 -29.72 35.72 -37.60
N PHE A 364 -30.69 34.88 -37.95
CA PHE A 364 -30.96 34.48 -39.34
C PHE A 364 -32.30 34.99 -39.88
N ASP A 365 -32.92 35.90 -39.15
CA ASP A 365 -34.20 36.46 -39.55
C ASP A 365 -34.03 37.32 -40.80
N THR A 366 -34.93 37.13 -41.76
CA THR A 366 -34.93 37.88 -43.03
C THR A 366 -36.21 38.72 -43.22
N SER A 367 -36.79 39.22 -42.13
CA SER A 367 -38.10 39.94 -42.16
C SER A 367 -38.09 41.38 -42.72
N GLY A 368 -37.13 42.23 -42.39
CA GLY A 368 -36.47 42.25 -41.13
C GLY A 368 -37.27 43.22 -40.24
N ASN A 369 -38.07 42.63 -39.36
CA ASN A 369 -38.71 43.34 -38.29
C ASN A 369 -37.72 43.52 -37.13
N GLU A 370 -36.57 42.83 -37.21
CA GLU A 370 -35.53 42.88 -36.17
C GLU A 370 -34.59 44.08 -36.37
N THR B 2 -25.03 26.62 -48.43
CA THR B 2 -23.63 26.29 -48.87
C THR B 2 -22.55 26.38 -47.74
N PRO B 3 -21.94 25.25 -47.39
CA PRO B 3 -21.06 25.30 -46.20
C PRO B 3 -19.79 26.18 -46.37
N VAL B 4 -19.41 26.89 -45.30
CA VAL B 4 -18.25 27.77 -45.34
C VAL B 4 -17.00 27.07 -44.76
N THR B 5 -15.83 27.51 -45.19
CA THR B 5 -14.58 26.94 -44.75
C THR B 5 -13.90 27.94 -43.82
N PRO B 6 -13.58 27.50 -42.60
CA PRO B 6 -12.90 28.43 -41.70
C PRO B 6 -11.59 28.94 -42.30
N TYR B 7 -11.30 30.22 -42.13
CA TYR B 7 -10.05 30.78 -42.62
C TYR B 7 -8.98 30.66 -41.54
N TYR B 8 -7.94 29.88 -41.82
CA TYR B 8 -6.94 29.54 -40.78
C TYR B 8 -6.09 30.74 -40.36
N GLY B 9 -6.24 31.14 -39.10
CA GLY B 9 -5.53 32.28 -38.55
C GLY B 9 -6.44 32.90 -37.50
N PRO B 10 -5.92 33.88 -36.77
CA PRO B 10 -6.77 34.54 -35.80
C PRO B 10 -7.81 35.46 -36.46
N GLY B 11 -8.70 35.98 -35.61
CA GLY B 11 -9.76 36.85 -36.09
C GLY B 11 -10.47 37.56 -34.97
N HIS B 12 -11.50 38.30 -35.32
CA HIS B 12 -12.24 39.08 -34.34
C HIS B 12 -13.67 39.18 -34.80
N ILE B 13 -14.57 39.31 -33.82
CA ILE B 13 -16.01 39.41 -34.05
C ILE B 13 -16.59 40.80 -33.82
N THR B 14 -15.93 41.65 -33.05
CA THR B 14 -16.33 43.04 -33.03
C THR B 14 -15.09 43.89 -33.14
N PHE B 15 -15.30 45.18 -33.21
CA PHE B 15 -14.21 46.15 -33.16
C PHE B 15 -13.29 46.00 -31.91
N ASP B 16 -13.80 45.44 -30.81
CA ASP B 16 -13.11 45.52 -29.51
C ASP B 16 -12.09 44.39 -29.37
N TRP B 17 -11.04 44.47 -30.16
CA TRP B 17 -9.99 43.45 -30.12
C TRP B 17 -8.66 44.14 -30.07
N CYS B 18 -7.64 43.44 -29.60
CA CYS B 18 -6.31 44.04 -29.57
C CYS B 18 -5.25 42.98 -29.77
N GLY B 19 -4.04 43.46 -30.07
CA GLY B 19 -2.90 42.60 -30.27
C GLY B 19 -1.73 42.98 -29.43
N PHE B 20 -0.92 41.98 -29.11
CA PHE B 20 0.35 42.14 -28.43
C PHE B 20 1.43 41.46 -29.23
N GLY B 21 2.52 42.16 -29.51
CA GLY B 21 3.54 41.66 -30.46
C GLY B 21 4.96 42.19 -30.29
N ASP B 22 5.74 41.98 -31.34
CA ASP B 22 7.18 42.21 -31.31
C ASP B 22 7.54 42.89 -32.62
N SER B 23 8.75 42.71 -33.14
CA SER B 23 9.15 43.36 -34.40
C SER B 23 8.21 43.12 -35.55
N ARG B 24 7.65 41.91 -35.59
CA ARG B 24 6.81 41.47 -36.68
C ARG B 24 5.43 42.15 -36.73
N SER B 25 5.11 42.96 -35.72
CA SER B 25 3.91 43.82 -35.76
C SER B 25 4.19 45.24 -35.26
N ASP B 26 5.42 45.72 -35.49
CA ASP B 26 5.91 47.04 -35.07
C ASP B 26 6.23 47.88 -36.30
N CYS B 27 5.28 48.77 -36.62
CA CYS B 27 5.39 49.67 -37.75
C CYS B 27 6.41 50.79 -37.56
N THR B 28 6.94 50.95 -36.34
CA THR B 28 8.03 51.89 -36.09
C THR B 28 9.39 51.31 -36.49
N ASN B 29 9.41 50.05 -36.91
CA ASN B 29 10.65 49.40 -37.33
C ASN B 29 11.13 50.09 -38.60
N PRO B 30 12.43 50.43 -38.67
CA PRO B 30 12.94 51.11 -39.84
C PRO B 30 12.70 50.34 -41.13
N GLN B 31 12.56 49.01 -41.05
CA GLN B 31 12.30 48.18 -42.25
C GLN B 31 10.80 47.90 -42.56
N SER B 32 9.88 48.45 -41.76
CA SER B 32 8.46 48.32 -42.04
C SER B 32 8.08 48.97 -43.39
N PRO B 33 7.22 48.33 -44.18
CA PRO B 33 6.43 47.13 -43.91
C PRO B 33 7.08 45.79 -44.29
N MET B 34 8.32 45.78 -44.79
CA MET B 34 8.98 44.51 -45.18
C MET B 34 9.23 43.59 -43.99
N SER B 35 9.43 44.18 -42.82
CA SER B 35 9.67 43.47 -41.57
C SER B 35 8.36 42.99 -40.86
N LEU B 36 7.18 43.25 -41.42
CA LEU B 36 5.90 42.89 -40.76
C LEU B 36 5.41 41.51 -41.18
N ASP B 37 4.76 40.81 -40.26
CA ASP B 37 3.96 39.60 -40.55
C ASP B 37 2.44 39.91 -40.55
N ILE B 38 2.06 41.07 -40.04
CA ILE B 38 0.65 41.51 -40.06
C ILE B 38 0.46 42.54 -41.17
N PRO B 39 -0.80 42.72 -41.59
CA PRO B 39 -1.06 43.87 -42.50
C PRO B 39 -0.77 45.21 -41.82
N GLN B 40 -0.04 46.06 -42.52
CA GLN B 40 0.40 47.37 -42.04
C GLN B 40 -0.72 48.17 -41.39
N GLN B 41 -1.91 48.10 -41.99
CA GLN B 41 -3.07 48.87 -41.54
C GLN B 41 -3.57 48.38 -40.18
N LEU B 42 -3.12 47.21 -39.75
CA LEU B 42 -3.43 46.72 -38.42
C LEU B 42 -2.40 47.09 -37.32
N CYS B 43 -1.29 47.72 -37.68
CA CYS B 43 -0.37 48.20 -36.64
C CYS B 43 -1.02 48.95 -35.47
N PRO B 44 -2.01 49.83 -35.73
CA PRO B 44 -2.62 50.56 -34.60
C PRO B 44 -3.37 49.69 -33.59
N LYS B 45 -3.70 48.45 -33.96
CA LYS B 45 -4.42 47.53 -33.07
C LYS B 45 -3.45 46.76 -32.15
N PHE B 46 -2.15 46.85 -32.42
CA PHE B 46 -1.14 46.12 -31.69
C PHE B 46 -0.36 47.00 -30.73
N SER B 47 -0.01 46.43 -29.58
CA SER B 47 0.97 47.00 -28.68
C SER B 47 2.20 46.12 -28.86
N SER B 48 3.22 46.65 -29.52
CA SER B 48 4.34 45.87 -30.02
C SER B 48 5.64 46.64 -29.98
N LYS B 49 6.74 45.94 -29.75
CA LYS B 49 8.05 46.54 -29.86
C LYS B 49 9.11 45.58 -30.38
N SER B 50 9.83 46.03 -31.42
CA SER B 50 10.95 45.26 -31.97
C SER B 50 11.91 44.78 -30.85
N SER B 51 12.23 43.50 -30.90
CA SER B 51 13.20 42.85 -29.97
C SER B 51 12.67 42.58 -28.55
N SER B 52 11.42 42.96 -28.27
CA SER B 52 10.82 42.66 -26.97
C SER B 52 9.92 41.44 -26.94
N SER B 53 9.53 41.07 -25.72
CA SER B 53 8.44 40.11 -25.49
C SER B 53 7.77 40.50 -24.19
N MET B 54 6.58 39.97 -23.95
CA MET B 54 5.87 40.26 -22.71
C MET B 54 6.55 39.61 -21.50
N PHE B 55 7.16 38.45 -21.70
CA PHE B 55 7.93 37.77 -20.64
C PHE B 55 9.19 38.52 -20.32
N LEU B 56 10.00 38.84 -21.32
CA LEU B 56 11.23 39.61 -21.10
C LEU B 56 10.91 40.93 -20.37
N SER B 57 9.86 41.63 -20.79
CA SER B 57 9.55 42.93 -20.25
C SER B 57 9.05 42.83 -18.79
N LEU B 58 8.44 41.71 -18.41
CA LEU B 58 8.07 41.54 -16.99
C LEU B 58 9.28 41.52 -16.08
N HIS B 59 10.34 40.85 -16.50
CA HIS B 59 11.47 40.58 -15.65
C HIS B 59 12.58 41.63 -15.75
N TRP B 60 12.68 42.29 -16.91
CA TRP B 60 13.78 43.22 -17.17
C TRP B 60 13.29 44.55 -17.71
N ASN B 61 14.03 45.59 -17.35
CA ASN B 61 14.01 46.87 -18.02
C ASN B 61 15.08 46.85 -19.10
N ASN B 62 15.47 48.00 -19.62
CA ASN B 62 16.44 48.01 -20.71
C ASN B 62 17.88 47.70 -20.24
N HIS B 63 18.51 46.75 -20.92
CA HIS B 63 19.95 46.43 -20.79
C HIS B 63 20.55 46.15 -22.16
N SER B 64 21.86 45.86 -22.20
CA SER B 64 22.52 45.77 -23.49
C SER B 64 21.83 44.76 -24.44
N SER B 65 21.46 43.57 -23.98
CA SER B 65 20.69 42.67 -24.87
C SER B 65 19.23 42.42 -24.42
N PHE B 66 18.66 43.40 -23.73
CA PHE B 66 17.28 43.31 -23.30
C PHE B 66 16.54 44.56 -23.72
N VAL B 67 15.61 44.39 -24.66
CA VAL B 67 14.75 45.49 -25.08
C VAL B 67 13.40 45.38 -24.38
N SER B 68 13.16 46.27 -23.43
CA SER B 68 11.99 46.19 -22.56
C SER B 68 10.95 47.20 -23.05
N TYR B 69 9.68 46.82 -23.04
CA TYR B 69 8.60 47.63 -23.61
C TYR B 69 7.45 47.63 -22.65
N ASP B 70 6.84 48.79 -22.48
CA ASP B 70 5.69 48.97 -21.60
C ASP B 70 4.43 48.55 -22.32
N TYR B 71 4.31 47.23 -22.52
CA TYR B 71 3.13 46.66 -23.14
C TYR B 71 1.85 47.17 -22.52
N PHE B 72 0.89 47.54 -23.36
CA PHE B 72 -0.39 48.08 -22.92
C PHE B 72 -1.44 48.01 -24.02
N ASN B 73 -2.51 47.27 -23.75
CA ASN B 73 -3.63 47.23 -24.66
C ASN B 73 -4.89 46.70 -24.00
N CYS B 74 -6.01 47.06 -24.61
CA CYS B 74 -7.35 46.66 -24.16
C CYS B 74 -8.15 46.07 -25.31
N GLY B 75 -8.87 44.99 -25.03
CA GLY B 75 -9.67 44.34 -26.02
C GLY B 75 -10.39 43.19 -25.39
N VAL B 76 -11.68 43.04 -25.70
CA VAL B 76 -12.44 41.84 -25.29
C VAL B 76 -11.79 40.60 -25.92
N GLU B 77 -11.48 40.70 -27.20
CA GLU B 77 -10.70 39.65 -27.87
C GLU B 77 -9.24 40.06 -27.97
N LYS B 78 -8.34 39.08 -27.92
CA LYS B 78 -6.90 39.37 -27.78
C LYS B 78 -6.08 38.42 -28.62
N VAL B 79 -5.15 38.96 -29.42
CA VAL B 79 -4.28 38.17 -30.30
C VAL B 79 -2.86 38.45 -29.86
N PHE B 80 -2.14 37.39 -29.50
CA PHE B 80 -0.77 37.45 -29.04
C PHE B 80 0.14 36.88 -30.15
N TYR B 81 1.17 37.65 -30.53
CA TYR B 81 2.15 37.16 -31.49
C TYR B 81 3.49 37.74 -31.09
N GLU B 82 4.01 37.20 -29.98
CA GLU B 82 5.33 37.53 -29.48
C GLU B 82 5.81 36.34 -28.67
N GLY B 83 7.09 36.36 -28.27
CA GLY B 83 7.64 35.30 -27.45
C GLY B 83 9.06 34.95 -27.84
N VAL B 84 9.34 35.02 -29.14
CA VAL B 84 10.57 34.55 -29.76
C VAL B 84 11.79 35.28 -29.24
N ASN B 85 11.63 36.53 -28.85
CA ASN B 85 12.76 37.28 -28.33
C ASN B 85 13.27 36.85 -26.94
N PHE B 86 12.61 35.86 -26.34
CA PHE B 86 13.24 35.10 -25.26
C PHE B 86 13.09 33.63 -25.57
N SER B 87 14.10 33.08 -26.25
CA SER B 87 14.13 31.67 -26.67
C SER B 87 15.55 31.13 -26.43
N PRO B 88 15.80 29.83 -26.70
CA PRO B 88 17.12 29.24 -26.42
C PRO B 88 18.26 29.88 -27.20
N ARG B 89 17.95 30.52 -28.33
CA ARG B 89 18.95 31.29 -29.07
C ARG B 89 19.70 32.30 -28.16
N LYS B 90 18.96 32.88 -27.22
CA LYS B 90 19.49 33.93 -26.34
C LYS B 90 20.54 33.36 -25.39
N GLN B 91 20.42 32.07 -25.08
CA GLN B 91 21.35 31.33 -24.20
C GLN B 91 21.40 31.88 -22.77
N TYR B 92 20.24 32.31 -22.25
CA TYR B 92 20.21 32.99 -20.98
C TYR B 92 19.93 32.00 -19.84
N SER B 93 20.75 32.10 -18.79
CA SER B 93 20.38 31.59 -17.47
C SER B 93 21.09 32.46 -16.44
N CYS B 94 20.75 32.26 -15.17
CA CYS B 94 21.15 33.18 -14.11
C CYS B 94 21.86 32.42 -12.98
N TRP B 95 21.18 31.46 -12.39
CA TRP B 95 21.83 30.50 -11.49
C TRP B 95 22.03 29.14 -12.22
N ASP B 96 21.90 28.01 -11.55
CA ASP B 96 22.31 26.74 -12.12
C ASP B 96 21.23 26.03 -12.94
N GLU B 97 20.11 26.74 -13.18
CA GLU B 97 18.92 26.16 -13.78
C GLU B 97 19.06 25.86 -15.28
N GLY B 98 20.05 26.45 -15.93
CA GLY B 98 20.27 26.27 -17.35
C GLY B 98 19.29 27.02 -18.23
N VAL B 99 19.57 26.98 -19.52
CA VAL B 99 18.70 27.58 -20.52
C VAL B 99 17.32 26.96 -20.41
N ASP B 100 17.25 25.62 -20.27
CA ASP B 100 15.95 24.94 -20.15
C ASP B 100 15.12 25.42 -18.93
N GLY B 101 15.80 25.74 -17.84
CA GLY B 101 15.12 26.39 -16.68
C GLY B 101 14.30 27.63 -17.04
N TRP B 102 14.87 28.53 -17.83
CA TRP B 102 14.16 29.75 -18.25
C TRP B 102 13.08 29.48 -19.28
N ILE B 103 13.21 28.42 -20.06
CA ILE B 103 12.14 28.06 -20.97
C ILE B 103 10.96 27.51 -20.15
N GLU B 104 11.23 26.80 -19.06
CA GLU B 104 10.12 26.48 -18.13
C GLU B 104 9.47 27.73 -17.51
N LEU B 105 10.26 28.73 -17.11
CA LEU B 105 9.66 29.94 -16.50
C LEU B 105 8.85 30.70 -17.54
N LYS B 106 9.36 30.76 -18.78
CA LYS B 106 8.64 31.37 -19.91
C LYS B 106 7.26 30.71 -20.06
N THR B 107 7.28 29.38 -20.08
CA THR B 107 6.05 28.61 -20.17
C THR B 107 5.09 28.92 -19.00
N ARG B 108 5.60 28.96 -17.76
CA ARG B 108 4.74 29.30 -16.61
C ARG B 108 4.09 30.68 -16.76
N PHE B 109 4.90 31.66 -17.18
CA PHE B 109 4.44 33.01 -17.32
C PHE B 109 3.33 33.14 -18.35
N TYR B 110 3.55 32.64 -19.58
CA TYR B 110 2.50 32.78 -20.59
C TYR B 110 1.20 32.03 -20.20
N THR B 111 1.35 30.90 -19.53
CA THR B 111 0.21 30.09 -19.05
C THR B 111 -0.66 30.96 -18.17
N LYS B 112 -0.03 31.63 -17.19
CA LYS B 112 -0.74 32.53 -16.28
C LYS B 112 -1.31 33.77 -16.96
N LEU B 113 -0.52 34.40 -17.82
CA LEU B 113 -0.98 35.55 -18.58
C LEU B 113 -2.20 35.25 -19.43
N TYR B 114 -2.16 34.16 -20.21
CA TYR B 114 -3.35 33.79 -21.00
C TYR B 114 -4.61 33.53 -20.11
N GLN B 115 -4.42 32.80 -19.02
CA GLN B 115 -5.53 32.53 -18.10
C GLN B 115 -6.15 33.80 -17.55
N MET B 116 -5.30 34.69 -17.06
CA MET B 116 -5.78 35.90 -16.43
C MET B 116 -6.41 36.85 -17.46
N ALA B 117 -5.84 36.84 -18.68
CA ALA B 117 -6.32 37.65 -19.80
C ALA B 117 -7.77 37.40 -20.20
N THR B 118 -8.24 36.15 -20.04
CA THR B 118 -9.59 35.79 -20.50
C THR B 118 -10.71 36.43 -19.66
N THR B 119 -10.38 36.91 -18.46
CA THR B 119 -11.36 37.63 -17.63
C THR B 119 -11.06 39.12 -17.47
N SER B 120 -10.22 39.67 -18.36
CA SER B 120 -9.82 41.07 -18.36
C SER B 120 -10.04 41.65 -19.73
N ARG B 121 -10.18 42.98 -19.81
CA ARG B 121 -10.18 43.68 -21.06
C ARG B 121 -8.79 44.33 -21.29
N CYS B 122 -8.31 45.06 -20.28
CA CYS B 122 -7.05 45.79 -20.36
C CYS B 122 -5.96 45.01 -19.66
N ILE B 123 -4.77 45.07 -20.27
CA ILE B 123 -3.54 44.50 -19.75
C ILE B 123 -2.44 45.57 -19.89
N LYS B 124 -1.84 45.96 -18.78
CA LYS B 124 -0.86 47.05 -18.75
C LYS B 124 0.35 46.72 -17.87
N LEU B 125 1.54 46.72 -18.46
CA LEU B 125 2.76 46.47 -17.70
C LEU B 125 3.10 47.75 -16.96
N ILE B 126 3.13 47.68 -15.62
CA ILE B 126 3.42 48.86 -14.81
C ILE B 126 4.66 48.71 -13.99
N GLN B 127 5.30 49.85 -13.70
CA GLN B 127 6.36 49.93 -12.70
C GLN B 127 5.74 50.15 -11.32
N LEU B 128 6.20 49.40 -10.33
CA LEU B 128 5.69 49.57 -8.97
C LEU B 128 6.59 50.56 -8.24
N GLN B 129 6.05 51.24 -7.24
CA GLN B 129 6.85 52.14 -6.42
C GLN B 129 7.85 51.35 -5.60
N ALA B 130 9.03 51.91 -5.40
CA ALA B 130 10.02 51.36 -4.48
C ALA B 130 9.40 51.32 -3.08
N PRO B 131 9.67 50.26 -2.31
CA PRO B 131 9.17 50.30 -0.92
C PRO B 131 9.74 51.48 -0.16
N SER B 132 8.93 52.00 0.76
CA SER B 132 9.37 53.04 1.70
C SER B 132 10.39 52.51 2.68
N SER B 133 11.31 53.35 3.10
CA SER B 133 12.24 53.03 4.19
C SER B 133 13.00 51.72 3.95
N LEU B 134 13.52 51.56 2.75
CA LEU B 134 14.34 50.40 2.39
C LEU B 134 15.61 50.37 3.22
N PRO B 135 15.91 49.23 3.86
CA PRO B 135 17.17 49.11 4.55
C PRO B 135 18.34 48.98 3.56
N THR B 136 19.58 48.93 4.06
CA THR B 136 20.75 48.84 3.19
C THR B 136 20.72 47.54 2.38
N LEU B 137 21.01 47.61 1.09
CA LEU B 137 20.91 46.45 0.19
C LEU B 137 22.03 46.40 -0.83
N GLN B 138 22.63 45.21 -0.93
CA GLN B 138 23.61 44.88 -1.94
C GLN B 138 22.89 44.18 -3.09
N ALA B 139 23.13 44.63 -4.32
CA ALA B 139 22.48 44.02 -5.46
C ALA B 139 22.80 42.52 -5.52
N GLY B 140 21.78 41.71 -5.79
CA GLY B 140 21.99 40.31 -6.15
C GLY B 140 22.74 40.18 -7.45
N VAL B 141 23.32 38.99 -7.69
CA VAL B 141 23.99 38.68 -8.96
C VAL B 141 23.58 37.30 -9.45
N CYS B 142 23.72 37.10 -10.77
CA CYS B 142 23.62 35.77 -11.33
C CYS B 142 24.98 35.06 -11.20
N ARG B 143 24.98 33.75 -10.92
CA ARG B 143 26.20 32.94 -10.97
C ARG B 143 26.83 32.95 -12.37
N THR B 144 25.96 33.04 -13.38
CA THR B 144 26.43 33.13 -14.78
C THR B 144 27.00 34.49 -15.15
N ASN B 145 26.82 35.44 -14.24
CA ASN B 145 27.11 36.85 -14.49
C ASN B 145 26.35 37.48 -15.67
N LYS B 146 25.30 36.82 -16.15
CA LYS B 146 24.33 37.46 -17.05
C LYS B 146 23.42 38.41 -16.22
N GLN B 147 22.58 39.17 -16.89
CA GLN B 147 21.83 40.24 -16.23
C GLN B 147 20.76 39.66 -15.29
N LEU B 148 20.83 40.03 -14.00
CA LEU B 148 19.86 39.59 -13.01
C LEU B 148 18.54 40.26 -13.34
N PRO B 149 17.43 39.51 -13.23
CA PRO B 149 16.16 40.19 -13.41
C PRO B 149 15.98 41.41 -12.51
N ASP B 150 15.37 42.46 -13.07
CA ASP B 150 15.03 43.68 -12.34
C ASP B 150 13.74 43.49 -11.55
N ASN B 151 12.97 42.48 -11.95
CA ASN B 151 11.71 42.16 -11.33
C ASN B 151 11.56 40.64 -11.26
N PRO B 152 11.33 40.08 -10.06
CA PRO B 152 11.37 40.78 -8.78
C PRO B 152 12.79 41.14 -8.42
N ARG B 153 12.97 42.12 -7.52
CA ARG B 153 14.29 42.44 -7.08
C ARG B 153 14.77 41.35 -6.16
N LEU B 154 15.98 40.88 -6.39
CA LEU B 154 16.74 40.04 -5.46
C LEU B 154 17.93 40.86 -4.97
N ALA B 155 18.01 41.03 -3.64
CA ALA B 155 19.06 41.83 -3.01
C ALA B 155 19.42 41.22 -1.66
N LEU B 156 20.57 41.62 -1.12
CA LEU B 156 21.06 41.08 0.15
C LEU B 156 21.14 42.16 1.23
N LEU B 157 20.54 41.86 2.37
CA LEU B 157 20.60 42.69 3.56
C LEU B 157 21.96 42.49 4.23
N SER B 158 22.34 43.44 5.10
CA SER B 158 23.63 43.41 5.80
C SER B 158 23.70 42.41 6.95
N ASP B 159 22.53 42.00 7.41
CA ASP B 159 22.40 41.15 8.59
C ASP B 159 21.61 39.89 8.21
N THR B 160 21.26 39.07 9.21
CA THR B 160 20.58 37.80 8.95
C THR B 160 19.29 37.63 9.73
N VAL B 161 18.75 38.71 10.30
CA VAL B 161 17.52 38.64 11.10
C VAL B 161 16.24 38.88 10.29
N PRO B 162 15.10 38.35 10.76
CA PRO B 162 13.86 38.54 10.02
C PRO B 162 13.55 40.01 9.77
N THR B 163 13.13 40.33 8.55
CA THR B 163 12.69 41.66 8.22
C THR B 163 11.67 41.67 7.10
N SER B 164 11.03 42.81 6.94
CA SER B 164 9.91 42.97 6.05
C SER B 164 9.86 44.38 5.46
N VAL B 165 9.61 44.47 4.16
CA VAL B 165 9.36 45.78 3.53
C VAL B 165 7.99 45.73 2.88
N GLN B 166 7.39 46.91 2.66
CA GLN B 166 6.04 47.01 2.11
C GLN B 166 6.04 47.45 0.66
N PHE B 167 5.28 46.72 -0.17
CA PHE B 167 5.09 47.09 -1.58
C PHE B 167 3.60 47.28 -1.88
N VAL B 168 3.29 48.17 -2.82
CA VAL B 168 1.91 48.48 -3.15
C VAL B 168 1.60 48.07 -4.59
N LEU B 169 0.60 47.22 -4.73
CA LEU B 169 0.02 46.93 -6.02
C LEU B 169 -1.17 47.89 -6.17
N PRO B 170 -1.07 48.90 -7.07
CA PRO B 170 -2.12 49.94 -7.10
C PRO B 170 -3.46 49.45 -7.62
N GLY B 171 -4.55 50.14 -7.26
CA GLY B 171 -5.87 49.83 -7.78
C GLY B 171 -6.15 50.43 -9.14
N SER B 172 -5.25 51.26 -9.65
CA SER B 172 -5.35 51.82 -11.00
C SER B 172 -3.99 52.35 -11.48
N SER B 173 -3.85 52.51 -12.79
CA SER B 173 -2.66 53.11 -13.42
C SER B 173 -3.19 53.96 -14.58
N GLY B 174 -3.06 55.28 -14.47
CA GLY B 174 -3.78 56.20 -15.38
C GLY B 174 -5.27 55.90 -15.36
N THR B 175 -5.87 55.73 -16.53
CA THR B 175 -7.33 55.41 -16.66
C THR B 175 -7.62 53.91 -16.68
N THR B 176 -6.58 53.09 -16.53
CA THR B 176 -6.74 51.65 -16.45
C THR B 176 -6.98 51.26 -15.00
N ILE B 177 -8.08 50.56 -14.75
CA ILE B 177 -8.35 49.99 -13.45
C ILE B 177 -7.57 48.70 -13.29
N CYS B 178 -6.99 48.51 -12.11
CA CYS B 178 -6.30 47.28 -11.79
C CYS B 178 -7.12 46.50 -10.77
N THR B 179 -7.95 45.58 -11.26
CA THR B 179 -8.70 44.69 -10.38
C THR B 179 -7.84 43.49 -9.99
N LYS B 180 -6.74 43.26 -10.71
CA LYS B 180 -5.79 42.22 -10.31
C LYS B 180 -4.43 42.49 -10.93
N HIS B 181 -3.44 41.76 -10.44
CA HIS B 181 -2.06 41.88 -10.90
C HIS B 181 -1.45 40.49 -11.10
N LEU B 182 -0.73 40.34 -12.21
CA LEU B 182 0.16 39.20 -12.39
C LEU B 182 1.52 39.63 -11.92
N VAL B 183 2.04 38.92 -10.92
CA VAL B 183 3.25 39.33 -10.19
C VAL B 183 4.20 38.12 -10.03
N PRO B 184 5.48 38.28 -10.38
CA PRO B 184 6.37 37.15 -10.22
C PRO B 184 6.88 37.05 -8.80
N PHE B 185 6.97 35.82 -8.32
CA PHE B 185 7.55 35.46 -7.02
C PHE B 185 8.69 34.49 -7.34
N CYS B 186 9.90 34.87 -6.98
CA CYS B 186 11.10 34.09 -7.33
C CYS B 186 12.05 33.91 -6.13
N TYR B 187 12.94 32.94 -6.28
CA TYR B 187 13.80 32.48 -5.20
C TYR B 187 14.93 31.61 -5.75
N LEU B 188 15.95 31.42 -4.92
CA LEU B 188 17.06 30.54 -5.19
C LEU B 188 16.86 29.27 -4.39
N ASN B 189 16.62 28.16 -5.09
CA ASN B 189 16.20 26.93 -4.47
C ASN B 189 17.40 26.05 -4.10
N HIS B 190 17.10 24.84 -3.66
CA HIS B 190 18.09 23.80 -3.28
C HIS B 190 18.91 24.14 -2.03
N GLY B 191 18.21 24.32 -0.91
CA GLY B 191 18.84 24.38 0.39
C GLY B 191 19.45 25.70 0.81
N CYS B 192 20.16 25.66 1.92
CA CYS B 192 20.77 26.85 2.49
C CYS B 192 21.78 27.44 1.52
N PHE B 193 21.99 28.73 1.63
CA PHE B 193 22.81 29.48 0.69
C PHE B 193 23.95 30.08 1.49
N THR B 194 25.19 29.78 1.07
CA THR B 194 26.38 30.21 1.80
C THR B 194 26.78 31.64 1.47
N THR B 195 26.64 32.50 2.47
CA THR B 195 27.03 33.89 2.37
C THR B 195 27.21 34.45 3.78
N GLY B 196 28.10 35.44 3.91
CA GLY B 196 28.43 36.01 5.20
C GLY B 196 29.17 35.01 6.07
N GLY B 197 29.70 33.95 5.45
CA GLY B 197 30.52 32.95 6.14
C GLY B 197 29.82 31.75 6.78
N SER B 198 28.53 31.56 6.50
CA SER B 198 27.79 30.38 6.92
C SER B 198 26.68 30.09 5.90
N CYS B 199 26.15 28.88 5.96
CA CYS B 199 25.08 28.47 5.06
C CYS B 199 23.74 28.87 5.67
N LEU B 200 23.08 29.87 5.08
CA LEU B 200 21.88 30.52 5.68
C LEU B 200 20.59 29.98 5.04
N PRO B 201 19.49 29.92 5.82
CA PRO B 201 18.19 29.60 5.27
C PRO B 201 17.80 30.60 4.20
N PHE B 202 17.22 30.11 3.12
CA PHE B 202 16.65 30.99 2.08
C PHE B 202 15.15 30.95 2.23
N GLY B 203 14.60 32.03 2.77
CA GLY B 203 13.18 32.04 3.09
C GLY B 203 12.57 33.40 2.84
N VAL B 204 11.72 33.44 1.84
CA VAL B 204 11.10 34.68 1.41
C VAL B 204 9.62 34.46 1.17
N SER B 205 8.85 35.52 1.28
CA SER B 205 7.41 35.42 1.15
C SER B 205 6.76 36.76 0.80
N TYR B 206 5.60 36.69 0.13
CA TYR B 206 4.68 37.83 -0.02
C TYR B 206 3.47 37.56 0.87
N VAL B 207 3.16 38.51 1.75
CA VAL B 207 2.07 38.34 2.70
C VAL B 207 1.21 39.60 2.85
N SER B 208 -0.05 39.39 3.15
CA SER B 208 -0.92 40.42 3.69
C SER B 208 -1.90 39.73 4.62
N ASP B 209 -2.84 40.49 5.20
CA ASP B 209 -3.92 39.91 6.01
C ASP B 209 -4.71 38.83 5.28
N SER B 210 -4.79 38.89 3.95
CA SER B 210 -5.55 37.90 3.17
C SER B 210 -4.76 37.35 1.98
N PHE B 211 -3.45 37.29 2.10
CA PHE B 211 -2.62 36.68 1.08
C PHE B 211 -1.39 36.01 1.70
N TYR B 212 -1.03 34.82 1.20
CA TYR B 212 0.27 34.21 1.50
C TYR B 212 0.82 33.40 0.33
N TYR B 213 2.07 33.67 -0.01
CA TYR B 213 2.84 32.80 -0.91
C TYR B 213 4.28 32.87 -0.47
N GLY B 214 4.91 31.72 -0.33
CA GLY B 214 6.28 31.66 0.19
C GLY B 214 7.13 30.50 -0.21
N TYR B 215 8.41 30.62 0.13
CA TYR B 215 9.41 29.58 -0.05
C TYR B 215 10.34 29.59 1.15
N TYR B 216 10.72 28.40 1.60
CA TYR B 216 11.68 28.24 2.70
C TYR B 216 12.51 26.97 2.54
N ASP B 217 13.82 27.12 2.60
CA ASP B 217 14.69 25.95 2.64
C ASP B 217 16.00 26.27 3.39
N ALA B 218 16.28 25.47 4.42
CA ALA B 218 17.52 25.51 5.18
C ALA B 218 18.25 24.17 5.14
N THR B 219 17.95 23.34 4.15
CA THR B 219 18.56 22.02 4.04
C THR B 219 20.08 22.18 3.85
N PRO B 220 20.87 21.51 4.68
CA PRO B 220 22.33 21.59 4.52
C PRO B 220 22.81 21.02 3.21
N GLN B 221 23.93 21.56 2.74
CA GLN B 221 24.62 21.10 1.56
C GLN B 221 25.57 19.92 1.86
N ILE B 222 25.72 19.04 0.87
CA ILE B 222 26.59 17.88 0.96
C ILE B 222 27.89 18.17 0.23
N GLY B 223 29.02 17.97 0.91
CA GLY B 223 30.34 18.29 0.32
C GLY B 223 30.42 19.67 -0.32
N SER B 224 31.01 19.72 -1.52
CA SER B 224 31.11 20.96 -2.35
C SER B 224 30.06 21.09 -3.43
N THR B 225 28.94 20.39 -3.27
CA THR B 225 27.95 20.29 -4.32
C THR B 225 26.91 21.42 -4.28
N GLU B 226 27.07 22.42 -3.42
CA GLU B 226 26.09 23.53 -3.35
C GLU B 226 25.72 24.14 -4.73
N SER B 227 24.43 24.08 -5.04
CA SER B 227 23.87 24.50 -6.33
C SER B 227 22.50 25.10 -6.04
N HIS B 228 22.14 26.18 -6.72
CA HIS B 228 20.83 26.78 -6.59
C HIS B 228 20.31 27.12 -7.97
N ASP B 229 19.01 27.02 -8.15
CA ASP B 229 18.36 27.47 -9.37
C ASP B 229 17.53 28.68 -9.08
N TYR B 230 17.47 29.59 -10.03
CA TYR B 230 16.58 30.72 -9.98
C TYR B 230 15.21 30.22 -10.48
N VAL B 231 14.20 30.24 -9.60
CA VAL B 231 12.87 29.73 -9.90
C VAL B 231 11.83 30.82 -9.64
N CYS B 232 10.78 30.85 -10.46
CA CYS B 232 9.66 31.81 -10.31
C CYS B 232 8.31 31.13 -10.38
N ASP B 233 7.35 31.66 -9.62
CA ASP B 233 5.94 31.34 -9.80
C ASP B 233 5.26 32.66 -10.17
N TYR B 234 4.28 32.62 -11.07
CA TYR B 234 3.58 33.81 -11.54
C TYR B 234 2.21 33.90 -10.88
N LEU B 235 2.07 34.90 -10.00
CA LEU B 235 0.93 34.92 -9.09
C LEU B 235 -0.15 35.93 -9.45
N PHE B 236 -1.39 35.53 -9.14
CA PHE B 236 -2.55 36.39 -9.19
C PHE B 236 -2.60 37.10 -7.85
N MET B 237 -2.50 38.41 -7.86
CA MET B 237 -2.59 39.22 -6.64
C MET B 237 -3.55 40.38 -6.81
N GLU B 238 -4.45 40.55 -5.83
CA GLU B 238 -5.38 41.68 -5.85
C GLU B 238 -4.60 42.95 -5.52
N PRO B 239 -5.11 44.12 -5.96
CA PRO B 239 -4.50 45.38 -5.57
C PRO B 239 -4.52 45.57 -4.05
N GLY B 240 -3.52 46.30 -3.56
CA GLY B 240 -3.43 46.62 -2.14
C GLY B 240 -2.01 46.62 -1.66
N THR B 241 -1.84 46.68 -0.34
CA THR B 241 -0.52 46.79 0.25
C THR B 241 -0.13 45.43 0.80
N TYR B 242 1.13 45.05 0.52
CA TYR B 242 1.66 43.76 0.91
C TYR B 242 3.02 43.91 1.56
N ASN B 243 3.42 42.89 2.30
CA ASN B 243 4.78 42.80 2.77
C ASN B 243 5.55 41.77 1.99
N ALA B 244 6.76 42.14 1.59
CA ALA B 244 7.77 41.21 1.12
C ALA B 244 8.57 40.88 2.36
N SER B 245 8.41 39.66 2.86
CA SER B 245 9.09 39.24 4.09
C SER B 245 10.25 38.30 3.81
N THR B 246 11.14 38.24 4.78
CA THR B 246 12.28 37.36 4.77
C THR B 246 12.64 36.87 6.18
N VAL B 247 13.11 35.62 6.27
CA VAL B 247 13.64 35.10 7.52
C VAL B 247 15.02 35.72 7.79
N GLY B 248 15.62 36.32 6.76
CA GLY B 248 16.86 37.10 6.91
C GLY B 248 17.77 37.04 5.69
N LYS B 249 18.61 38.07 5.56
CA LYS B 249 19.65 38.15 4.52
C LYS B 249 19.10 38.40 3.11
N PHE B 250 18.31 37.46 2.59
CA PHE B 250 17.83 37.53 1.22
C PHE B 250 16.51 38.30 1.17
N LEU B 251 16.42 39.34 0.35
CA LEU B 251 15.15 40.07 0.16
C LEU B 251 14.71 39.99 -1.30
N VAL B 252 13.44 39.62 -1.49
CA VAL B 252 12.81 39.55 -2.80
C VAL B 252 11.50 40.35 -2.76
N TYR B 253 11.38 41.34 -3.65
CA TYR B 253 10.14 42.11 -3.78
C TYR B 253 9.94 42.53 -5.24
N PRO B 254 8.67 42.63 -5.67
CA PRO B 254 8.38 42.91 -7.09
C PRO B 254 8.53 44.38 -7.41
N THR B 255 8.97 44.67 -8.64
CA THR B 255 9.17 46.03 -9.07
C THR B 255 8.27 46.36 -10.29
N LYS B 256 7.60 45.35 -10.85
CA LYS B 256 6.75 45.53 -12.03
C LYS B 256 5.64 44.50 -11.91
N SER B 257 4.50 44.81 -12.53
CA SER B 257 3.40 43.86 -12.60
C SER B 257 2.62 44.07 -13.88
N TYR B 258 1.83 43.07 -14.29
CA TYR B 258 0.80 43.31 -15.29
C TYR B 258 -0.50 43.65 -14.54
N CYS B 259 -0.90 44.90 -14.65
CA CYS B 259 -2.20 45.40 -14.20
C CYS B 259 -3.30 45.01 -15.19
N MET B 260 -4.36 44.38 -14.68
CA MET B 260 -5.48 44.00 -15.52
C MET B 260 -6.77 44.42 -14.85
N ASP B 261 -7.75 44.74 -15.68
CA ASP B 261 -9.10 45.00 -15.21
C ASP B 261 -9.98 43.77 -15.33
N THR B 262 -11.29 43.93 -15.17
CA THR B 262 -12.22 42.81 -15.18
C THR B 262 -13.27 43.00 -16.26
N MET B 263 -13.56 41.95 -17.02
CA MET B 263 -14.77 41.95 -17.82
C MET B 263 -15.59 40.76 -17.40
N ASN B 264 -16.91 40.88 -17.53
CA ASN B 264 -17.82 39.94 -16.88
C ASN B 264 -18.13 38.66 -17.70
N ILE B 265 -17.57 38.57 -18.89
CA ILE B 265 -17.68 37.38 -19.72
C ILE B 265 -16.25 36.84 -19.91
N THR B 266 -16.08 35.53 -19.91
CA THR B 266 -14.77 34.93 -20.19
C THR B 266 -14.68 34.70 -21.68
N VAL B 267 -13.55 35.09 -22.27
CA VAL B 267 -13.29 34.93 -23.69
C VAL B 267 -11.85 34.39 -23.87
N PRO B 268 -11.70 33.24 -24.51
CA PRO B 268 -10.33 32.77 -24.73
C PRO B 268 -9.52 33.75 -25.56
N VAL B 269 -8.23 33.79 -25.27
CA VAL B 269 -7.29 34.56 -26.07
C VAL B 269 -6.80 33.71 -27.23
N GLN B 270 -6.05 34.33 -28.14
CA GLN B 270 -5.56 33.68 -29.36
C GLN B 270 -4.05 33.89 -29.36
N ALA B 271 -3.27 32.83 -29.58
CA ALA B 271 -1.81 32.96 -29.65
C ALA B 271 -1.30 32.30 -30.92
N VAL B 272 -0.40 33.00 -31.61
CA VAL B 272 0.20 32.51 -32.86
C VAL B 272 1.66 32.10 -32.55
N GLN B 273 2.05 30.93 -33.04
CA GLN B 273 3.41 30.40 -32.82
C GLN B 273 4.48 31.43 -33.20
N SER B 274 5.43 31.68 -32.28
CA SER B 274 6.43 32.75 -32.40
C SER B 274 7.78 32.10 -32.31
N ILE B 275 8.42 31.90 -33.47
CA ILE B 275 9.68 31.13 -33.52
C ILE B 275 10.73 31.81 -34.41
N TRP B 276 11.97 31.34 -34.34
CA TRP B 276 13.03 31.80 -35.29
C TRP B 276 13.07 30.92 -36.53
N SER B 277 13.76 31.39 -37.55
CA SER B 277 14.15 30.54 -38.67
C SER B 277 14.97 29.35 -38.14
N GLU B 278 15.15 28.33 -38.97
CA GLU B 278 15.84 27.12 -38.56
C GLU B 278 17.35 27.27 -38.54
N GLN B 279 17.84 28.48 -38.79
CA GLN B 279 19.23 28.78 -38.48
C GLN B 279 19.46 28.79 -36.93
N TYR B 280 18.40 29.09 -36.18
CA TYR B 280 18.50 29.33 -34.71
C TYR B 280 17.63 28.40 -33.87
N ALA B 281 17.95 28.34 -32.58
CA ALA B 281 17.22 27.49 -31.62
C ALA B 281 15.94 28.20 -31.09
N SER B 282 14.79 27.55 -31.26
CA SER B 282 13.49 28.06 -30.78
C SER B 282 12.98 27.15 -29.66
N ASP B 283 11.86 27.49 -29.05
CA ASP B 283 11.19 26.63 -28.11
C ASP B 283 9.68 26.57 -28.41
N ASP B 284 8.99 25.71 -27.66
CA ASP B 284 7.56 25.55 -27.79
C ASP B 284 6.80 26.07 -26.54
N ALA B 285 7.32 27.09 -25.85
CA ALA B 285 6.67 27.61 -24.64
C ALA B 285 5.30 28.18 -24.95
N ILE B 286 5.16 28.86 -26.07
CA ILE B 286 3.85 29.43 -26.42
C ILE B 286 2.80 28.32 -26.64
N GLY B 287 3.14 27.32 -27.43
CA GLY B 287 2.26 26.18 -27.68
C GLY B 287 1.96 25.39 -26.42
N GLN B 288 2.92 25.29 -25.50
CA GLN B 288 2.68 24.58 -24.24
C GLN B 288 1.85 25.42 -23.28
N ALA B 289 1.92 26.74 -23.41
CA ALA B 289 1.13 27.65 -22.56
C ALA B 289 -0.28 27.88 -23.08
N CYS B 290 -0.44 27.87 -24.40
CA CYS B 290 -1.70 28.22 -25.03
C CYS B 290 -2.55 26.97 -25.21
N LYS B 291 -3.37 26.69 -24.20
CA LYS B 291 -4.13 25.44 -24.12
C LYS B 291 -5.61 25.73 -23.86
N ALA B 292 -6.49 24.87 -24.37
CA ALA B 292 -7.90 24.89 -23.99
C ALA B 292 -7.96 24.84 -22.47
N PRO B 293 -8.93 25.51 -21.85
CA PRO B 293 -10.04 26.28 -22.40
C PRO B 293 -9.78 27.78 -22.50
N TYR B 294 -8.58 28.23 -22.17
CA TYR B 294 -8.31 29.67 -22.04
C TYR B 294 -7.62 30.27 -23.25
N CYS B 295 -7.07 29.43 -24.14
CA CYS B 295 -6.27 29.94 -25.25
C CYS B 295 -6.42 29.07 -26.53
N ILE B 296 -6.55 29.77 -27.66
CA ILE B 296 -6.65 29.16 -29.00
C ILE B 296 -5.29 29.33 -29.71
N PHE B 297 -4.63 28.21 -29.93
CA PHE B 297 -3.26 28.24 -30.40
C PHE B 297 -3.29 27.98 -31.89
N TYR B 298 -2.75 28.94 -32.63
CA TYR B 298 -2.56 28.85 -34.08
C TYR B 298 -1.11 28.53 -34.37
N ASN B 299 -0.82 27.24 -34.50
CA ASN B 299 0.57 26.83 -34.75
C ASN B 299 0.97 27.06 -36.21
N LYS B 300 2.27 27.12 -36.45
CA LYS B 300 2.79 27.05 -37.81
C LYS B 300 3.01 25.59 -38.23
N THR B 301 2.62 25.28 -39.47
CA THR B 301 2.87 23.97 -40.03
C THR B 301 4.13 23.97 -40.91
N THR B 302 4.71 25.14 -41.15
CA THR B 302 5.98 25.27 -41.89
C THR B 302 6.99 25.99 -41.01
N PRO B 303 8.29 25.82 -41.31
CA PRO B 303 9.26 26.71 -40.70
C PRO B 303 9.02 28.20 -41.01
N TYR B 304 9.75 29.06 -40.32
CA TYR B 304 9.70 30.47 -40.53
C TYR B 304 10.45 30.71 -41.83
N THR B 305 9.70 31.18 -42.83
CA THR B 305 10.03 31.11 -44.23
C THR B 305 9.73 32.43 -44.90
N VAL B 306 10.79 33.19 -45.18
CA VAL B 306 10.67 34.51 -45.75
C VAL B 306 11.07 34.47 -47.23
N THR B 307 10.17 34.94 -48.08
CA THR B 307 10.44 35.10 -49.52
C THR B 307 10.46 36.55 -49.96
N ASN B 308 9.74 37.42 -49.24
CA ASN B 308 9.81 38.85 -49.47
C ASN B 308 9.69 39.64 -48.16
N GLY B 309 10.74 39.54 -47.35
CA GLY B 309 10.84 40.24 -46.06
C GLY B 309 12.15 40.98 -45.92
N SER B 310 12.42 41.50 -44.73
CA SER B 310 13.60 42.33 -44.49
C SER B 310 14.85 41.47 -44.18
N ASP B 311 14.61 40.29 -43.59
CA ASP B 311 15.67 39.31 -43.34
C ASP B 311 15.01 37.94 -43.13
N ALA B 312 15.79 36.92 -42.82
CA ALA B 312 15.22 35.56 -42.71
C ALA B 312 14.22 35.40 -41.54
N ASN B 313 14.20 36.36 -40.63
CA ASN B 313 13.31 36.28 -39.47
C ASN B 313 12.19 37.29 -39.43
N HIS B 314 11.97 37.96 -40.55
CA HIS B 314 10.83 38.88 -40.67
C HIS B 314 10.17 38.77 -42.02
N GLY B 315 8.90 38.35 -42.01
CA GLY B 315 8.04 38.30 -43.19
C GLY B 315 7.68 36.87 -43.59
N ASP B 316 7.32 36.06 -42.59
CA ASP B 316 6.92 34.66 -42.81
C ASP B 316 5.64 34.57 -43.64
N ASP B 317 5.70 33.75 -44.69
CA ASP B 317 4.57 33.67 -45.61
C ASP B 317 3.33 33.04 -44.97
N GLU B 318 3.54 32.00 -44.19
CA GLU B 318 2.43 31.36 -43.48
C GLU B 318 1.75 32.33 -42.52
N VAL B 319 2.51 32.93 -41.61
CA VAL B 319 1.87 33.85 -40.64
C VAL B 319 1.24 35.05 -41.36
N ARG B 320 1.90 35.56 -42.40
CA ARG B 320 1.30 36.63 -43.19
C ARG B 320 -0.10 36.23 -43.71
N MET B 321 -0.23 35.01 -44.21
CA MET B 321 -1.53 34.54 -44.70
C MET B 321 -2.51 34.42 -43.53
N MET B 322 -2.06 33.85 -42.41
CA MET B 322 -2.94 33.72 -41.24
C MET B 322 -3.49 35.06 -40.77
N MET B 323 -2.63 36.07 -40.72
CA MET B 323 -3.00 37.38 -40.16
C MET B 323 -4.00 38.16 -41.05
N GLN B 324 -4.14 37.76 -42.32
CA GLN B 324 -5.18 38.34 -43.18
C GLN B 324 -6.56 38.15 -42.54
N GLY B 325 -6.69 37.12 -41.70
CA GLY B 325 -7.94 36.84 -40.98
C GLY B 325 -8.40 37.98 -40.11
N LEU B 326 -7.46 38.83 -39.69
CA LEU B 326 -7.82 39.95 -38.82
C LEU B 326 -8.45 41.13 -39.57
N LEU B 327 -8.48 41.06 -40.90
CA LEU B 327 -9.09 42.13 -41.74
C LEU B 327 -10.60 41.94 -41.90
N ARG B 328 -11.12 40.80 -41.46
CA ARG B 328 -12.52 40.46 -41.69
C ARG B 328 -13.32 40.58 -40.40
N ASN B 329 -14.61 40.83 -40.59
CA ASN B 329 -15.55 40.97 -39.50
C ASN B 329 -16.26 39.62 -39.37
N SER B 330 -15.74 38.76 -38.49
CA SER B 330 -16.18 37.37 -38.38
C SER B 330 -17.30 37.16 -37.35
N SER B 331 -17.92 35.99 -37.36
CA SER B 331 -18.90 35.61 -36.33
C SER B 331 -18.45 34.52 -35.39
N CYS B 332 -17.51 33.71 -35.84
CA CYS B 332 -17.06 32.55 -35.14
C CYS B 332 -15.53 32.56 -35.16
N ILE B 333 -14.94 32.29 -34.01
CA ILE B 333 -13.48 32.21 -33.82
C ILE B 333 -13.20 30.85 -33.20
N SER B 334 -12.25 30.09 -33.76
CA SER B 334 -11.97 28.72 -33.39
C SER B 334 -10.54 28.34 -33.78
N PRO B 335 -10.07 27.14 -33.35
CA PRO B 335 -8.72 26.72 -33.71
C PRO B 335 -8.54 26.46 -35.18
N GLN B 336 -9.65 26.26 -35.90
CA GLN B 336 -9.63 26.06 -37.35
C GLN B 336 -9.57 27.39 -38.07
N GLY B 337 -9.87 28.46 -37.35
CA GLY B 337 -9.82 29.77 -37.88
C GLY B 337 -11.17 30.44 -37.74
N SER B 338 -11.41 31.45 -38.55
CA SER B 338 -12.61 32.26 -38.49
C SER B 338 -13.63 31.89 -39.56
N THR B 339 -14.90 32.15 -39.29
CA THR B 339 -15.97 32.07 -40.27
C THR B 339 -16.91 33.26 -40.10
N PRO B 340 -17.61 33.64 -41.18
CA PRO B 340 -18.71 34.54 -41.04
C PRO B 340 -19.91 33.78 -40.51
N LEU B 341 -21.05 34.47 -40.40
CA LEU B 341 -22.29 33.84 -39.98
C LEU B 341 -22.77 32.89 -41.07
N ALA B 342 -22.92 31.62 -40.72
CA ALA B 342 -23.34 30.59 -41.67
C ALA B 342 -23.96 29.40 -40.93
N LEU B 343 -24.86 28.70 -41.61
CA LEU B 343 -25.46 27.52 -41.04
C LEU B 343 -24.45 26.38 -40.89
N TYR B 344 -23.62 26.19 -41.93
CA TYR B 344 -22.81 25.00 -42.04
C TYR B 344 -21.35 25.30 -42.34
N SER B 345 -20.50 24.36 -41.86
CA SER B 345 -19.07 24.36 -42.04
C SER B 345 -18.64 23.12 -42.84
N THR B 346 -17.58 23.28 -43.62
CA THR B 346 -17.00 22.20 -44.40
C THR B 346 -16.17 21.23 -43.54
N GLU B 347 -15.85 21.63 -42.31
CA GLU B 347 -15.13 20.77 -41.39
C GLU B 347 -15.61 20.97 -39.96
N MET B 348 -15.29 20.00 -39.12
CA MET B 348 -15.57 20.12 -37.69
C MET B 348 -14.81 21.29 -37.08
N ILE B 349 -15.57 22.06 -36.30
CA ILE B 349 -15.03 23.18 -35.51
C ILE B 349 -14.81 22.74 -34.06
N TYR B 350 -13.57 22.85 -33.60
CA TYR B 350 -13.14 22.31 -32.31
C TYR B 350 -13.08 23.44 -31.29
N GLU B 351 -12.72 23.11 -30.05
CA GLU B 351 -12.63 24.09 -28.96
C GLU B 351 -11.20 24.46 -28.67
N PRO B 352 -10.96 25.66 -28.09
CA PRO B 352 -12.01 26.63 -27.73
C PRO B 352 -12.57 27.36 -28.92
N ASN B 353 -13.85 27.68 -28.87
CA ASN B 353 -14.46 28.57 -29.85
C ASN B 353 -15.47 29.49 -29.20
N TYR B 354 -15.77 30.60 -29.88
CA TYR B 354 -16.74 31.53 -29.37
C TYR B 354 -17.34 32.28 -30.54
N GLY B 355 -18.40 33.01 -30.24
CA GLY B 355 -19.22 33.67 -31.22
C GLY B 355 -20.36 32.73 -31.56
N SER B 356 -20.88 32.86 -32.78
CA SER B 356 -21.93 31.97 -33.27
C SER B 356 -21.31 31.18 -34.44
N CYS B 357 -21.17 29.87 -34.26
CA CYS B 357 -20.36 29.04 -35.16
C CYS B 357 -21.20 28.11 -36.01
N PRO B 358 -20.82 27.96 -37.28
CA PRO B 358 -21.56 27.04 -38.14
C PRO B 358 -21.34 25.62 -37.67
N GLN B 359 -22.22 24.71 -38.05
CA GLN B 359 -22.10 23.30 -37.66
C GLN B 359 -21.65 22.48 -38.85
N PHE B 360 -20.85 21.47 -38.57
CA PHE B 360 -20.29 20.55 -39.59
C PHE B 360 -21.38 19.97 -40.48
N TYR B 361 -21.25 20.17 -41.78
CA TYR B 361 -22.37 19.87 -42.69
C TYR B 361 -22.77 18.39 -42.68
N LYS B 362 -21.79 17.51 -42.54
CA LYS B 362 -22.02 16.07 -42.55
C LYS B 362 -22.97 15.63 -41.44
N LEU B 363 -23.05 16.41 -40.36
CA LEU B 363 -23.98 16.10 -39.24
C LEU B 363 -25.45 16.14 -39.68
N PHE B 364 -25.74 16.94 -40.69
CA PHE B 364 -27.09 17.11 -41.18
C PHE B 364 -27.27 16.32 -42.47
N ASP B 365 -26.24 15.53 -42.80
CA ASP B 365 -26.18 14.63 -44.00
C ASP B 365 -26.11 15.41 -45.29
N THR C 2 38.65 -45.74 -1.46
CA THR C 2 37.68 -46.58 -2.25
C THR C 2 36.20 -46.20 -1.98
N PRO C 3 35.62 -45.30 -2.79
CA PRO C 3 34.26 -44.79 -2.50
C PRO C 3 33.13 -45.86 -2.50
N VAL C 4 32.16 -45.71 -1.61
CA VAL C 4 31.06 -46.68 -1.51
C VAL C 4 29.77 -46.09 -2.10
N THR C 5 28.86 -46.96 -2.53
CA THR C 5 27.60 -46.55 -3.16
C THR C 5 26.49 -46.87 -2.20
N PRO C 6 25.66 -45.87 -1.87
CA PRO C 6 24.54 -46.18 -0.98
C PRO C 6 23.59 -47.25 -1.54
N TYR C 7 23.13 -48.14 -0.66
CA TYR C 7 22.14 -49.14 -1.04
C TYR C 7 20.74 -48.55 -0.91
N TYR C 8 20.00 -48.46 -2.03
CA TYR C 8 18.73 -47.73 -2.04
C TYR C 8 17.61 -48.47 -1.27
N GLY C 9 17.08 -47.79 -0.25
CA GLY C 9 16.10 -48.40 0.66
C GLY C 9 16.33 -47.95 2.10
N PRO C 10 15.42 -48.32 3.02
CA PRO C 10 15.61 -47.90 4.40
C PRO C 10 16.75 -48.69 5.04
N GLY C 11 17.11 -48.30 6.26
CA GLY C 11 18.20 -48.95 6.98
C GLY C 11 18.16 -48.58 8.46
N HIS C 12 19.08 -49.16 9.23
CA HIS C 12 19.24 -48.80 10.63
C HIS C 12 20.73 -48.76 11.01
N ILE C 13 21.07 -47.93 11.99
CA ILE C 13 22.44 -47.81 12.49
C ILE C 13 22.69 -48.68 13.72
N THR C 14 21.68 -48.78 14.59
CA THR C 14 21.76 -49.63 15.77
C THR C 14 20.56 -50.56 15.87
N PHE C 15 20.58 -51.43 16.88
CA PHE C 15 19.50 -52.38 17.16
C PHE C 15 18.16 -51.69 17.48
N ASP C 16 18.22 -50.46 17.98
CA ASP C 16 17.05 -49.74 18.45
C ASP C 16 16.30 -49.07 17.30
N TRP C 17 15.60 -49.88 16.51
CA TRP C 17 14.73 -49.38 15.46
C TRP C 17 13.47 -50.21 15.40
N CYS C 18 12.48 -49.67 14.69
CA CYS C 18 11.22 -50.37 14.50
C CYS C 18 10.52 -49.95 13.24
N GLY C 19 9.57 -50.80 12.83
CA GLY C 19 8.73 -50.53 11.67
C GLY C 19 7.26 -50.46 11.99
N PHE C 20 6.53 -49.72 11.15
CA PHE C 20 5.07 -49.67 11.19
C PHE C 20 4.58 -50.03 9.79
N GLY C 21 3.67 -51.01 9.70
CA GLY C 21 3.17 -51.44 8.40
C GLY C 21 1.79 -52.09 8.38
N ASP C 22 1.56 -52.88 7.34
CA ASP C 22 0.24 -53.46 7.04
C ASP C 22 0.42 -54.94 6.64
N SER C 23 -0.39 -55.45 5.70
CA SER C 23 -0.28 -56.87 5.30
C SER C 23 1.10 -57.23 4.75
N ARG C 24 1.73 -56.28 4.05
CA ARG C 24 3.03 -56.52 3.41
C ARG C 24 4.22 -56.61 4.41
N SER C 25 3.95 -56.45 5.70
CA SER C 25 4.94 -56.75 6.75
C SER C 25 4.29 -57.47 7.94
N ASP C 26 3.18 -58.16 7.66
CA ASP C 26 2.41 -58.91 8.64
C ASP C 26 2.59 -60.41 8.36
N CYS C 27 3.27 -61.07 9.30
CA CYS C 27 3.54 -62.51 9.23
C CYS C 27 2.36 -63.37 9.71
N THR C 28 1.40 -62.76 10.42
CA THR C 28 0.18 -63.50 10.84
C THR C 28 -0.85 -63.59 9.70
N ASN C 29 -0.56 -62.94 8.58
CA ASN C 29 -1.28 -63.13 7.32
C ASN C 29 -1.25 -64.63 6.92
N PRO C 30 -2.43 -65.23 6.68
CA PRO C 30 -2.51 -66.63 6.22
C PRO C 30 -1.55 -66.94 5.07
N GLN C 31 -1.45 -66.03 4.10
CA GLN C 31 -0.64 -66.24 2.89
C GLN C 31 0.87 -65.94 3.06
N SER C 32 1.30 -65.62 4.29
CA SER C 32 2.72 -65.33 4.56
C SER C 32 3.58 -66.60 4.42
N PRO C 33 4.82 -66.47 3.91
CA PRO C 33 5.59 -65.28 3.54
C PRO C 33 5.50 -64.85 2.05
N MET C 34 4.63 -65.47 1.26
CA MET C 34 4.40 -65.07 -0.13
C MET C 34 3.89 -63.62 -0.25
N SER C 35 3.18 -63.16 0.78
CA SER C 35 2.50 -61.85 0.78
C SER C 35 3.32 -60.72 1.44
N LEU C 36 4.61 -60.97 1.69
CA LEU C 36 5.50 -59.99 2.33
C LEU C 36 6.27 -59.16 1.30
N ASP C 37 6.54 -57.91 1.67
CA ASP C 37 7.51 -57.06 0.97
C ASP C 37 8.81 -56.91 1.77
N ILE C 38 8.81 -57.36 3.02
CA ILE C 38 9.99 -57.36 3.88
C ILE C 38 10.53 -58.80 4.05
N PRO C 39 11.79 -58.94 4.48
CA PRO C 39 12.22 -60.28 4.92
C PRO C 39 11.34 -60.77 6.07
N GLN C 40 11.02 -62.06 6.08
CA GLN C 40 10.17 -62.67 7.11
C GLN C 40 10.76 -62.56 8.53
N GLN C 41 12.09 -62.59 8.63
CA GLN C 41 12.76 -62.53 9.94
C GLN C 41 12.65 -61.15 10.61
N LEU C 42 12.29 -60.13 9.83
CA LEU C 42 12.13 -58.77 10.35
C LEU C 42 10.69 -58.46 10.76
N CYS C 43 9.79 -59.43 10.63
CA CYS C 43 8.40 -59.28 11.11
C CYS C 43 8.28 -58.89 12.60
N PRO C 44 9.14 -59.45 13.47
CA PRO C 44 9.15 -59.05 14.88
C PRO C 44 9.50 -57.58 15.12
N LYS C 45 10.26 -56.96 14.20
CA LYS C 45 10.62 -55.56 14.32
C LYS C 45 9.46 -54.63 13.95
N PHE C 46 8.48 -55.18 13.24
CA PHE C 46 7.34 -54.42 12.77
C PHE C 46 6.10 -54.61 13.65
N SER C 47 5.33 -53.52 13.76
CA SER C 47 3.99 -53.53 14.34
C SER C 47 3.04 -53.27 13.18
N SER C 48 2.41 -54.33 12.69
CA SER C 48 1.61 -54.32 11.45
C SER C 48 0.36 -55.17 11.53
N LYS C 49 -0.55 -54.94 10.59
CA LYS C 49 -1.86 -55.60 10.56
C LYS C 49 -2.49 -55.52 9.16
N SER C 50 -2.92 -56.66 8.62
CA SER C 50 -3.48 -56.74 7.27
C SER C 50 -4.76 -55.89 7.13
N SER C 51 -4.84 -55.16 6.01
CA SER C 51 -5.98 -54.27 5.68
C SER C 51 -6.10 -52.99 6.56
N SER C 52 -5.08 -52.70 7.35
CA SER C 52 -5.08 -51.53 8.24
C SER C 52 -4.12 -50.46 7.77
N SER C 53 -4.19 -49.31 8.42
CA SER C 53 -3.19 -48.26 8.28
C SER C 53 -3.29 -47.38 9.53
N MET C 54 -2.21 -46.63 9.80
CA MET C 54 -2.14 -45.81 11.00
C MET C 54 -3.18 -44.68 10.96
N PHE C 55 -3.44 -44.15 9.77
CA PHE C 55 -4.49 -43.14 9.56
C PHE C 55 -5.89 -43.70 9.83
N LEU C 56 -6.23 -44.78 9.12
CA LEU C 56 -7.53 -45.46 9.26
C LEU C 56 -7.78 -45.80 10.72
N SER C 57 -6.76 -46.34 11.38
CA SER C 57 -6.87 -46.79 12.78
C SER C 57 -7.07 -45.66 13.80
N LEU C 58 -6.63 -44.45 13.47
CA LEU C 58 -6.87 -43.28 14.34
C LEU C 58 -8.34 -42.89 14.38
N HIS C 59 -8.96 -42.83 13.21
CA HIS C 59 -10.34 -42.35 13.08
C HIS C 59 -11.43 -43.40 13.31
N TRP C 60 -11.10 -44.68 13.11
CA TRP C 60 -12.12 -45.76 13.17
C TRP C 60 -11.68 -46.94 14.01
N ASN C 61 -12.64 -47.54 14.72
CA ASN C 61 -12.46 -48.86 15.30
C ASN C 61 -12.95 -49.87 14.25
N ASN C 62 -13.20 -51.12 14.66
CA ASN C 62 -13.58 -52.19 13.71
C ASN C 62 -15.00 -52.01 13.14
N HIS C 63 -15.08 -52.00 11.80
CA HIS C 63 -16.34 -52.10 11.05
C HIS C 63 -16.09 -53.03 9.86
N SER C 64 -17.11 -53.32 9.06
CA SER C 64 -16.98 -54.34 8.01
C SER C 64 -15.95 -53.94 6.93
N SER C 65 -15.89 -52.66 6.61
CA SER C 65 -14.92 -52.13 5.65
C SER C 65 -13.72 -51.45 6.32
N PHE C 66 -13.58 -51.61 7.64
CA PHE C 66 -12.49 -50.98 8.39
C PHE C 66 -11.83 -51.97 9.37
N VAL C 67 -10.58 -52.33 9.12
CA VAL C 67 -9.79 -53.18 10.03
C VAL C 67 -8.83 -52.33 10.88
N SER C 68 -9.25 -52.00 12.11
CA SER C 68 -8.50 -51.09 12.98
C SER C 68 -7.55 -51.85 13.90
N TYR C 69 -6.29 -51.44 13.92
CA TYR C 69 -5.23 -52.09 14.71
C TYR C 69 -4.71 -51.18 15.81
N ASP C 70 -4.31 -51.79 16.93
CA ASP C 70 -3.70 -51.08 18.04
C ASP C 70 -2.18 -50.98 17.84
N TYR C 71 -1.79 -50.12 16.90
CA TYR C 71 -0.38 -49.88 16.58
C TYR C 71 0.43 -49.50 17.82
N PHE C 72 1.64 -50.03 17.92
CA PHE C 72 2.51 -49.80 19.07
C PHE C 72 3.91 -50.32 18.81
N ASN C 73 4.87 -49.41 18.67
CA ASN C 73 6.27 -49.78 18.53
C ASN C 73 7.20 -48.69 19.05
N CYS C 74 8.41 -49.09 19.49
CA CYS C 74 9.41 -48.15 19.98
C CYS C 74 10.73 -48.33 19.27
N GLY C 75 11.40 -47.20 18.97
CA GLY C 75 12.70 -47.24 18.33
C GLY C 75 13.21 -45.85 18.06
N VAL C 76 14.50 -45.65 18.28
CA VAL C 76 15.13 -44.35 18.00
C VAL C 76 14.97 -44.08 16.52
N GLU C 77 15.27 -45.09 15.71
CA GLU C 77 14.99 -45.07 14.27
C GLU C 77 13.66 -45.75 13.92
N LYS C 78 13.01 -45.25 12.86
CA LYS C 78 11.64 -45.66 12.53
C LYS C 78 11.46 -45.80 11.01
N VAL C 79 10.82 -46.90 10.59
CA VAL C 79 10.58 -47.15 9.17
C VAL C 79 9.08 -47.37 8.97
N PHE C 80 8.47 -46.51 8.15
CA PHE C 80 7.03 -46.56 7.93
C PHE C 80 6.76 -47.15 6.55
N TYR C 81 5.94 -48.21 6.51
CA TYR C 81 5.52 -48.85 5.27
C TYR C 81 4.06 -49.29 5.34
N GLU C 82 3.18 -48.29 5.36
CA GLU C 82 1.74 -48.48 5.26
C GLU C 82 1.14 -47.21 4.72
N GLY C 83 -0.18 -47.22 4.53
CA GLY C 83 -0.91 -46.05 4.03
C GLY C 83 -1.90 -46.40 2.94
N VAL C 84 -1.60 -47.47 2.18
CA VAL C 84 -2.39 -47.81 0.98
C VAL C 84 -3.85 -48.17 1.29
N ASN C 85 -4.08 -48.72 2.48
CA ASN C 85 -5.41 -49.20 2.86
C ASN C 85 -6.42 -48.08 3.16
N PHE C 86 -5.96 -46.83 3.17
CA PHE C 86 -6.85 -45.70 2.97
C PHE C 86 -6.36 -44.88 1.78
N SER C 87 -6.87 -45.22 0.61
CA SER C 87 -6.55 -44.55 -0.66
C SER C 87 -7.85 -44.31 -1.44
N PRO C 88 -7.78 -43.60 -2.58
CA PRO C 88 -9.01 -43.35 -3.36
C PRO C 88 -9.78 -44.61 -3.74
N ARG C 89 -9.07 -45.73 -3.88
CA ARG C 89 -9.71 -47.04 -4.14
C ARG C 89 -10.88 -47.32 -3.19
N LYS C 90 -10.70 -46.95 -1.93
CA LYS C 90 -11.74 -47.12 -0.91
C LYS C 90 -13.00 -46.28 -1.18
N GLN C 91 -12.85 -45.22 -1.98
CA GLN C 91 -13.94 -44.31 -2.34
C GLN C 91 -14.69 -43.75 -1.12
N TYR C 92 -13.96 -43.49 -0.04
CA TYR C 92 -14.59 -43.02 1.19
C TYR C 92 -14.72 -41.50 1.22
N SER C 93 -15.88 -41.05 1.69
CA SER C 93 -16.08 -39.67 2.15
C SER C 93 -17.24 -39.68 3.14
N CYS C 94 -17.53 -38.53 3.75
CA CYS C 94 -18.56 -38.44 4.79
C CYS C 94 -19.56 -37.35 4.45
N TRP C 95 -19.12 -36.09 4.44
CA TRP C 95 -19.96 -34.99 3.96
C TRP C 95 -19.53 -34.62 2.53
N ASP C 96 -19.40 -33.32 2.22
CA ASP C 96 -19.23 -32.90 0.82
C ASP C 96 -17.76 -32.70 0.43
N GLU C 97 -16.85 -33.04 1.32
CA GLU C 97 -15.40 -32.95 1.05
C GLU C 97 -14.94 -33.91 -0.05
N GLY C 98 -15.72 -34.97 -0.26
CA GLY C 98 -15.42 -35.95 -1.30
C GLY C 98 -14.21 -36.81 -0.98
N VAL C 99 -13.82 -37.65 -1.93
CA VAL C 99 -12.68 -38.55 -1.76
C VAL C 99 -11.36 -37.79 -1.59
N ASP C 100 -11.19 -36.68 -2.32
CA ASP C 100 -9.96 -35.88 -2.24
C ASP C 100 -9.85 -35.12 -0.91
N GLY C 101 -10.98 -34.77 -0.32
CA GLY C 101 -10.99 -34.17 1.00
C GLY C 101 -10.34 -35.10 2.00
N TRP C 102 -10.62 -36.39 1.89
CA TRP C 102 -10.01 -37.37 2.79
C TRP C 102 -8.57 -37.75 2.44
N ILE C 103 -8.14 -37.50 1.21
CA ILE C 103 -6.72 -37.60 0.87
C ILE C 103 -5.95 -36.40 1.46
N GLU C 104 -6.62 -35.24 1.59
CA GLU C 104 -6.02 -34.09 2.26
C GLU C 104 -5.84 -34.35 3.77
N LEU C 105 -6.88 -34.88 4.42
CA LEU C 105 -6.80 -35.25 5.82
C LEU C 105 -5.71 -36.28 6.05
N LYS C 106 -5.61 -37.27 5.16
CA LYS C 106 -4.56 -38.29 5.22
C LYS C 106 -3.17 -37.66 5.21
N THR C 107 -2.94 -36.74 4.27
CA THR C 107 -1.66 -36.04 4.15
C THR C 107 -1.34 -35.27 5.44
N ARG C 108 -2.34 -34.56 5.97
CA ARG C 108 -2.15 -33.79 7.19
C ARG C 108 -1.80 -34.68 8.39
N PHE C 109 -2.42 -35.85 8.48
CA PHE C 109 -2.14 -36.77 9.59
C PHE C 109 -0.70 -37.28 9.52
N TYR C 110 -0.31 -37.85 8.39
CA TYR C 110 1.03 -38.39 8.27
C TYR C 110 2.11 -37.30 8.43
N THR C 111 1.83 -36.08 7.96
CA THR C 111 2.75 -34.98 8.16
C THR C 111 3.01 -34.78 9.64
N LYS C 112 1.92 -34.68 10.39
CA LYS C 112 1.99 -34.45 11.84
C LYS C 112 2.57 -35.66 12.58
N LEU C 113 2.25 -36.88 12.13
CA LEU C 113 2.78 -38.09 12.74
C LEU C 113 4.30 -38.16 12.59
N TYR C 114 4.80 -37.92 11.37
CA TYR C 114 6.24 -38.00 11.15
C TYR C 114 6.93 -36.95 12.01
N GLN C 115 6.48 -35.71 11.92
CA GLN C 115 7.05 -34.62 12.71
C GLN C 115 7.18 -35.01 14.18
N MET C 116 6.09 -35.46 14.79
CA MET C 116 6.10 -35.80 16.21
C MET C 116 6.99 -37.02 16.50
N ALA C 117 7.04 -37.97 15.56
CA ALA C 117 7.85 -39.18 15.70
C ALA C 117 9.35 -38.91 15.87
N THR C 118 9.83 -37.83 15.24
CA THR C 118 11.28 -37.55 15.21
C THR C 118 11.88 -37.28 16.59
N THR C 119 11.06 -36.78 17.50
CA THR C 119 11.50 -36.53 18.87
C THR C 119 10.86 -37.49 19.88
N SER C 120 10.43 -38.65 19.40
CA SER C 120 9.88 -39.67 20.27
C SER C 120 10.54 -41.01 19.99
N ARG C 121 10.47 -41.89 20.97
CA ARG C 121 10.90 -43.26 20.76
C ARG C 121 9.70 -44.20 20.61
N CYS C 122 8.74 -44.09 21.54
CA CYS C 122 7.52 -44.92 21.51
C CYS C 122 6.32 -44.20 20.94
N ILE C 123 5.56 -44.91 20.11
CA ILE C 123 4.32 -44.43 19.51
C ILE C 123 3.24 -45.49 19.68
N LYS C 124 2.15 -45.15 20.40
CA LYS C 124 1.12 -46.13 20.77
C LYS C 124 -0.30 -45.60 20.57
N LEU C 125 -1.08 -46.25 19.71
CA LEU C 125 -2.50 -45.91 19.51
C LEU C 125 -3.32 -46.36 20.74
N ILE C 126 -3.90 -45.40 21.46
CA ILE C 126 -4.63 -45.69 22.70
C ILE C 126 -6.10 -45.32 22.60
N GLN C 127 -6.93 -45.95 23.43
CA GLN C 127 -8.34 -45.54 23.61
C GLN C 127 -8.40 -44.58 24.79
N LEU C 128 -9.11 -43.46 24.61
CA LEU C 128 -9.28 -42.48 25.68
C LEU C 128 -10.54 -42.79 26.48
N GLN C 129 -10.41 -42.85 27.81
CA GLN C 129 -11.53 -43.06 28.72
C GLN C 129 -12.73 -42.24 28.26
N ALA C 130 -13.89 -42.87 28.13
CA ALA C 130 -15.09 -42.12 27.74
C ALA C 130 -15.35 -41.06 28.81
N PRO C 131 -15.74 -39.83 28.40
CA PRO C 131 -16.02 -38.75 29.36
C PRO C 131 -17.06 -39.12 30.42
N SER C 132 -16.82 -38.70 31.66
CA SER C 132 -17.62 -39.17 32.80
C SER C 132 -19.04 -38.63 32.79
N SER C 133 -19.16 -37.31 32.63
CA SER C 133 -20.44 -36.64 32.80
C SER C 133 -21.31 -36.66 31.54
N LEU C 134 -21.33 -37.80 30.84
CA LEU C 134 -21.90 -37.85 29.49
C LEU C 134 -23.43 -37.70 29.47
N PRO C 135 -23.92 -36.61 28.86
CA PRO C 135 -25.36 -36.40 28.74
C PRO C 135 -25.95 -37.19 27.57
N THR C 136 -27.27 -37.14 27.44
CA THR C 136 -27.96 -37.78 26.32
C THR C 136 -27.36 -37.27 25.02
N LEU C 137 -26.86 -38.18 24.21
CA LEU C 137 -26.26 -37.82 22.93
C LEU C 137 -26.87 -38.69 21.84
N GLN C 138 -26.92 -38.12 20.64
CA GLN C 138 -27.39 -38.80 19.45
C GLN C 138 -26.25 -38.91 18.46
N ALA C 139 -26.02 -40.11 17.93
CA ALA C 139 -24.92 -40.34 17.01
C ALA C 139 -25.07 -39.46 15.76
N GLY C 140 -23.96 -38.85 15.33
CA GLY C 140 -23.93 -38.08 14.09
C GLY C 140 -23.88 -39.05 12.94
N VAL C 141 -24.13 -38.56 11.73
CA VAL C 141 -24.06 -39.40 10.52
C VAL C 141 -23.20 -38.75 9.44
N CYS C 142 -22.84 -39.54 8.43
CA CYS C 142 -22.30 -39.00 7.18
C CYS C 142 -23.46 -38.66 6.26
N ARG C 143 -23.30 -37.62 5.43
CA ARG C 143 -24.26 -37.36 4.37
C ARG C 143 -24.22 -38.48 3.32
N THR C 144 -23.04 -39.03 3.06
CA THR C 144 -22.89 -40.13 2.09
C THR C 144 -23.38 -41.50 2.62
N ASN C 145 -23.82 -41.54 3.88
CA ASN C 145 -24.26 -42.79 4.54
C ASN C 145 -23.14 -43.78 4.82
N LYS C 146 -21.89 -43.38 4.60
CA LYS C 146 -20.73 -44.19 4.92
C LYS C 146 -20.45 -44.09 6.41
N GLN C 147 -19.47 -44.86 6.89
CA GLN C 147 -19.21 -44.94 8.33
C GLN C 147 -18.54 -43.68 8.87
N LEU C 148 -19.20 -43.05 9.84
CA LEU C 148 -18.66 -41.89 10.57
C LEU C 148 -17.43 -42.32 11.36
N PRO C 149 -16.37 -41.47 11.38
CA PRO C 149 -15.24 -41.74 12.26
C PRO C 149 -15.66 -41.88 13.72
N ASP C 150 -15.13 -42.88 14.40
CA ASP C 150 -15.38 -43.06 15.83
C ASP C 150 -14.47 -42.13 16.64
N ASN C 151 -13.48 -41.54 15.96
CA ASN C 151 -12.56 -40.59 16.57
C ASN C 151 -12.20 -39.42 15.63
N PRO C 152 -12.43 -38.17 16.08
CA PRO C 152 -13.14 -37.81 17.31
C PRO C 152 -14.61 -38.15 17.14
N ARG C 153 -15.31 -38.40 18.24
CA ARG C 153 -16.75 -38.69 18.17
C ARG C 153 -17.49 -37.39 17.87
N LEU C 154 -18.30 -37.40 16.81
CA LEU C 154 -19.25 -36.32 16.52
C LEU C 154 -20.62 -36.82 16.96
N ALA C 155 -21.24 -36.12 17.91
CA ALA C 155 -22.58 -36.48 18.40
C ALA C 155 -23.47 -35.23 18.46
N LEU C 156 -24.77 -35.44 18.61
CA LEU C 156 -25.73 -34.34 18.64
C LEU C 156 -26.50 -34.34 19.96
N LEU C 157 -26.49 -33.21 20.66
CA LEU C 157 -27.17 -33.07 21.94
C LEU C 157 -28.67 -32.84 21.74
N SER C 158 -29.41 -32.93 22.82
CA SER C 158 -30.87 -32.76 22.78
C SER C 158 -31.25 -31.29 22.69
N ASP C 159 -30.41 -30.42 23.23
CA ASP C 159 -30.63 -28.98 23.23
C ASP C 159 -29.57 -28.24 22.41
N THR C 160 -29.73 -26.92 22.29
CA THR C 160 -28.81 -26.08 21.55
C THR C 160 -28.07 -25.11 22.50
N VAL C 161 -28.12 -25.37 23.80
CA VAL C 161 -27.46 -24.50 24.79
C VAL C 161 -25.96 -24.84 24.81
N PRO C 162 -25.09 -23.84 25.10
CA PRO C 162 -23.66 -24.13 25.23
C PRO C 162 -23.35 -25.13 26.35
N THR C 163 -22.42 -26.05 26.07
CA THR C 163 -22.15 -27.15 26.99
C THR C 163 -20.67 -27.57 26.92
N SER C 164 -20.29 -28.51 27.79
CA SER C 164 -18.90 -28.97 27.92
C SER C 164 -18.82 -30.35 28.54
N VAL C 165 -17.87 -31.16 28.09
CA VAL C 165 -17.51 -32.41 28.75
C VAL C 165 -16.00 -32.45 28.94
N GLN C 166 -15.55 -33.23 29.92
CA GLN C 166 -14.14 -33.32 30.28
C GLN C 166 -13.56 -34.66 29.79
N PHE C 167 -12.44 -34.59 29.08
CA PHE C 167 -11.73 -35.81 28.62
C PHE C 167 -10.26 -35.80 29.06
N VAL C 168 -9.71 -37.00 29.26
CA VAL C 168 -8.40 -37.17 29.88
C VAL C 168 -7.40 -37.76 28.90
N LEU C 169 -6.37 -36.97 28.56
CA LEU C 169 -5.21 -37.48 27.82
C LEU C 169 -4.22 -37.98 28.87
N PRO C 170 -4.06 -39.31 28.99
CA PRO C 170 -3.32 -39.83 30.13
C PRO C 170 -1.81 -39.61 30.03
N GLY C 171 -1.14 -39.63 31.18
CA GLY C 171 0.31 -39.48 31.24
C GLY C 171 1.09 -40.76 30.99
N SER C 172 0.39 -41.90 30.90
CA SER C 172 1.03 -43.17 30.59
C SER C 172 0.03 -44.16 30.00
N SER C 173 0.53 -45.30 29.55
CA SER C 173 -0.30 -46.34 28.97
C SER C 173 0.45 -47.67 29.10
N GLY C 174 0.40 -48.23 30.31
CA GLY C 174 1.21 -49.40 30.64
C GLY C 174 2.64 -48.96 30.87
N THR C 175 3.57 -49.53 30.12
CA THR C 175 4.99 -49.19 30.24
C THR C 175 5.36 -47.93 29.46
N THR C 176 4.55 -47.59 28.45
CA THR C 176 4.81 -46.40 27.64
C THR C 176 4.41 -45.13 28.38
N ILE C 177 5.25 -44.10 28.28
CA ILE C 177 4.96 -42.78 28.84
C ILE C 177 4.42 -41.91 27.71
N CYS C 178 3.38 -41.12 28.01
CA CYS C 178 2.88 -40.13 27.05
C CYS C 178 3.32 -38.75 27.49
N THR C 179 4.44 -38.29 26.93
CA THR C 179 4.86 -36.91 27.09
C THR C 179 4.07 -36.02 26.12
N LYS C 180 3.52 -36.62 25.07
CA LYS C 180 2.60 -35.91 24.17
C LYS C 180 1.62 -36.85 23.44
N HIS C 181 0.60 -36.24 22.85
CA HIS C 181 -0.45 -36.98 22.14
C HIS C 181 -0.68 -36.33 20.78
N LEU C 182 -0.88 -37.17 19.77
CA LEU C 182 -1.40 -36.71 18.48
C LEU C 182 -2.92 -36.95 18.52
N VAL C 183 -3.68 -35.86 18.45
CA VAL C 183 -5.13 -35.91 18.63
C VAL C 183 -5.84 -35.17 17.48
N PRO C 184 -6.87 -35.81 16.89
CA PRO C 184 -7.61 -35.17 15.82
C PRO C 184 -8.65 -34.18 16.34
N PHE C 185 -8.85 -33.09 15.63
CA PHE C 185 -9.87 -32.09 15.93
C PHE C 185 -10.64 -31.91 14.64
N CYS C 186 -11.91 -32.32 14.62
CA CYS C 186 -12.68 -32.31 13.38
C CYS C 186 -13.99 -31.53 13.53
N TYR C 187 -14.47 -30.98 12.42
CA TYR C 187 -15.70 -30.22 12.39
C TYR C 187 -16.31 -30.19 11.00
N LEU C 188 -17.58 -29.79 10.92
CA LEU C 188 -18.26 -29.55 9.64
C LEU C 188 -18.17 -28.07 9.34
N ASN C 189 -17.48 -27.72 8.26
CA ASN C 189 -17.26 -26.31 7.91
C ASN C 189 -18.34 -25.71 7.00
N HIS C 190 -18.09 -24.50 6.52
CA HIS C 190 -18.95 -23.76 5.60
C HIS C 190 -20.33 -23.41 6.19
N GLY C 191 -20.32 -22.60 7.25
CA GLY C 191 -21.52 -21.93 7.75
C GLY C 191 -22.28 -22.66 8.84
N CYS C 192 -23.40 -22.07 9.25
CA CYS C 192 -24.30 -22.69 10.22
C CYS C 192 -24.92 -23.96 9.63
N PHE C 193 -25.27 -24.88 10.51
CA PHE C 193 -25.76 -26.18 10.11
C PHE C 193 -27.25 -26.24 10.43
N THR C 194 -28.09 -26.34 9.40
CA THR C 194 -29.55 -26.38 9.57
C THR C 194 -30.01 -27.72 10.11
N THR C 195 -30.67 -27.69 11.26
CA THR C 195 -31.21 -28.89 11.90
C THR C 195 -32.22 -28.47 12.98
N GLY C 196 -33.35 -29.17 13.05
CA GLY C 196 -34.45 -28.78 13.93
C GLY C 196 -35.17 -27.50 13.50
N GLY C 197 -35.08 -27.16 12.21
CA GLY C 197 -35.83 -26.03 11.66
C GLY C 197 -35.16 -24.67 11.71
N SER C 198 -33.92 -24.62 12.19
CA SER C 198 -33.15 -23.37 12.23
C SER C 198 -31.67 -23.63 12.02
N CYS C 199 -30.96 -22.63 11.49
CA CYS C 199 -29.56 -22.76 11.12
C CYS C 199 -28.64 -22.51 12.32
N LEU C 200 -28.14 -23.59 12.93
CA LEU C 200 -27.37 -23.48 14.15
C LEU C 200 -25.90 -23.21 13.85
N PRO C 201 -25.25 -22.31 14.62
CA PRO C 201 -23.82 -22.14 14.43
C PRO C 201 -23.07 -23.43 14.77
N PHE C 202 -22.07 -23.77 13.96
CA PHE C 202 -21.18 -24.89 14.27
C PHE C 202 -19.95 -24.31 14.98
N GLY C 203 -19.82 -24.63 16.25
CA GLY C 203 -18.76 -24.08 17.06
C GLY C 203 -18.29 -25.11 18.06
N VAL C 204 -17.05 -25.57 17.91
CA VAL C 204 -16.47 -26.53 18.83
C VAL C 204 -15.02 -26.14 19.13
N SER C 205 -14.51 -26.62 20.26
CA SER C 205 -13.16 -26.32 20.70
C SER C 205 -12.62 -27.33 21.71
N TYR C 206 -11.30 -27.53 21.69
CA TYR C 206 -10.59 -28.22 22.77
C TYR C 206 -9.89 -27.15 23.61
N VAL C 207 -10.09 -27.19 24.92
CA VAL C 207 -9.79 -26.07 25.80
C VAL C 207 -9.21 -26.56 27.13
N SER C 208 -8.33 -25.74 27.72
CA SER C 208 -7.81 -25.94 29.09
C SER C 208 -7.13 -24.66 29.54
N ASP C 209 -6.69 -24.62 30.80
CA ASP C 209 -5.95 -23.46 31.32
C ASP C 209 -4.83 -23.03 30.39
N SER C 210 -4.13 -24.01 29.81
CA SER C 210 -2.98 -23.76 28.95
C SER C 210 -3.27 -23.88 27.43
N PHE C 211 -4.31 -24.62 27.05
CA PHE C 211 -4.52 -24.94 25.62
C PHE C 211 -5.81 -24.37 25.02
N TYR C 212 -5.74 -23.84 23.80
CA TYR C 212 -6.95 -23.58 23.00
C TYR C 212 -6.82 -23.86 21.50
N TYR C 213 -7.75 -24.67 20.99
CA TYR C 213 -7.97 -24.81 19.56
C TYR C 213 -9.48 -24.92 19.33
N GLY C 214 -9.95 -24.25 18.29
CA GLY C 214 -11.38 -24.14 18.07
C GLY C 214 -11.75 -23.72 16.66
N TYR C 215 -13.05 -23.82 16.41
CA TYR C 215 -13.66 -23.46 15.13
C TYR C 215 -15.04 -22.92 15.42
N TYR C 216 -15.42 -21.87 14.70
CA TYR C 216 -16.74 -21.26 14.86
C TYR C 216 -17.19 -20.68 13.54
N ASP C 217 -18.46 -20.92 13.20
CA ASP C 217 -19.07 -20.31 12.03
C ASP C 217 -20.59 -20.29 12.19
N ALA C 218 -21.17 -19.10 12.09
CA ALA C 218 -22.62 -18.91 12.13
C ALA C 218 -23.12 -18.24 10.85
N THR C 219 -22.30 -18.26 9.79
CA THR C 219 -22.65 -17.63 8.52
C THR C 219 -23.68 -18.46 7.77
N PRO C 220 -24.84 -17.84 7.43
CA PRO C 220 -25.77 -18.50 6.51
C PRO C 220 -25.42 -18.21 5.06
N GLU C 226 -27.25 -25.78 0.79
CA GLU C 226 -26.37 -25.89 1.96
C GLU C 226 -25.35 -26.99 1.77
N SER C 227 -24.11 -26.73 2.21
CA SER C 227 -22.99 -27.65 1.98
C SER C 227 -21.95 -27.53 3.10
N HIS C 228 -21.48 -28.66 3.61
CA HIS C 228 -20.49 -28.70 4.70
C HIS C 228 -19.39 -29.73 4.42
N ASP C 229 -18.13 -29.37 4.64
CA ASP C 229 -17.00 -30.33 4.56
C ASP C 229 -16.60 -30.82 5.93
N TYR C 230 -16.37 -32.13 6.04
CA TYR C 230 -15.75 -32.72 7.21
C TYR C 230 -14.25 -32.45 7.11
N VAL C 231 -13.74 -31.55 7.95
CA VAL C 231 -12.32 -31.15 7.97
C VAL C 231 -11.68 -31.54 9.32
N CYS C 232 -10.42 -31.93 9.29
CA CYS C 232 -9.68 -32.19 10.53
C CYS C 232 -8.34 -31.50 10.54
N ASP C 233 -7.91 -31.13 11.74
CA ASP C 233 -6.51 -30.80 12.03
C ASP C 233 -6.02 -31.83 13.04
N TYR C 234 -4.74 -32.17 12.95
CA TYR C 234 -4.14 -33.14 13.85
C TYR C 234 -3.20 -32.41 14.82
N LEU C 235 -3.54 -32.45 16.11
CA LEU C 235 -2.95 -31.54 17.09
C LEU C 235 -1.96 -32.24 18.03
N PHE C 236 -0.83 -31.59 18.27
CA PHE C 236 0.07 -31.91 19.38
C PHE C 236 -0.58 -31.42 20.65
N MET C 237 -0.89 -32.33 21.57
CA MET C 237 -1.46 -31.98 22.86
C MET C 237 -0.68 -32.67 23.98
N GLU C 238 -0.34 -31.90 25.00
CA GLU C 238 0.29 -32.45 26.19
C GLU C 238 -0.71 -33.30 26.93
N PRO C 239 -0.22 -34.29 27.71
CA PRO C 239 -1.12 -35.05 28.54
C PRO C 239 -1.82 -34.16 29.58
N GLY C 240 -3.06 -34.47 29.87
CA GLY C 240 -3.83 -33.69 30.83
C GLY C 240 -5.33 -33.84 30.65
N THR C 241 -6.07 -33.10 31.49
CA THR C 241 -7.52 -33.05 31.43
C THR C 241 -7.94 -31.78 30.68
N TYR C 242 -8.65 -31.99 29.58
CA TYR C 242 -9.14 -30.90 28.74
C TYR C 242 -10.67 -30.98 28.66
N ASN C 243 -11.31 -29.84 28.43
CA ASN C 243 -12.76 -29.78 28.17
C ASN C 243 -13.04 -29.75 26.66
N ALA C 244 -13.97 -30.59 26.20
CA ALA C 244 -14.43 -30.57 24.80
C ALA C 244 -15.70 -29.75 24.72
N SER C 245 -15.57 -28.50 24.28
CA SER C 245 -16.65 -27.52 24.42
C SER C 245 -17.40 -27.27 23.12
N THR C 246 -18.68 -26.89 23.25
CA THR C 246 -19.49 -26.47 22.12
C THR C 246 -20.33 -25.23 22.46
N VAL C 247 -20.71 -24.48 21.42
CA VAL C 247 -21.68 -23.40 21.57
C VAL C 247 -23.11 -23.96 21.68
N GLY C 248 -23.29 -25.23 21.30
CA GLY C 248 -24.58 -25.91 21.43
C GLY C 248 -24.81 -26.92 20.33
N LYS C 249 -25.72 -27.85 20.62
CA LYS C 249 -26.12 -28.91 19.67
C LYS C 249 -25.00 -29.92 19.42
N PHE C 250 -23.96 -29.52 18.69
CA PHE C 250 -22.93 -30.45 18.23
C PHE C 250 -21.83 -30.64 19.28
N LEU C 251 -21.42 -31.89 19.49
CA LEU C 251 -20.33 -32.22 20.42
C LEU C 251 -19.26 -33.00 19.66
N VAL C 252 -18.01 -32.55 19.75
CA VAL C 252 -16.87 -33.25 19.17
C VAL C 252 -15.82 -33.45 20.24
N TYR C 253 -15.56 -34.70 20.62
CA TYR C 253 -14.47 -35.04 21.53
C TYR C 253 -13.70 -36.25 21.04
N PRO C 254 -12.39 -36.31 21.36
CA PRO C 254 -11.56 -37.40 20.90
C PRO C 254 -11.75 -38.65 21.73
N THR C 255 -11.75 -39.81 21.06
CA THR C 255 -11.81 -41.13 21.74
C THR C 255 -10.53 -41.96 21.52
N LYS C 256 -9.62 -41.49 20.66
CA LYS C 256 -8.34 -42.16 20.41
C LYS C 256 -7.21 -41.14 20.15
N SER C 257 -5.98 -41.50 20.49
CA SER C 257 -4.81 -40.65 20.25
C SER C 257 -3.56 -41.49 20.15
N TYR C 258 -2.54 -40.97 19.45
CA TYR C 258 -1.22 -41.57 19.45
C TYR C 258 -0.43 -41.01 20.62
N CYS C 259 -0.24 -41.86 21.62
CA CYS C 259 0.54 -41.53 22.78
C CYS C 259 2.02 -41.69 22.42
N MET C 260 2.83 -40.69 22.76
CA MET C 260 4.26 -40.72 22.45
C MET C 260 5.06 -40.21 23.63
N ASP C 261 6.19 -40.87 23.89
CA ASP C 261 7.18 -40.36 24.84
C ASP C 261 8.15 -39.39 24.16
N THR C 262 9.28 -39.08 24.80
CA THR C 262 10.26 -38.13 24.28
C THR C 262 11.67 -38.69 24.37
N MET C 263 12.46 -38.48 23.32
CA MET C 263 13.91 -38.73 23.39
C MET C 263 14.67 -37.43 23.17
N ASN C 264 15.92 -37.40 23.63
CA ASN C 264 16.69 -36.15 23.70
C ASN C 264 17.37 -35.76 22.40
N ILE C 265 17.33 -36.64 21.40
CA ILE C 265 17.92 -36.36 20.09
C ILE C 265 16.88 -36.51 19.00
N THR C 266 16.80 -35.52 18.12
CA THR C 266 15.84 -35.55 17.01
C THR C 266 16.43 -36.38 15.86
N VAL C 267 15.70 -37.42 15.44
CA VAL C 267 16.13 -38.32 14.37
C VAL C 267 14.99 -38.43 13.31
N PRO C 268 15.28 -38.07 12.05
CA PRO C 268 14.22 -38.19 11.05
C PRO C 268 13.74 -39.63 10.89
N VAL C 269 12.44 -39.81 10.67
CA VAL C 269 11.85 -41.13 10.35
C VAL C 269 12.05 -41.44 8.86
N GLN C 270 11.72 -42.68 8.48
CA GLN C 270 11.85 -43.11 7.10
C GLN C 270 10.50 -43.62 6.60
N ALA C 271 10.09 -43.19 5.42
CA ALA C 271 8.85 -43.70 4.83
C ALA C 271 9.12 -44.27 3.44
N VAL C 272 8.52 -45.44 3.20
CA VAL C 272 8.58 -46.10 1.90
C VAL C 272 7.22 -45.96 1.23
N GLN C 273 7.22 -45.56 -0.04
CA GLN C 273 5.98 -45.43 -0.81
C GLN C 273 5.05 -46.65 -0.67
N SER C 274 3.76 -46.36 -0.48
CA SER C 274 2.73 -47.38 -0.20
C SER C 274 1.55 -47.16 -1.14
N ILE C 275 1.50 -47.95 -2.20
CA ILE C 275 0.50 -47.79 -3.26
C ILE C 275 -0.08 -49.14 -3.72
N TRP C 276 -1.11 -49.08 -4.56
CA TRP C 276 -1.65 -50.25 -5.24
C TRP C 276 -0.99 -50.46 -6.60
N SER C 277 -1.20 -51.65 -7.17
CA SER C 277 -0.90 -51.93 -8.57
C SER C 277 -1.63 -50.95 -9.49
N GLU C 278 -1.18 -50.84 -10.74
CA GLU C 278 -1.69 -49.83 -11.68
C GLU C 278 -3.22 -49.82 -11.84
N GLN C 279 -3.85 -50.99 -11.67
CA GLN C 279 -5.30 -51.13 -11.91
C GLN C 279 -6.21 -50.51 -10.82
N TYR C 280 -5.64 -50.22 -9.65
CA TYR C 280 -6.41 -49.55 -8.57
C TYR C 280 -5.88 -48.14 -8.35
N ALA C 281 -6.72 -47.27 -7.76
CA ALA C 281 -6.41 -45.84 -7.63
C ALA C 281 -5.70 -45.52 -6.30
N SER C 282 -4.49 -44.96 -6.42
CA SER C 282 -3.63 -44.67 -5.26
C SER C 282 -3.53 -43.16 -5.06
N ASP C 283 -2.76 -42.75 -4.07
CA ASP C 283 -2.46 -41.32 -3.87
C ASP C 283 -0.98 -41.12 -3.57
N ASP C 284 -0.59 -39.86 -3.34
CA ASP C 284 0.77 -39.53 -2.92
C ASP C 284 0.77 -38.82 -1.57
N ALA C 285 -0.11 -39.23 -0.67
CA ALA C 285 -0.20 -38.66 0.70
C ALA C 285 1.08 -38.89 1.50
N ILE C 286 1.61 -40.12 1.44
CA ILE C 286 2.84 -40.43 2.16
C ILE C 286 3.99 -39.57 1.61
N GLY C 287 4.13 -39.55 0.28
CA GLY C 287 5.18 -38.77 -0.38
C GLY C 287 5.09 -37.28 -0.12
N GLN C 288 3.89 -36.76 0.00
CA GLN C 288 3.72 -35.34 0.30
C GLN C 288 3.90 -35.03 1.80
N ALA C 289 3.57 -35.98 2.67
CA ALA C 289 3.79 -35.84 4.11
C ALA C 289 5.26 -36.07 4.52
N CYS C 290 5.92 -37.02 3.87
CA CYS C 290 7.31 -37.37 4.21
C CYS C 290 8.29 -36.41 3.55
N LYS C 291 8.66 -35.35 4.27
CA LYS C 291 9.51 -34.29 3.73
C LYS C 291 10.63 -33.88 4.70
N ALA C 292 11.70 -33.33 4.16
CA ALA C 292 12.79 -32.81 4.98
C ALA C 292 12.22 -31.72 5.88
N PRO C 293 12.79 -31.53 7.08
CA PRO C 293 13.93 -32.25 7.67
C PRO C 293 13.54 -33.41 8.58
N TYR C 294 12.27 -33.77 8.59
CA TYR C 294 11.73 -34.70 9.58
C TYR C 294 11.50 -36.13 9.06
N CYS C 295 11.54 -36.31 7.75
CA CYS C 295 11.23 -37.61 7.14
C CYS C 295 12.07 -37.87 5.89
N ILE C 296 12.59 -39.10 5.79
CA ILE C 296 13.34 -39.56 4.62
C ILE C 296 12.42 -40.45 3.77
N PHE C 297 12.08 -39.96 2.58
CA PHE C 297 11.10 -40.62 1.71
C PHE C 297 11.80 -41.51 0.67
N TYR C 298 11.44 -42.79 0.65
CA TYR C 298 11.95 -43.72 -0.36
C TYR C 298 10.81 -44.08 -1.28
N ASN C 299 10.75 -43.40 -2.42
CA ASN C 299 9.71 -43.62 -3.40
C ASN C 299 9.95 -44.89 -4.20
N LYS C 300 8.91 -45.30 -4.95
CA LYS C 300 9.03 -46.34 -5.95
C LYS C 300 9.21 -45.71 -7.33
N THR C 301 10.15 -46.27 -8.08
CA THR C 301 10.47 -45.87 -9.44
C THR C 301 9.67 -46.73 -10.46
N THR C 302 9.31 -47.95 -10.06
CA THR C 302 8.43 -48.84 -10.84
C THR C 302 6.99 -48.84 -10.30
N PRO C 303 6.03 -49.40 -11.07
CA PRO C 303 4.71 -49.68 -10.48
C PRO C 303 4.82 -50.81 -9.43
N TYR C 304 3.79 -51.01 -8.62
CA TYR C 304 3.74 -52.19 -7.76
C TYR C 304 3.59 -53.43 -8.65
N THR C 305 4.66 -54.25 -8.67
CA THR C 305 4.84 -55.33 -9.64
C THR C 305 5.21 -56.64 -8.92
N VAL C 306 4.34 -57.64 -9.02
CA VAL C 306 4.49 -58.92 -8.31
C VAL C 306 4.69 -60.10 -9.25
N THR C 307 5.88 -60.71 -9.16
CA THR C 307 6.25 -61.85 -9.97
C THR C 307 6.37 -63.16 -9.15
N ASN C 308 6.63 -63.05 -7.84
CA ASN C 308 6.69 -64.22 -6.95
C ASN C 308 6.05 -63.91 -5.60
N GLY C 309 4.71 -63.82 -5.59
CA GLY C 309 3.94 -63.43 -4.41
C GLY C 309 2.47 -63.88 -4.41
N SER C 310 1.71 -63.38 -3.43
CA SER C 310 0.37 -63.91 -3.13
C SER C 310 -0.72 -63.38 -4.07
N ASP C 311 -0.63 -62.10 -4.45
CA ASP C 311 -1.54 -61.53 -5.44
C ASP C 311 -0.92 -60.28 -6.09
N ALA C 312 -1.68 -59.61 -6.97
CA ALA C 312 -1.15 -58.46 -7.71
C ALA C 312 -0.69 -57.31 -6.78
N ASN C 313 -1.12 -57.35 -5.52
CA ASN C 313 -0.77 -56.33 -4.54
C ASN C 313 0.01 -56.81 -3.31
N HIS C 314 0.71 -57.93 -3.43
CA HIS C 314 1.57 -58.43 -2.33
C HIS C 314 2.85 -59.13 -2.81
N GLY C 315 3.98 -58.43 -2.66
CA GLY C 315 5.30 -58.97 -3.04
C GLY C 315 5.98 -58.16 -4.13
N ASP C 316 5.92 -56.84 -4.02
CA ASP C 316 6.54 -55.98 -5.03
C ASP C 316 8.05 -56.22 -5.05
N ASP C 317 8.58 -56.51 -6.23
CA ASP C 317 10.01 -56.81 -6.36
C ASP C 317 10.90 -55.61 -5.92
N GLU C 318 10.53 -54.39 -6.32
CA GLU C 318 11.34 -53.20 -6.00
C GLU C 318 11.41 -52.89 -4.51
N VAL C 319 10.28 -53.01 -3.80
CA VAL C 319 10.27 -52.80 -2.35
C VAL C 319 10.99 -53.94 -1.60
N ARG C 320 10.79 -55.19 -2.02
CA ARG C 320 11.57 -56.29 -1.46
C ARG C 320 13.07 -56.02 -1.56
N MET C 321 13.51 -55.53 -2.71
CA MET C 321 14.90 -55.18 -2.96
C MET C 321 15.37 -54.07 -2.01
N MET C 322 14.55 -53.03 -1.90
CA MET C 322 14.82 -51.93 -0.98
C MET C 322 14.89 -52.39 0.48
N MET C 323 13.95 -53.24 0.89
CA MET C 323 13.85 -53.70 2.28
C MET C 323 15.02 -54.61 2.71
N GLN C 324 15.79 -55.11 1.74
CA GLN C 324 17.04 -55.82 2.04
C GLN C 324 18.03 -54.94 2.80
N GLY C 325 17.90 -53.61 2.65
CA GLY C 325 18.70 -52.64 3.42
C GLY C 325 18.61 -52.82 4.92
N LEU C 326 17.42 -53.22 5.39
CA LEU C 326 17.15 -53.40 6.80
C LEU C 326 17.86 -54.61 7.42
N LEU C 327 18.41 -55.49 6.58
CA LEU C 327 19.20 -56.61 7.05
C LEU C 327 20.61 -56.18 7.47
N ARG C 328 20.98 -54.95 7.13
CA ARG C 328 22.36 -54.48 7.32
C ARG C 328 22.51 -53.60 8.55
N ASN C 329 23.63 -53.77 9.25
CA ASN C 329 24.05 -52.87 10.32
C ASN C 329 24.87 -51.74 9.70
N SER C 330 24.21 -50.62 9.38
CA SER C 330 24.79 -49.51 8.61
C SER C 330 25.38 -48.42 9.52
N SER C 331 26.03 -47.43 8.92
CA SER C 331 26.53 -46.24 9.67
C SER C 331 25.83 -44.93 9.28
N CYS C 332 25.32 -44.88 8.06
CA CYS C 332 24.74 -43.68 7.51
C CYS C 332 23.40 -44.01 6.86
N ILE C 333 22.37 -43.27 7.25
CA ILE C 333 21.03 -43.36 6.67
C ILE C 333 20.75 -42.06 5.88
N SER C 334 20.26 -42.18 4.64
CA SER C 334 19.98 -41.01 3.78
C SER C 334 18.92 -41.33 2.70
N PRO C 335 18.40 -40.30 1.99
CA PRO C 335 17.46 -40.58 0.89
C PRO C 335 18.06 -41.44 -0.24
N GLN C 336 19.39 -41.48 -0.34
CA GLN C 336 20.08 -42.32 -1.32
C GLN C 336 20.19 -43.76 -0.84
N GLY C 337 19.94 -43.96 0.46
CA GLY C 337 19.96 -45.29 1.06
C GLY C 337 20.95 -45.33 2.20
N SER C 338 21.40 -46.53 2.52
CA SER C 338 22.33 -46.75 3.62
C SER C 338 23.75 -46.95 3.11
N THR C 339 24.72 -46.61 3.97
CA THR C 339 26.11 -46.99 3.74
C THR C 339 26.74 -47.51 5.01
N PRO C 340 27.78 -48.34 4.86
CA PRO C 340 28.65 -48.62 5.99
C PRO C 340 29.58 -47.42 6.27
N LEU C 341 30.47 -47.59 7.24
CA LEU C 341 31.44 -46.56 7.59
C LEU C 341 32.48 -46.43 6.49
N ALA C 342 32.57 -45.26 5.88
CA ALA C 342 33.51 -45.09 4.79
C ALA C 342 33.87 -43.64 4.62
N LEU C 343 35.06 -43.42 4.10
CA LEU C 343 35.56 -42.08 3.84
C LEU C 343 34.73 -41.40 2.76
N TYR C 344 34.54 -42.11 1.65
CA TYR C 344 33.98 -41.51 0.45
C TYR C 344 32.73 -42.19 -0.11
N SER C 345 31.90 -41.39 -0.78
CA SER C 345 30.68 -41.82 -1.48
C SER C 345 30.82 -41.57 -3.00
N THR C 346 30.27 -42.47 -3.81
CA THR C 346 30.28 -42.31 -5.27
C THR C 346 29.23 -41.32 -5.77
N GLU C 347 28.30 -40.93 -4.89
CA GLU C 347 27.34 -39.88 -5.21
C GLU C 347 27.15 -38.94 -4.01
N MET C 348 26.60 -37.78 -4.31
CA MET C 348 26.20 -36.82 -3.26
C MET C 348 25.16 -37.48 -2.37
N ILE C 349 25.31 -37.34 -1.05
CA ILE C 349 24.31 -37.83 -0.10
C ILE C 349 23.52 -36.62 0.38
N TYR C 350 22.20 -36.66 0.22
CA TYR C 350 21.36 -35.49 0.47
C TYR C 350 20.71 -35.55 1.86
N GLU C 351 19.95 -34.51 2.21
CA GLU C 351 19.26 -34.41 3.51
C GLU C 351 17.77 -34.82 3.40
N PRO C 352 17.19 -35.35 4.47
CA PRO C 352 17.81 -35.61 5.77
C PRO C 352 18.71 -36.87 5.79
N ASN C 353 19.87 -36.72 6.42
CA ASN C 353 20.73 -37.85 6.68
C ASN C 353 21.26 -37.75 8.11
N TYR C 354 21.53 -38.90 8.71
CA TYR C 354 22.11 -38.96 10.06
C TYR C 354 23.03 -40.18 10.16
N GLY C 355 23.71 -40.31 11.30
CA GLY C 355 24.79 -41.27 11.46
C GLY C 355 26.11 -40.63 11.06
N SER C 356 27.10 -41.46 10.72
CA SER C 356 28.39 -40.98 10.24
C SER C 356 28.49 -41.26 8.74
N CYS C 357 28.43 -40.21 7.93
CA CYS C 357 28.24 -40.36 6.49
C CYS C 357 29.49 -40.06 5.67
N PRO C 358 29.74 -40.90 4.65
CA PRO C 358 30.81 -40.61 3.73
C PRO C 358 30.61 -39.30 3.00
N GLN C 359 31.71 -38.72 2.55
CA GLN C 359 31.64 -37.49 1.76
C GLN C 359 31.82 -37.79 0.26
N PHE C 360 31.12 -37.04 -0.59
CA PHE C 360 31.18 -37.22 -2.05
C PHE C 360 32.62 -37.15 -2.54
N TYR C 361 33.10 -38.23 -3.16
CA TYR C 361 34.53 -38.40 -3.47
C TYR C 361 35.07 -37.25 -4.31
N LYS C 362 34.21 -36.65 -5.13
CA LYS C 362 34.64 -35.59 -6.05
C LYS C 362 35.04 -34.29 -5.33
N LEU C 363 34.61 -34.12 -4.08
CA LEU C 363 35.06 -32.98 -3.27
C LEU C 363 36.57 -33.03 -3.02
N PHE C 364 37.10 -34.25 -2.97
CA PHE C 364 38.48 -34.49 -2.63
C PHE C 364 39.29 -34.89 -3.86
N THR D 2 44.93 -33.84 7.07
CA THR D 2 45.08 -33.46 8.51
C THR D 2 43.71 -33.18 9.09
N PRO D 3 43.47 -33.64 10.33
CA PRO D 3 42.18 -33.36 10.92
C PRO D 3 41.89 -31.87 11.14
N VAL D 4 40.63 -31.57 11.41
CA VAL D 4 40.20 -30.21 11.76
C VAL D 4 39.41 -30.23 13.05
N THR D 5 39.31 -29.06 13.68
CA THR D 5 38.59 -28.89 14.94
C THR D 5 37.53 -27.81 14.76
N PRO D 6 36.27 -28.11 15.12
CA PRO D 6 35.23 -27.08 14.96
C PRO D 6 35.57 -25.78 15.69
N TYR D 7 35.44 -24.64 15.00
CA TYR D 7 35.58 -23.36 15.64
C TYR D 7 34.22 -22.91 16.18
N TYR D 8 34.12 -22.73 17.50
CA TYR D 8 32.83 -22.44 18.12
C TYR D 8 32.31 -21.05 17.75
N GLY D 9 31.17 -21.04 17.08
CA GLY D 9 30.55 -19.83 16.58
C GLY D 9 29.84 -20.13 15.28
N PRO D 10 29.03 -19.16 14.81
CA PRO D 10 28.45 -19.27 13.49
C PRO D 10 29.50 -19.25 12.38
N GLY D 11 29.08 -19.66 11.20
CA GLY D 11 29.95 -19.64 10.04
C GLY D 11 29.11 -19.61 8.81
N HIS D 12 29.79 -19.63 7.66
CA HIS D 12 29.11 -19.73 6.37
C HIS D 12 29.99 -20.48 5.37
N ILE D 13 29.35 -21.19 4.47
CA ILE D 13 29.97 -22.02 3.46
C ILE D 13 30.10 -21.29 2.11
N THR D 14 29.10 -20.52 1.69
CA THR D 14 29.23 -19.74 0.47
C THR D 14 28.99 -18.26 0.68
N PHE D 15 29.19 -17.48 -0.39
CA PHE D 15 29.00 -16.02 -0.34
C PHE D 15 27.56 -15.63 0.04
N ASP D 16 26.60 -16.51 -0.23
CA ASP D 16 25.18 -16.19 -0.13
C ASP D 16 24.63 -16.42 1.27
N TRP D 17 25.02 -15.55 2.17
CA TRP D 17 24.55 -15.64 3.55
C TRP D 17 24.19 -14.26 4.03
N CYS D 18 23.36 -14.19 5.06
CA CYS D 18 23.04 -12.88 5.63
C CYS D 18 22.88 -12.96 7.14
N GLY D 19 22.89 -11.79 7.77
CA GLY D 19 22.68 -11.68 9.19
C GLY D 19 21.48 -10.81 9.51
N PHE D 20 20.87 -11.06 10.66
CA PHE D 20 19.82 -10.18 11.21
C PHE D 20 20.26 -9.80 12.60
N GLY D 21 20.28 -8.50 12.91
CA GLY D 21 20.80 -8.06 14.22
C GLY D 21 20.25 -6.78 14.81
N ASP D 22 20.96 -6.30 15.83
CA ASP D 22 20.55 -5.15 16.61
C ASP D 22 21.76 -4.20 16.73
N SER D 23 21.82 -3.40 17.79
CA SER D 23 22.91 -2.44 17.94
C SER D 23 24.29 -3.09 17.85
N ARG D 24 24.41 -4.33 18.33
CA ARG D 24 25.69 -5.04 18.36
C ARG D 24 26.18 -5.50 16.98
N SER D 25 25.39 -5.26 15.95
CA SER D 25 25.85 -5.51 14.58
C SER D 25 25.41 -4.40 13.61
N ASP D 26 25.22 -3.19 14.15
CA ASP D 26 24.76 -1.98 13.42
C ASP D 26 25.90 -0.97 13.37
N CYS D 27 26.53 -0.87 12.19
CA CYS D 27 27.65 0.03 11.99
C CYS D 27 27.21 1.48 11.96
N THR D 28 25.90 1.75 11.85
CA THR D 28 25.43 3.12 11.94
C THR D 28 25.35 3.61 13.39
N ASN D 29 25.47 2.71 14.35
CA ASN D 29 25.53 3.08 15.76
C ASN D 29 26.66 4.10 15.93
N PRO D 30 26.38 5.23 16.61
CA PRO D 30 27.43 6.26 16.70
C PRO D 30 28.69 5.82 17.45
N GLN D 31 28.62 4.70 18.15
CA GLN D 31 29.79 4.13 18.81
C GLN D 31 30.55 3.09 18.00
N SER D 32 30.07 2.74 16.80
CA SER D 32 30.73 1.71 16.03
C SER D 32 32.17 2.15 15.76
N PRO D 33 33.14 1.22 15.78
CA PRO D 33 33.02 -0.21 15.96
C PRO D 33 33.09 -0.70 17.42
N MET D 34 33.29 0.19 18.39
CA MET D 34 33.45 -0.23 19.79
C MET D 34 32.19 -0.83 20.38
N SER D 35 31.05 -0.52 19.77
CA SER D 35 29.75 -1.07 20.16
C SER D 35 29.40 -2.40 19.44
N LEU D 36 30.26 -2.89 18.54
CA LEU D 36 30.00 -4.17 17.82
C LEU D 36 30.41 -5.43 18.58
N ASP D 37 29.64 -6.49 18.38
CA ASP D 37 30.04 -7.86 18.70
C ASP D 37 30.53 -8.65 17.46
N ILE D 38 30.34 -8.08 16.26
CA ILE D 38 30.83 -8.69 15.01
C ILE D 38 32.02 -7.95 14.42
N PRO D 39 32.79 -8.61 13.54
CA PRO D 39 33.80 -7.83 12.80
C PRO D 39 33.15 -6.72 11.96
N GLN D 40 33.70 -5.52 12.06
CA GLN D 40 33.22 -4.34 11.36
C GLN D 40 33.00 -4.60 9.87
N GLN D 41 33.95 -5.31 9.25
CA GLN D 41 33.90 -5.58 7.80
C GLN D 41 32.67 -6.36 7.39
N LEU D 42 32.04 -7.05 8.35
CA LEU D 42 30.82 -7.83 8.12
C LEU D 42 29.48 -7.10 8.33
N CYS D 43 29.53 -5.84 8.76
CA CYS D 43 28.32 -5.04 8.86
C CYS D 43 27.42 -5.05 7.60
N PRO D 44 28.03 -4.93 6.39
CA PRO D 44 27.28 -4.95 5.10
C PRO D 44 26.35 -6.17 4.91
N LYS D 45 26.70 -7.27 5.55
CA LYS D 45 25.96 -8.53 5.46
C LYS D 45 24.78 -8.61 6.39
N PHE D 46 24.68 -7.69 7.34
CA PHE D 46 23.62 -7.70 8.36
C PHE D 46 22.54 -6.67 8.06
N SER D 47 21.29 -7.05 8.34
CA SER D 47 20.16 -6.14 8.48
C SER D 47 19.91 -5.94 9.96
N SER D 48 20.33 -4.79 10.45
CA SER D 48 20.42 -4.55 11.87
C SER D 48 20.06 -3.11 12.23
N LYS D 49 19.44 -2.93 13.39
CA LYS D 49 19.14 -1.60 13.91
C LYS D 49 19.21 -1.53 15.44
N SER D 50 20.00 -0.56 15.90
CA SER D 50 20.13 -0.28 17.31
C SER D 50 18.76 -0.17 18.01
N SER D 51 18.65 -0.89 19.12
CA SER D 51 17.46 -0.88 19.98
C SER D 51 16.29 -1.67 19.47
N SER D 52 16.38 -2.24 18.27
CA SER D 52 15.25 -2.97 17.70
C SER D 52 15.39 -4.48 17.86
N SER D 53 14.29 -5.19 17.60
CA SER D 53 14.34 -6.64 17.36
C SER D 53 13.27 -7.07 16.35
N MET D 54 13.44 -8.29 15.83
CA MET D 54 12.55 -8.83 14.80
C MET D 54 11.14 -9.08 15.36
N PHE D 55 11.06 -9.51 16.63
CA PHE D 55 9.79 -9.62 17.35
C PHE D 55 9.12 -8.30 17.63
N LEU D 56 9.89 -7.36 18.18
CA LEU D 56 9.36 -6.06 18.49
C LEU D 56 8.81 -5.38 17.22
N SER D 57 9.56 -5.48 16.13
CA SER D 57 9.20 -4.75 14.93
C SER D 57 7.96 -5.36 14.24
N LEU D 58 7.72 -6.65 14.45
CA LEU D 58 6.51 -7.29 13.91
C LEU D 58 5.26 -6.69 14.56
N HIS D 59 5.29 -6.49 15.87
CA HIS D 59 4.10 -6.02 16.58
C HIS D 59 3.94 -4.52 16.69
N TRP D 60 5.04 -3.77 16.69
CA TRP D 60 4.95 -2.32 16.86
C TRP D 60 5.72 -1.56 15.79
N ASN D 61 5.14 -0.44 15.37
CA ASN D 61 5.88 0.58 14.66
C ASN D 61 6.53 1.48 15.72
N ASN D 62 7.03 2.66 15.36
CA ASN D 62 7.76 3.47 16.32
C ASN D 62 6.87 4.10 17.38
N HIS D 63 7.32 3.99 18.63
CA HIS D 63 6.80 4.80 19.73
C HIS D 63 7.93 5.18 20.67
N SER D 64 7.63 5.97 21.70
CA SER D 64 8.59 6.13 22.79
C SER D 64 8.91 4.74 23.32
N SER D 65 10.17 4.38 23.44
CA SER D 65 10.49 3.02 23.97
C SER D 65 10.20 1.85 23.02
N PHE D 66 9.78 2.11 21.78
CA PHE D 66 9.69 1.07 20.73
C PHE D 66 10.38 1.53 19.45
N VAL D 67 11.58 1.02 19.20
CA VAL D 67 12.33 1.34 18.00
C VAL D 67 12.10 0.22 17.00
N SER D 68 11.36 0.55 15.95
CA SER D 68 10.85 -0.43 14.99
C SER D 68 11.65 -0.28 13.72
N TYR D 69 12.07 -1.42 13.15
CA TYR D 69 12.92 -1.47 11.99
C TYR D 69 12.32 -2.46 11.00
N ASP D 70 12.28 -2.09 9.74
CA ASP D 70 11.72 -3.02 8.78
C ASP D 70 12.89 -3.85 8.20
N TYR D 71 13.22 -4.87 8.99
CA TYR D 71 14.25 -5.84 8.66
C TYR D 71 14.05 -6.37 7.25
N PHE D 72 15.17 -6.62 6.58
CA PHE D 72 15.16 -7.16 5.24
C PHE D 72 16.52 -7.70 4.90
N ASN D 73 16.60 -9.00 4.64
CA ASN D 73 17.79 -9.54 4.07
C ASN D 73 17.49 -10.84 3.36
N CYS D 74 18.47 -11.26 2.54
CA CYS D 74 18.38 -12.46 1.72
C CYS D 74 19.69 -13.23 1.84
N GLY D 75 19.57 -14.53 2.08
CA GLY D 75 20.71 -15.43 2.09
C GLY D 75 20.25 -16.87 2.27
N VAL D 76 20.85 -17.77 1.51
CA VAL D 76 20.65 -19.19 1.74
C VAL D 76 20.99 -19.58 3.19
N GLU D 77 22.07 -19.03 3.71
CA GLU D 77 22.49 -19.31 5.07
C GLU D 77 22.21 -18.04 5.86
N LYS D 78 21.79 -18.20 7.11
CA LYS D 78 21.29 -17.07 7.89
C LYS D 78 21.77 -17.12 9.34
N VAL D 79 22.29 -15.99 9.81
CA VAL D 79 22.77 -15.85 11.20
C VAL D 79 21.91 -14.80 11.89
N PHE D 80 21.22 -15.20 12.96
CA PHE D 80 20.43 -14.27 13.79
C PHE D 80 21.17 -13.93 15.07
N TYR D 81 21.29 -12.62 15.34
CA TYR D 81 21.84 -12.14 16.61
C TYR D 81 21.07 -10.91 17.08
N GLU D 82 19.84 -11.16 17.49
CA GLU D 82 19.01 -10.15 18.13
C GLU D 82 18.00 -10.86 19.01
N GLY D 83 17.14 -10.10 19.69
CA GLY D 83 16.21 -10.66 20.65
C GLY D 83 16.16 -9.86 21.94
N VAL D 84 17.34 -9.43 22.40
CA VAL D 84 17.48 -8.81 23.73
C VAL D 84 16.58 -7.57 23.92
N ASN D 85 16.35 -6.81 22.85
CA ASN D 85 15.58 -5.57 22.99
C ASN D 85 14.08 -5.77 23.23
N PHE D 86 13.61 -7.01 23.24
CA PHE D 86 12.34 -7.31 23.88
C PHE D 86 12.59 -8.43 24.89
N SER D 87 12.84 -8.02 26.13
CA SER D 87 13.13 -8.95 27.20
C SER D 87 12.40 -8.48 28.47
N PRO D 88 12.51 -9.26 29.57
CA PRO D 88 11.82 -8.90 30.81
C PRO D 88 12.23 -7.55 31.41
N ARG D 89 13.46 -7.09 31.11
CA ARG D 89 13.89 -5.73 31.51
C ARG D 89 12.88 -4.68 31.07
N LYS D 90 12.24 -4.94 29.92
CA LYS D 90 11.26 -4.00 29.37
C LYS D 90 10.01 -3.88 30.26
N GLN D 91 9.75 -4.93 31.05
CA GLN D 91 8.55 -5.05 31.89
C GLN D 91 7.23 -4.85 31.10
N TYR D 92 7.17 -5.29 29.85
CA TYR D 92 6.00 -5.05 29.04
C TYR D 92 4.90 -6.07 29.28
N SER D 93 3.68 -5.58 29.44
CA SER D 93 2.49 -6.36 29.21
C SER D 93 1.32 -5.45 28.85
N CYS D 94 0.25 -6.05 28.33
CA CYS D 94 -0.85 -5.29 27.77
C CYS D 94 -2.16 -5.61 28.52
N TRP D 95 -2.59 -6.86 28.49
CA TRP D 95 -3.71 -7.28 29.37
C TRP D 95 -3.18 -8.03 30.60
N ASP D 96 -3.83 -9.11 31.05
CA ASP D 96 -3.43 -9.74 32.33
C ASP D 96 -2.40 -10.87 32.18
N GLU D 97 -1.88 -11.05 30.98
CA GLU D 97 -0.91 -12.10 30.66
C GLU D 97 0.46 -11.96 31.33
N GLY D 98 0.77 -10.76 31.81
CA GLY D 98 2.04 -10.49 32.48
C GLY D 98 3.24 -10.44 31.57
N VAL D 99 4.39 -10.08 32.15
CA VAL D 99 5.66 -10.07 31.44
C VAL D 99 5.96 -11.45 30.84
N ASP D 100 5.64 -12.49 31.61
CA ASP D 100 5.89 -13.86 31.20
C ASP D 100 5.11 -14.24 29.96
N GLY D 101 3.87 -13.75 29.87
CA GLY D 101 3.06 -13.99 28.70
C GLY D 101 3.75 -13.50 27.45
N TRP D 102 4.40 -12.34 27.53
CA TRP D 102 5.06 -11.82 26.35
C TRP D 102 6.38 -12.54 26.03
N ILE D 103 6.99 -13.14 27.03
CA ILE D 103 8.16 -13.94 26.76
C ILE D 103 7.75 -15.24 26.04
N GLU D 104 6.59 -15.79 26.43
CA GLU D 104 5.96 -16.90 25.70
C GLU D 104 5.66 -16.48 24.26
N LEU D 105 5.05 -15.32 24.06
CA LEU D 105 4.77 -14.87 22.68
C LEU D 105 6.06 -14.70 21.88
N LYS D 106 7.08 -14.14 22.54
CA LYS D 106 8.41 -13.99 21.92
C LYS D 106 8.91 -15.35 21.43
N THR D 107 8.82 -16.36 22.29
CA THR D 107 9.30 -17.68 21.94
C THR D 107 8.57 -18.29 20.76
N ARG D 108 7.24 -18.12 20.74
CA ARG D 108 6.39 -18.64 19.66
C ARG D 108 6.75 -17.99 18.34
N PHE D 109 6.98 -16.68 18.38
CA PHE D 109 7.31 -15.95 17.17
C PHE D 109 8.61 -16.47 16.56
N TYR D 110 9.67 -16.48 17.36
CA TYR D 110 10.98 -16.90 16.88
C TYR D 110 11.01 -18.37 16.40
N THR D 111 10.31 -19.24 17.12
CA THR D 111 10.11 -20.63 16.70
C THR D 111 9.58 -20.70 15.26
N LYS D 112 8.52 -19.96 15.01
CA LYS D 112 7.92 -19.89 13.67
C LYS D 112 8.81 -19.19 12.66
N LEU D 113 9.43 -18.07 13.06
CA LEU D 113 10.33 -17.36 12.14
C LEU D 113 11.44 -18.29 11.64
N TYR D 114 12.07 -19.00 12.58
CA TYR D 114 13.22 -19.83 12.22
C TYR D 114 12.80 -20.96 11.29
N GLN D 115 11.66 -21.57 11.61
CA GLN D 115 11.07 -22.67 10.83
C GLN D 115 10.85 -22.24 9.41
N MET D 116 10.14 -21.13 9.24
CA MET D 116 9.83 -20.63 7.90
C MET D 116 11.08 -20.15 7.13
N ALA D 117 12.08 -19.68 7.86
CA ALA D 117 13.30 -19.15 7.27
C ALA D 117 14.13 -20.25 6.57
N THR D 118 14.04 -21.49 7.05
CA THR D 118 14.84 -22.60 6.50
C THR D 118 14.51 -22.95 5.04
N THR D 119 13.33 -22.58 4.55
CA THR D 119 12.94 -22.85 3.16
C THR D 119 12.78 -21.56 2.37
N SER D 120 13.36 -20.48 2.89
CA SER D 120 13.23 -19.16 2.30
C SER D 120 14.63 -18.63 2.08
N ARG D 121 14.80 -17.79 1.06
CA ARG D 121 16.03 -17.04 0.89
C ARG D 121 15.90 -15.64 1.49
N CYS D 122 14.85 -14.93 1.05
CA CYS D 122 14.63 -13.56 1.46
C CYS D 122 13.61 -13.54 2.56
N ILE D 123 13.84 -12.65 3.53
CA ILE D 123 12.86 -12.30 4.54
C ILE D 123 12.75 -10.78 4.63
N LYS D 124 11.53 -10.24 4.55
CA LYS D 124 11.33 -8.80 4.52
C LYS D 124 10.12 -8.42 5.35
N LEU D 125 10.32 -7.53 6.33
CA LEU D 125 9.20 -7.03 7.12
C LEU D 125 8.55 -5.95 6.28
N ILE D 126 7.26 -6.11 5.98
CA ILE D 126 6.54 -5.17 5.14
C ILE D 126 5.34 -4.61 5.87
N GLN D 127 4.95 -3.41 5.50
CA GLN D 127 3.73 -2.76 5.96
C GLN D 127 2.64 -3.13 4.99
N LEU D 128 1.56 -3.72 5.49
CA LEU D 128 0.46 -4.15 4.64
C LEU D 128 -0.41 -2.95 4.28
N GLN D 129 -1.11 -3.05 3.17
CA GLN D 129 -2.11 -2.01 2.83
C GLN D 129 -3.26 -2.12 3.84
N ALA D 130 -3.86 -1.00 4.21
CA ALA D 130 -5.05 -1.03 5.08
C ALA D 130 -6.24 -1.56 4.28
N PRO D 131 -7.17 -2.26 4.95
CA PRO D 131 -8.39 -2.68 4.27
C PRO D 131 -9.08 -1.48 3.60
N SER D 132 -9.56 -1.69 2.38
CA SER D 132 -10.03 -0.60 1.53
C SER D 132 -11.32 0.00 2.04
N SER D 133 -12.11 -0.82 2.73
CA SER D 133 -13.30 -0.33 3.35
C SER D 133 -13.07 -0.60 4.84
N LEU D 134 -13.25 0.44 5.65
CA LEU D 134 -13.16 0.31 7.10
C LEU D 134 -14.29 1.14 7.71
N PRO D 135 -15.17 0.49 8.46
CA PRO D 135 -16.14 1.27 9.22
C PRO D 135 -15.44 2.12 10.29
N THR D 136 -16.20 2.98 10.94
CA THR D 136 -15.76 3.69 12.14
C THR D 136 -15.16 2.69 13.15
N LEU D 137 -13.98 3.02 13.65
CA LEU D 137 -13.22 2.15 14.58
C LEU D 137 -12.59 2.98 15.71
N GLN D 138 -12.83 2.54 16.94
CA GLN D 138 -12.12 3.06 18.11
C GLN D 138 -10.93 2.12 18.36
N ALA D 139 -9.74 2.68 18.47
CA ALA D 139 -8.55 1.90 18.81
C ALA D 139 -8.74 1.20 20.17
N GLY D 140 -8.34 -0.07 20.23
CA GLY D 140 -8.27 -0.82 21.46
C GLY D 140 -7.16 -0.28 22.36
N VAL D 141 -7.10 -0.78 23.60
CA VAL D 141 -6.10 -0.34 24.56
C VAL D 141 -5.60 -1.52 25.37
N CYS D 142 -4.48 -1.29 26.04
CA CYS D 142 -3.98 -2.22 27.04
C CYS D 142 -4.58 -1.89 28.40
N ARG D 143 -5.01 -2.89 29.15
CA ARG D 143 -5.43 -2.64 30.53
C ARG D 143 -4.27 -1.97 31.31
N THR D 144 -3.04 -2.37 31.01
CA THR D 144 -1.85 -1.79 31.67
C THR D 144 -1.55 -0.34 31.27
N ASN D 145 -2.26 0.16 30.26
CA ASN D 145 -2.03 1.49 29.67
C ASN D 145 -0.70 1.61 28.91
N LYS D 146 -0.01 0.48 28.72
CA LYS D 146 1.18 0.43 27.88
C LYS D 146 0.78 0.37 26.40
N GLN D 147 1.74 0.50 25.52
CA GLN D 147 1.39 0.71 24.10
C GLN D 147 0.83 -0.56 23.47
N LEU D 148 -0.42 -0.48 23.01
CA LEU D 148 -1.01 -1.58 22.21
C LEU D 148 -0.16 -1.88 20.96
N PRO D 149 0.07 -3.18 20.65
CA PRO D 149 0.58 -3.55 19.35
C PRO D 149 -0.18 -2.89 18.20
N ASP D 150 0.58 -2.45 17.19
CA ASP D 150 0.03 -1.88 15.95
C ASP D 150 -0.32 -3.01 14.99
N ASN D 151 0.31 -4.17 15.18
CA ASN D 151 0.08 -5.36 14.38
C ASN D 151 -0.05 -6.58 15.29
N PRO D 152 -1.17 -7.33 15.18
CA PRO D 152 -2.32 -7.00 14.32
C PRO D 152 -3.10 -5.88 14.94
N ARG D 153 -3.85 -5.14 14.13
CA ARG D 153 -4.72 -4.10 14.70
C ARG D 153 -5.81 -4.74 15.56
N LEU D 154 -6.01 -4.19 16.75
CA LEU D 154 -7.22 -4.50 17.55
C LEU D 154 -8.01 -3.22 17.70
N ALA D 155 -9.23 -3.22 17.16
CA ALA D 155 -10.06 -2.01 17.23
C ALA D 155 -11.50 -2.40 17.52
N LEU D 156 -12.31 -1.41 17.84
CA LEU D 156 -13.69 -1.63 18.26
C LEU D 156 -14.65 -0.93 17.33
N LEU D 157 -15.54 -1.72 16.73
CA LEU D 157 -16.61 -1.23 15.88
C LEU D 157 -17.70 -0.58 16.72
N SER D 158 -18.55 0.22 16.08
CA SER D 158 -19.61 0.97 16.81
C SER D 158 -20.87 0.14 17.08
N ASP D 159 -20.95 -1.04 16.48
CA ASP D 159 -22.09 -1.95 16.69
C ASP D 159 -21.59 -3.34 17.13
N THR D 160 -22.49 -4.31 17.21
CA THR D 160 -22.11 -5.64 17.65
C THR D 160 -22.51 -6.69 16.61
N VAL D 161 -22.71 -6.23 15.38
CA VAL D 161 -23.16 -7.07 14.26
C VAL D 161 -21.96 -7.79 13.61
N PRO D 162 -22.15 -9.03 13.12
CA PRO D 162 -21.03 -9.69 12.43
C PRO D 162 -20.59 -8.91 11.20
N THR D 163 -19.28 -8.84 11.00
CA THR D 163 -18.67 -7.92 10.07
C THR D 163 -17.42 -8.58 9.48
N SER D 164 -17.04 -8.18 8.28
CA SER D 164 -15.75 -8.56 7.70
C SER D 164 -15.12 -7.39 6.95
N VAL D 165 -13.80 -7.33 7.01
CA VAL D 165 -13.00 -6.44 6.17
C VAL D 165 -11.99 -7.31 5.44
N GLN D 166 -11.56 -6.88 4.27
CA GLN D 166 -10.64 -7.67 3.46
C GLN D 166 -9.23 -7.10 3.64
N PHE D 167 -8.28 -7.98 3.95
CA PHE D 167 -6.86 -7.64 3.87
C PHE D 167 -6.15 -8.42 2.77
N VAL D 168 -5.09 -7.83 2.27
CA VAL D 168 -4.31 -8.38 1.18
C VAL D 168 -2.91 -8.69 1.67
N LEU D 169 -2.50 -9.93 1.48
CA LEU D 169 -1.11 -10.31 1.65
C LEU D 169 -0.49 -10.36 0.24
N PRO D 170 0.42 -9.43 -0.05
CA PRO D 170 0.82 -9.29 -1.44
C PRO D 170 1.68 -10.45 -1.93
N GLY D 171 1.67 -10.67 -3.24
CA GLY D 171 2.52 -11.67 -3.86
C GLY D 171 3.97 -11.24 -4.00
N SER D 172 4.22 -9.95 -3.82
CA SER D 172 5.57 -9.44 -3.87
C SER D 172 5.66 -8.09 -3.17
N SER D 173 6.90 -7.69 -2.89
CA SER D 173 7.17 -6.39 -2.31
C SER D 173 8.49 -5.92 -2.90
N GLY D 174 8.40 -4.89 -3.74
CA GLY D 174 9.53 -4.46 -4.56
C GLY D 174 10.01 -5.62 -5.42
N THR D 175 11.30 -5.92 -5.33
CA THR D 175 11.88 -7.01 -6.08
C THR D 175 11.78 -8.36 -5.36
N THR D 176 11.27 -8.37 -4.13
CA THR D 176 11.20 -9.60 -3.34
C THR D 176 9.89 -10.31 -3.63
N ILE D 177 9.96 -11.61 -3.87
CA ILE D 177 8.76 -12.40 -4.10
C ILE D 177 8.29 -12.88 -2.75
N CYS D 178 7.00 -12.77 -2.48
CA CYS D 178 6.41 -13.23 -1.22
C CYS D 178 5.61 -14.49 -1.54
N THR D 179 6.20 -15.66 -1.35
CA THR D 179 5.50 -16.93 -1.57
C THR D 179 4.76 -17.36 -0.32
N LYS D 180 5.06 -16.68 0.80
CA LYS D 180 4.41 -16.96 2.05
C LYS D 180 4.63 -15.78 2.98
N HIS D 181 3.79 -15.69 4.00
CA HIS D 181 3.83 -14.63 4.98
C HIS D 181 3.82 -15.20 6.38
N LEU D 182 4.61 -14.62 7.27
CA LEU D 182 4.44 -14.86 8.71
C LEU D 182 3.56 -13.73 9.23
N VAL D 183 2.41 -14.08 9.78
CA VAL D 183 1.37 -13.10 10.12
C VAL D 183 0.84 -13.40 11.52
N PRO D 184 0.79 -12.39 12.41
CA PRO D 184 0.25 -12.64 13.75
C PRO D 184 -1.30 -12.62 13.80
N PHE D 185 -1.85 -13.53 14.58
CA PHE D 185 -3.29 -13.62 14.86
C PHE D 185 -3.41 -13.55 16.39
N CYS D 186 -4.10 -12.52 16.91
CA CYS D 186 -4.16 -12.29 18.34
C CYS D 186 -5.58 -12.02 18.78
N TYR D 187 -5.82 -12.21 20.07
CA TYR D 187 -7.15 -12.04 20.63
C TYR D 187 -7.07 -11.88 22.15
N LEU D 188 -8.17 -11.42 22.74
CA LEU D 188 -8.28 -11.34 24.19
C LEU D 188 -9.12 -12.51 24.67
N ASN D 189 -8.50 -13.38 25.46
CA ASN D 189 -9.07 -14.66 25.84
C ASN D 189 -9.83 -14.58 27.17
N HIS D 190 -10.26 -15.74 27.66
CA HIS D 190 -10.99 -15.89 28.93
C HIS D 190 -12.35 -15.20 28.94
N GLY D 191 -13.27 -15.76 28.15
CA GLY D 191 -14.69 -15.39 28.17
C GLY D 191 -15.06 -14.14 27.38
N CYS D 192 -16.34 -13.79 27.48
CA CYS D 192 -16.86 -12.57 26.88
C CYS D 192 -16.19 -11.34 27.49
N PHE D 193 -16.27 -10.23 26.77
CA PHE D 193 -15.58 -9.01 27.13
C PHE D 193 -16.60 -7.88 27.28
N THR D 194 -16.58 -7.21 28.42
CA THR D 194 -17.52 -6.11 28.70
C THR D 194 -17.08 -4.80 28.04
N THR D 195 -18.01 -4.20 27.29
CA THR D 195 -17.79 -2.92 26.66
C THR D 195 -19.16 -2.37 26.23
N GLY D 196 -19.48 -1.15 26.66
CA GLY D 196 -20.81 -0.56 26.42
C GLY D 196 -21.98 -1.43 26.84
N GLY D 197 -22.14 -1.63 28.15
CA GLY D 197 -23.07 -2.62 28.69
C GLY D 197 -22.30 -3.59 29.59
N SER D 198 -22.46 -4.92 29.51
CA SER D 198 -22.89 -5.78 28.37
C SER D 198 -21.66 -6.61 28.00
N CYS D 199 -21.69 -7.90 28.31
CA CYS D 199 -20.57 -8.82 28.08
C CYS D 199 -20.68 -9.48 26.70
N LEU D 200 -19.88 -9.00 25.74
CA LEU D 200 -19.95 -9.44 24.35
C LEU D 200 -18.99 -10.60 24.02
N PRO D 201 -19.45 -11.57 23.21
CA PRO D 201 -18.52 -12.61 22.80
C PRO D 201 -17.33 -12.02 22.06
N PHE D 202 -16.16 -12.61 22.30
CA PHE D 202 -14.96 -12.25 21.60
C PHE D 202 -14.74 -13.35 20.58
N GLY D 203 -15.05 -13.07 19.32
CA GLY D 203 -14.86 -14.03 18.25
C GLY D 203 -14.31 -13.34 17.03
N VAL D 204 -13.09 -13.72 16.63
CA VAL D 204 -12.45 -13.18 15.44
C VAL D 204 -11.77 -14.30 14.63
N SER D 205 -11.51 -14.02 13.37
CA SER D 205 -11.02 -15.03 12.45
C SER D 205 -10.38 -14.44 11.20
N TYR D 206 -9.41 -15.17 10.65
CA TYR D 206 -8.89 -14.89 9.32
C TYR D 206 -9.38 -16.01 8.40
N VAL D 207 -10.02 -15.65 7.29
CA VAL D 207 -10.68 -16.65 6.43
C VAL D 207 -10.48 -16.35 4.92
N SER D 208 -10.37 -17.41 4.13
CA SER D 208 -10.59 -17.31 2.69
C SER D 208 -11.14 -18.67 2.21
N ASP D 209 -11.20 -18.84 0.90
CA ASP D 209 -11.58 -20.13 0.27
C ASP D 209 -10.62 -21.25 0.67
N SER D 210 -9.39 -20.85 0.97
CA SER D 210 -8.28 -21.77 1.14
C SER D 210 -7.74 -21.80 2.58
N PHE D 211 -8.39 -21.12 3.53
CA PHE D 211 -7.78 -20.88 4.84
C PHE D 211 -8.80 -20.56 5.93
N TYR D 212 -8.58 -21.12 7.10
CA TYR D 212 -9.32 -20.72 8.31
C TYR D 212 -8.43 -20.75 9.54
N TYR D 213 -8.46 -19.67 10.31
CA TYR D 213 -7.90 -19.67 11.66
C TYR D 213 -8.74 -18.73 12.50
N GLY D 214 -9.24 -19.21 13.64
CA GLY D 214 -10.16 -18.40 14.43
C GLY D 214 -10.08 -18.69 15.92
N TYR D 215 -10.76 -17.82 16.67
CA TYR D 215 -10.96 -17.94 18.11
C TYR D 215 -12.37 -17.44 18.44
N TYR D 216 -13.02 -18.10 19.39
CA TYR D 216 -14.35 -17.69 19.80
C TYR D 216 -14.59 -18.06 21.25
N ASP D 217 -15.06 -17.10 22.04
CA ASP D 217 -15.43 -17.37 23.42
C ASP D 217 -16.54 -16.42 23.87
N ALA D 218 -17.68 -16.99 24.24
CA ALA D 218 -18.78 -16.23 24.84
C ALA D 218 -19.03 -16.59 26.32
N THR D 219 -18.15 -17.40 26.93
CA THR D 219 -18.35 -17.86 28.30
C THR D 219 -18.50 -16.69 29.27
N PRO D 220 -19.61 -16.64 30.04
CA PRO D 220 -19.76 -15.56 31.02
C PRO D 220 -18.69 -15.64 32.12
N GLN D 221 -18.49 -14.54 32.83
CA GLN D 221 -17.46 -14.48 33.89
C GLN D 221 -18.04 -14.90 35.26
N ILE D 222 -17.32 -15.76 36.00
CA ILE D 222 -17.82 -16.27 37.31
C ILE D 222 -18.18 -15.15 38.30
N GLY D 223 -17.17 -14.48 38.86
CA GLY D 223 -17.42 -13.35 39.77
C GLY D 223 -17.62 -12.03 39.05
N SER D 224 -17.81 -10.96 39.83
CA SER D 224 -17.84 -9.58 39.30
C SER D 224 -16.49 -9.08 38.74
N THR D 225 -15.41 -9.81 39.04
CA THR D 225 -14.10 -9.61 38.41
C THR D 225 -14.06 -10.23 36.99
N GLU D 226 -13.22 -9.67 36.12
CA GLU D 226 -13.06 -10.14 34.74
C GLU D 226 -11.61 -10.01 34.26
N SER D 227 -11.05 -11.13 33.82
CA SER D 227 -9.62 -11.21 33.48
C SER D 227 -9.46 -11.66 32.02
N HIS D 228 -8.63 -10.98 31.24
CA HIS D 228 -8.28 -11.41 29.88
C HIS D 228 -6.78 -11.36 29.66
N ASP D 229 -6.26 -12.28 28.83
CA ASP D 229 -4.89 -12.25 28.34
C ASP D 229 -4.85 -11.90 26.84
N TYR D 230 -3.88 -11.09 26.46
CA TYR D 230 -3.58 -10.82 25.05
C TYR D 230 -2.69 -11.95 24.56
N VAL D 231 -3.22 -12.77 23.65
CA VAL D 231 -2.57 -14.00 23.17
C VAL D 231 -2.39 -13.96 21.66
N CYS D 232 -1.28 -14.49 21.17
CA CYS D 232 -1.00 -14.52 19.73
C CYS D 232 -0.51 -15.88 19.28
N ASP D 233 -0.90 -16.24 18.06
CA ASP D 233 -0.32 -17.35 17.31
C ASP D 233 0.32 -16.75 16.07
N TYR D 234 1.46 -17.29 15.63
CA TYR D 234 2.15 -16.78 14.45
C TYR D 234 1.95 -17.73 13.28
N LEU D 235 1.23 -17.24 12.28
CA LEU D 235 0.70 -18.10 11.21
C LEU D 235 1.48 -18.01 9.92
N PHE D 236 1.55 -19.15 9.23
CA PHE D 236 2.04 -19.25 7.87
C PHE D 236 0.80 -19.06 7.01
N MET D 237 0.86 -18.09 6.11
CA MET D 237 -0.26 -17.78 5.23
C MET D 237 0.26 -17.46 3.86
N GLU D 238 -0.42 -17.98 2.85
CA GLU D 238 -0.05 -17.72 1.45
C GLU D 238 -0.49 -16.34 0.99
N PRO D 239 0.19 -15.79 -0.02
CA PRO D 239 -0.25 -14.54 -0.60
C PRO D 239 -1.70 -14.63 -1.08
N GLY D 240 -2.43 -13.52 -1.00
CA GLY D 240 -3.81 -13.44 -1.48
C GLY D 240 -4.68 -12.54 -0.63
N THR D 241 -5.99 -12.53 -0.94
CA THR D 241 -6.95 -11.71 -0.21
C THR D 241 -7.70 -12.54 0.82
N TYR D 242 -7.89 -11.97 2.01
CA TYR D 242 -8.54 -12.65 3.11
C TYR D 242 -9.59 -11.77 3.76
N ASN D 243 -10.52 -12.42 4.46
CA ASN D 243 -11.45 -11.72 5.35
C ASN D 243 -10.92 -11.73 6.75
N ALA D 244 -10.90 -10.55 7.37
CA ALA D 244 -10.75 -10.44 8.80
C ALA D 244 -12.17 -10.29 9.29
N SER D 245 -12.69 -11.36 9.87
CA SER D 245 -14.10 -11.44 10.28
C SER D 245 -14.22 -11.40 11.77
N THR D 246 -15.37 -10.93 12.23
CA THR D 246 -15.71 -10.89 13.64
C THR D 246 -17.19 -11.21 13.78
N VAL D 247 -17.54 -11.83 14.91
CA VAL D 247 -18.93 -12.05 15.29
C VAL D 247 -19.61 -10.74 15.75
N GLY D 248 -18.77 -9.75 16.09
CA GLY D 248 -19.26 -8.42 16.41
C GLY D 248 -18.34 -7.68 17.36
N LYS D 249 -18.35 -6.35 17.25
CA LYS D 249 -17.63 -5.40 18.12
C LYS D 249 -16.13 -5.38 17.89
N PHE D 250 -15.47 -6.50 18.13
CA PHE D 250 -14.03 -6.54 18.15
C PHE D 250 -13.53 -6.89 16.76
N LEU D 251 -12.56 -6.14 16.26
CA LEU D 251 -11.99 -6.41 14.95
C LEU D 251 -10.46 -6.55 15.03
N VAL D 252 -9.96 -7.67 14.51
CA VAL D 252 -8.52 -7.95 14.48
C VAL D 252 -8.10 -8.19 13.04
N TYR D 253 -7.13 -7.43 12.55
CA TYR D 253 -6.52 -7.69 11.24
C TYR D 253 -5.07 -7.27 11.24
N PRO D 254 -4.22 -7.98 10.45
CA PRO D 254 -2.79 -7.74 10.39
C PRO D 254 -2.46 -6.46 9.62
N THR D 255 -1.46 -5.74 10.11
CA THR D 255 -0.98 -4.52 9.46
C THR D 255 0.48 -4.63 9.02
N LYS D 256 1.16 -5.71 9.45
CA LYS D 256 2.53 -6.02 8.98
C LYS D 256 2.68 -7.52 8.82
N SER D 257 3.59 -7.95 7.98
CA SER D 257 3.97 -9.36 7.92
C SER D 257 5.43 -9.51 7.52
N TYR D 258 5.99 -10.68 7.77
CA TYR D 258 7.27 -11.05 7.15
C TYR D 258 7.03 -11.75 5.83
N CYS D 259 7.36 -11.04 4.75
CA CYS D 259 7.33 -11.59 3.40
C CYS D 259 8.55 -12.47 3.18
N MET D 260 8.34 -13.72 2.76
CA MET D 260 9.46 -14.62 2.45
C MET D 260 9.26 -15.23 1.08
N ASP D 261 10.36 -15.47 0.39
CA ASP D 261 10.31 -16.23 -0.85
C ASP D 261 10.61 -17.72 -0.56
N THR D 262 10.80 -18.51 -1.60
CA THR D 262 11.05 -19.93 -1.45
C THR D 262 12.36 -20.28 -2.16
N MET D 263 13.19 -21.07 -1.48
CA MET D 263 14.37 -21.66 -2.10
C MET D 263 14.18 -23.16 -2.12
N ASN D 264 14.78 -23.83 -3.09
CA ASN D 264 14.49 -25.24 -3.31
C ASN D 264 15.48 -26.15 -2.58
N ILE D 265 16.05 -25.62 -1.48
CA ILE D 265 16.82 -26.37 -0.48
C ILE D 265 16.33 -25.97 0.92
N THR D 266 16.55 -26.84 1.90
CA THR D 266 16.20 -26.53 3.28
C THR D 266 17.49 -26.47 4.07
N VAL D 267 17.78 -25.29 4.61
CA VAL D 267 19.03 -25.05 5.33
C VAL D 267 18.68 -24.49 6.71
N PRO D 268 19.13 -25.16 7.79
CA PRO D 268 18.89 -24.62 9.12
C PRO D 268 19.52 -23.24 9.30
N VAL D 269 18.87 -22.41 10.11
CA VAL D 269 19.38 -21.09 10.42
C VAL D 269 20.27 -21.22 11.67
N GLN D 270 20.99 -20.15 11.98
CA GLN D 270 21.90 -20.13 13.11
C GLN D 270 21.46 -18.97 13.94
N ALA D 271 21.37 -19.16 15.25
CA ALA D 271 21.05 -18.08 16.18
C ALA D 271 22.08 -18.02 17.34
N VAL D 272 22.51 -16.81 17.67
CA VAL D 272 23.44 -16.59 18.78
C VAL D 272 22.67 -15.98 19.94
N GLN D 273 22.94 -16.47 21.15
CA GLN D 273 22.31 -16.01 22.38
C GLN D 273 22.39 -14.49 22.51
N SER D 274 21.24 -13.82 22.69
CA SER D 274 21.11 -12.36 22.72
C SER D 274 20.58 -11.94 24.09
N ILE D 275 21.47 -11.48 24.97
CA ILE D 275 21.09 -11.16 26.36
C ILE D 275 21.70 -9.82 26.83
N TRP D 276 21.22 -9.38 28.00
CA TRP D 276 21.78 -8.21 28.69
C TRP D 276 22.87 -8.63 29.67
N SER D 277 23.65 -7.64 30.11
CA SER D 277 24.55 -7.83 31.25
C SER D 277 23.77 -8.28 32.49
N GLU D 278 24.52 -8.80 33.45
CA GLU D 278 23.96 -9.58 34.57
C GLU D 278 22.92 -8.87 35.40
N GLN D 279 22.99 -7.54 35.44
CA GLN D 279 22.12 -6.78 36.32
C GLN D 279 20.74 -6.49 35.75
N TYR D 280 20.51 -6.78 34.46
CA TYR D 280 19.18 -6.63 33.88
C TYR D 280 18.57 -8.00 33.61
N ALA D 281 17.23 -8.04 33.53
CA ALA D 281 16.50 -9.28 33.36
C ALA D 281 16.50 -9.69 31.88
N SER D 282 17.12 -10.84 31.59
CA SER D 282 17.06 -11.42 30.23
C SER D 282 16.06 -12.57 30.23
N ASP D 283 15.87 -13.19 29.06
CA ASP D 283 15.09 -14.42 28.95
C ASP D 283 15.81 -15.44 28.11
N ASP D 284 15.23 -16.63 27.99
CA ASP D 284 15.79 -17.69 27.13
C ASP D 284 14.91 -18.02 25.91
N ALA D 285 14.16 -17.04 25.42
CA ALA D 285 13.22 -17.26 24.36
C ALA D 285 13.97 -17.70 23.12
N ILE D 286 15.10 -17.05 22.84
CA ILE D 286 15.88 -17.39 21.64
C ILE D 286 16.34 -18.84 21.67
N GLY D 287 16.94 -19.24 22.79
CA GLY D 287 17.38 -20.62 23.01
C GLY D 287 16.25 -21.63 22.97
N GLN D 288 15.09 -21.23 23.51
CA GLN D 288 13.93 -22.11 23.48
C GLN D 288 13.38 -22.26 22.03
N ALA D 289 13.49 -21.20 21.23
CA ALA D 289 12.96 -21.17 19.86
C ALA D 289 13.88 -21.86 18.86
N CYS D 290 15.18 -21.74 19.09
CA CYS D 290 16.19 -22.24 18.17
C CYS D 290 16.47 -23.73 18.46
N LYS D 291 15.65 -24.60 17.87
CA LYS D 291 15.67 -26.03 18.08
C LYS D 291 16.01 -26.75 16.78
N ALA D 292 16.67 -27.89 16.93
CA ALA D 292 16.71 -28.88 15.84
C ALA D 292 15.28 -29.24 15.44
N PRO D 293 15.06 -29.50 14.15
CA PRO D 293 16.04 -29.57 13.06
C PRO D 293 16.21 -28.26 12.29
N TYR D 294 15.56 -27.20 12.74
CA TYR D 294 15.47 -25.98 11.92
C TYR D 294 16.44 -24.85 12.29
N CYS D 295 17.01 -24.91 13.50
CA CYS D 295 17.92 -23.86 13.96
C CYS D 295 19.09 -24.41 14.78
N ILE D 296 20.27 -23.80 14.57
CA ILE D 296 21.48 -24.17 15.27
C ILE D 296 21.77 -23.08 16.28
N PHE D 297 21.63 -23.41 17.56
CA PHE D 297 21.80 -22.41 18.63
C PHE D 297 23.22 -22.40 19.20
N TYR D 298 23.83 -21.22 19.19
CA TYR D 298 25.14 -20.96 19.80
C TYR D 298 24.93 -20.16 21.08
N ASN D 299 24.90 -20.87 22.19
CA ASN D 299 24.72 -20.22 23.46
C ASN D 299 26.02 -19.61 24.00
N LYS D 300 25.85 -18.71 24.97
CA LYS D 300 26.97 -18.11 25.68
C LYS D 300 27.20 -18.96 26.91
N THR D 301 28.45 -19.23 27.22
CA THR D 301 28.78 -19.87 28.49
C THR D 301 29.15 -18.84 29.57
N THR D 302 29.54 -17.63 29.15
CA THR D 302 29.87 -16.55 30.06
C THR D 302 28.72 -15.52 30.11
N PRO D 303 28.71 -14.64 31.13
CA PRO D 303 27.75 -13.55 31.11
C PRO D 303 28.11 -12.56 30.00
N TYR D 304 27.23 -11.61 29.73
CA TYR D 304 27.56 -10.52 28.80
C TYR D 304 28.61 -9.64 29.48
N THR D 305 29.83 -9.67 28.94
CA THR D 305 31.03 -9.18 29.63
C THR D 305 31.85 -8.35 28.69
N VAL D 306 31.94 -7.06 28.98
CA VAL D 306 32.63 -6.13 28.11
C VAL D 306 33.90 -5.72 28.82
N THR D 307 35.04 -5.90 28.16
CA THR D 307 36.29 -5.35 28.65
C THR D 307 36.80 -4.20 27.77
N ASN D 308 36.34 -4.14 26.52
CA ASN D 308 36.78 -3.11 25.59
C ASN D 308 35.63 -2.71 24.65
N GLY D 309 34.55 -2.19 25.24
CA GLY D 309 33.37 -1.79 24.50
C GLY D 309 32.78 -0.46 24.93
N SER D 310 31.74 -0.01 24.23
CA SER D 310 31.22 1.35 24.41
C SER D 310 30.39 1.51 25.69
N ASP D 311 29.80 0.42 26.15
CA ASP D 311 29.20 0.36 27.49
C ASP D 311 29.14 -1.10 27.94
N ALA D 312 28.53 -1.36 29.09
CA ALA D 312 28.50 -2.72 29.66
C ALA D 312 27.67 -3.73 28.85
N ASN D 313 26.87 -3.21 27.92
CA ASN D 313 26.02 -4.02 27.08
C ASN D 313 26.40 -4.00 25.58
N HIS D 314 27.59 -3.51 25.26
CA HIS D 314 28.09 -3.56 23.89
C HIS D 314 29.59 -3.90 23.85
N GLY D 315 29.89 -5.08 23.31
CA GLY D 315 31.27 -5.57 23.13
C GLY D 315 31.58 -6.77 23.98
N ASP D 316 30.72 -7.80 23.93
CA ASP D 316 30.94 -9.02 24.72
C ASP D 316 32.14 -9.76 24.16
N ASP D 317 33.07 -10.16 25.03
CA ASP D 317 34.28 -10.83 24.57
C ASP D 317 33.97 -12.18 23.97
N GLU D 318 33.11 -12.97 24.62
CA GLU D 318 32.77 -14.31 24.12
C GLU D 318 32.10 -14.25 22.73
N VAL D 319 31.05 -13.44 22.58
CA VAL D 319 30.35 -13.36 21.30
C VAL D 319 31.29 -12.83 20.21
N ARG D 320 32.16 -11.88 20.56
CA ARG D 320 33.16 -11.40 19.61
C ARG D 320 34.06 -12.52 19.09
N MET D 321 34.48 -13.41 19.97
CA MET D 321 35.30 -14.55 19.60
C MET D 321 34.48 -15.46 18.68
N MET D 322 33.22 -15.70 19.05
CA MET D 322 32.34 -16.55 18.28
C MET D 322 32.15 -16.01 16.84
N MET D 323 31.94 -14.71 16.72
CA MET D 323 31.67 -14.07 15.43
C MET D 323 32.88 -14.03 14.50
N GLN D 324 34.07 -14.31 15.02
CA GLN D 324 35.25 -14.51 14.18
C GLN D 324 35.06 -15.70 13.23
N GLY D 325 34.21 -16.64 13.63
CA GLY D 325 33.85 -17.79 12.80
C GLY D 325 33.33 -17.42 11.42
N LEU D 326 32.65 -16.28 11.33
CA LEU D 326 32.11 -15.78 10.06
C LEU D 326 33.19 -15.31 9.07
N LEU D 327 34.45 -15.21 9.51
CA LEU D 327 35.57 -14.91 8.62
C LEU D 327 36.31 -16.19 8.15
N ARG D 328 35.87 -17.35 8.63
CA ARG D 328 36.59 -18.59 8.37
C ARG D 328 36.20 -19.26 7.05
N ASN D 329 37.17 -19.98 6.49
CA ASN D 329 37.01 -20.97 5.44
C ASN D 329 36.25 -22.15 6.03
N SER D 330 35.01 -22.34 5.58
CA SER D 330 34.11 -23.37 6.11
C SER D 330 33.38 -24.16 5.02
N SER D 331 33.28 -25.48 5.23
CA SER D 331 32.45 -26.37 4.40
C SER D 331 31.38 -27.11 5.21
N CYS D 332 31.41 -26.95 6.54
CA CYS D 332 30.51 -27.67 7.44
C CYS D 332 30.11 -26.73 8.56
N ILE D 333 28.81 -26.68 8.86
CA ILE D 333 28.23 -25.81 9.91
C ILE D 333 27.46 -26.68 10.87
N SER D 334 27.71 -26.54 12.17
CA SER D 334 27.14 -27.41 13.20
C SER D 334 27.04 -26.67 14.53
N PRO D 335 26.42 -27.28 15.56
CA PRO D 335 26.39 -26.61 16.86
C PRO D 335 27.74 -26.57 17.60
N GLN D 336 28.69 -27.42 17.20
CA GLN D 336 30.06 -27.37 17.71
C GLN D 336 30.81 -26.22 17.03
N GLY D 337 30.27 -25.73 15.92
CA GLY D 337 30.89 -24.65 15.16
C GLY D 337 31.19 -25.10 13.74
N SER D 338 32.15 -24.43 13.11
CA SER D 338 32.45 -24.63 11.69
C SER D 338 33.80 -25.33 11.45
N THR D 339 33.88 -26.07 10.35
CA THR D 339 35.14 -26.65 9.88
C THR D 339 35.30 -26.41 8.39
N PRO D 340 36.55 -26.32 7.91
CA PRO D 340 36.78 -26.40 6.47
C PRO D 340 36.60 -27.84 5.96
N LEU D 341 36.79 -28.06 4.66
CA LEU D 341 36.63 -29.38 4.08
C LEU D 341 37.77 -30.26 4.59
N ALA D 342 37.42 -31.42 5.15
CA ALA D 342 38.41 -32.35 5.66
C ALA D 342 37.77 -33.72 5.91
N LEU D 343 38.62 -34.73 6.02
CA LEU D 343 38.19 -36.10 6.30
C LEU D 343 37.75 -36.32 7.74
N TYR D 344 38.54 -35.86 8.72
CA TYR D 344 38.36 -36.24 10.11
C TYR D 344 38.24 -35.02 11.00
N SER D 345 37.34 -35.10 11.98
CA SER D 345 37.18 -34.06 12.98
C SER D 345 37.78 -34.54 14.29
N THR D 346 38.38 -33.63 15.05
CA THR D 346 38.93 -34.01 16.36
C THR D 346 37.84 -34.12 17.43
N GLU D 347 36.61 -33.75 17.10
CA GLU D 347 35.50 -33.95 18.02
C GLU D 347 34.19 -34.28 17.31
N MET D 348 33.29 -34.91 18.07
CA MET D 348 31.96 -35.26 17.57
C MET D 348 31.21 -34.01 17.11
N ILE D 349 30.56 -34.14 15.96
CA ILE D 349 29.76 -33.06 15.37
C ILE D 349 28.30 -33.53 15.45
N TYR D 350 27.44 -32.74 16.08
CA TYR D 350 26.05 -33.13 16.29
C TYR D 350 25.08 -32.38 15.37
N GLU D 351 23.78 -32.58 15.57
CA GLU D 351 22.75 -32.03 14.68
C GLU D 351 22.07 -30.83 15.32
N PRO D 352 21.52 -29.92 14.51
CA PRO D 352 21.56 -29.92 13.04
C PRO D 352 22.89 -29.47 12.47
N ASN D 353 23.28 -30.08 11.36
CA ASN D 353 24.45 -29.64 10.63
C ASN D 353 24.16 -29.68 9.12
N TYR D 354 24.89 -28.85 8.36
CA TYR D 354 24.80 -28.84 6.89
C TYR D 354 26.17 -28.61 6.25
N GLY D 355 26.25 -28.79 4.93
CA GLY D 355 27.52 -28.78 4.23
C GLY D 355 28.06 -30.18 4.07
N SER D 356 29.37 -30.31 3.84
CA SER D 356 30.02 -31.60 3.84
C SER D 356 30.90 -31.66 5.09
N CYS D 357 30.57 -32.55 6.02
CA CYS D 357 31.19 -32.56 7.35
C CYS D 357 32.19 -33.68 7.52
N PRO D 358 33.28 -33.38 8.23
CA PRO D 358 34.26 -34.38 8.61
C PRO D 358 33.63 -35.40 9.53
N GLN D 359 34.20 -36.60 9.55
CA GLN D 359 33.71 -37.65 10.42
C GLN D 359 34.66 -37.77 11.61
N PHE D 360 34.11 -38.19 12.75
CA PHE D 360 34.86 -38.32 13.99
C PHE D 360 36.06 -39.25 13.86
N TYR D 361 37.25 -38.71 14.13
CA TYR D 361 38.49 -39.46 13.87
C TYR D 361 38.57 -40.83 14.57
N LYS D 362 38.01 -40.97 15.77
CA LYS D 362 38.17 -42.24 16.50
C LYS D 362 37.49 -43.40 15.81
N LEU D 363 36.42 -43.11 15.05
CA LEU D 363 35.67 -44.15 14.32
C LEU D 363 36.53 -44.91 13.30
N PHE D 364 37.59 -44.26 12.85
CA PHE D 364 38.47 -44.82 11.83
C PHE D 364 39.81 -45.34 12.37
N ASP D 365 39.96 -45.44 13.70
CA ASP D 365 41.21 -45.93 14.31
C ASP D 365 41.32 -47.45 14.11
N THR D 366 42.48 -47.89 13.64
CA THR D 366 42.71 -49.28 13.28
C THR D 366 43.71 -49.94 14.21
N SER D 367 43.97 -49.30 15.35
CA SER D 367 45.05 -49.76 16.24
C SER D 367 44.68 -50.92 17.14
N GLY D 368 43.38 -51.09 17.36
CA GLY D 368 42.85 -52.06 18.32
C GLY D 368 42.62 -51.42 19.68
N ASN D 369 43.08 -50.19 19.87
CA ASN D 369 42.95 -49.54 21.16
C ASN D 369 41.54 -48.99 21.40
N GLU D 370 40.86 -48.56 20.34
CA GLU D 370 39.60 -47.79 20.45
C GLU D 370 38.34 -48.66 20.30
#